data_6VPU
#
_entry.id   6VPU
#
_cell.length_a   107.758
_cell.length_b   76.637
_cell.length_c   143.876
_cell.angle_alpha   90.000
_cell.angle_beta   102.890
_cell.angle_gamma   90.000
#
_symmetry.space_group_name_H-M   'P 1 21 1'
#
loop_
_entity.id
_entity.type
_entity.pdbx_description
1 polymer 'Phosphoadenosine phosphosulfate reductase'
2 non-polymer 'TETRAETHYLENE GLYCOL'
3 non-polymer DI(HYDROXYETHYL)ETHER
4 non-polymer 'HEXAETHYLENE GLYCOL'
5 water water
#
_entity_poly.entity_id   1
_entity_poly.type   'polypeptide(L)'
_entity_poly.pdbx_seq_one_letter_code
;SNAMLDSVASTLQLSELLSLTKAEQSIRLAEINVELEMLSAQERVAWALQNLEGAHAVSSSFGIQAAVMLHLVSKQQADI
PVILTDTGYLFPETYQFIDELTKSLNLNLKVYRANESANWQEARYGKLWEQGIEGIEKYNKLNKVEPMRRALNELNVKTW
FSGLRREQSQSRAGLPILSIQNGVFKFLPVVDWSNKDVHYYLKEHGLSYHPLWEQGYLSVGDTHTTQKWEPGMSEEETRF
FGLKRECGLHEEDNEQDGSGI
;
_entity_poly.pdbx_strand_id   A,B,C,D,E,F,G,H
#
# COMPACT_ATOMS: atom_id res chain seq x y z
N SER A 10 -21.99 -15.48 -0.86
CA SER A 10 -21.67 -15.21 -2.29
C SER A 10 -20.26 -14.62 -2.42
N THR A 11 -20.15 -13.28 -2.30
CA THR A 11 -18.86 -12.54 -2.38
C THR A 11 -18.69 -11.68 -1.12
N LEU A 12 -17.53 -11.77 -0.46
CA LEU A 12 -17.27 -11.00 0.79
C LEU A 12 -17.16 -9.50 0.45
N GLN A 13 -17.92 -8.68 1.19
CA GLN A 13 -18.02 -7.21 0.97
C GLN A 13 -16.95 -6.44 1.77
N LEU A 14 -16.14 -5.69 1.04
CA LEU A 14 -15.02 -4.86 1.53
C LEU A 14 -15.52 -3.71 2.41
N SER A 15 -16.65 -3.09 2.04
CA SER A 15 -17.22 -1.91 2.76
C SER A 15 -17.47 -2.20 4.24
N GLU A 16 -17.91 -3.42 4.58
CA GLU A 16 -18.19 -3.77 6.00
C GLU A 16 -16.86 -3.81 6.77
N LEU A 17 -15.83 -4.43 6.18
CA LEU A 17 -14.49 -4.55 6.83
C LEU A 17 -13.79 -3.19 6.94
N LEU A 18 -14.05 -2.28 5.99
CA LEU A 18 -13.38 -0.95 6.04
C LEU A 18 -13.92 -0.12 7.22
N SER A 19 -15.09 -0.47 7.75
CA SER A 19 -15.66 0.29 8.90
C SER A 19 -15.15 -0.31 10.22
N LEU A 20 -14.29 -1.33 10.15
CA LEU A 20 -13.74 -1.99 11.36
C LEU A 20 -12.32 -1.50 11.62
N THR A 21 -11.85 -1.64 12.87
CA THR A 21 -10.46 -1.31 13.22
C THR A 21 -9.56 -2.42 12.66
N LYS A 22 -8.24 -2.21 12.65
CA LYS A 22 -7.28 -3.22 12.15
C LYS A 22 -7.42 -4.50 12.99
N ALA A 23 -7.54 -4.33 14.32
CA ALA A 23 -7.69 -5.48 15.25
C ALA A 23 -8.96 -6.27 14.90
N GLU A 24 -10.10 -5.57 14.74
CA GLU A 24 -11.39 -6.22 14.39
C GLU A 24 -11.28 -6.94 13.03
N GLN A 25 -10.52 -6.38 12.09
CA GLN A 25 -10.34 -7.00 10.76
C GLN A 25 -9.62 -8.34 10.92
N SER A 26 -8.57 -8.36 11.75
CA SER A 26 -7.77 -9.59 12.01
C SER A 26 -8.68 -10.68 12.61
N ILE A 27 -9.56 -10.30 13.54
CA ILE A 27 -10.51 -11.27 14.19
C ILE A 27 -11.48 -11.79 13.13
N ARG A 28 -12.10 -10.88 12.37
CA ARG A 28 -13.09 -11.24 11.32
C ARG A 28 -12.45 -12.18 10.27
N LEU A 29 -11.17 -12.00 9.95
CA LEU A 29 -10.52 -12.81 8.88
C LEU A 29 -9.68 -13.97 9.46
N ALA A 30 -9.72 -14.16 10.79
CA ALA A 30 -8.91 -15.20 11.47
C ALA A 30 -9.19 -16.62 10.96
N GLU A 31 -10.46 -17.04 10.97
N GLU A 31 -10.47 -16.97 10.85
CA GLU A 31 -10.81 -18.44 10.56
CA GLU A 31 -10.86 -18.34 10.43
C GLU A 31 -10.43 -18.69 9.10
C GLU A 31 -10.57 -18.55 8.94
N ILE A 32 -10.88 -17.80 8.20
N ILE A 32 -10.91 -17.58 8.06
CA ILE A 32 -10.60 -17.88 6.73
CA ILE A 32 -10.64 -17.81 6.62
C ILE A 32 -9.09 -18.03 6.52
C ILE A 32 -9.12 -17.89 6.39
N ASN A 33 -8.29 -17.20 7.18
CA ASN A 33 -6.82 -17.27 7.03
C ASN A 33 -6.33 -18.69 7.40
N VAL A 34 -6.87 -19.29 8.47
CA VAL A 34 -6.40 -20.67 8.82
C VAL A 34 -6.81 -21.62 7.70
N GLU A 35 -8.01 -21.44 7.15
CA GLU A 35 -8.53 -22.32 6.07
C GLU A 35 -7.67 -22.16 4.81
N LEU A 36 -7.35 -20.91 4.44
CA LEU A 36 -6.52 -20.64 3.23
C LEU A 36 -5.12 -21.25 3.35
N GLU A 37 -4.53 -21.21 4.56
N GLU A 37 -4.55 -21.22 4.57
CA GLU A 37 -3.17 -21.78 4.80
CA GLU A 37 -3.17 -21.75 4.84
C GLU A 37 -3.14 -23.24 4.36
C GLU A 37 -3.11 -23.24 4.47
N MET A 38 -4.24 -23.98 4.59
CA MET A 38 -4.30 -25.43 4.23
C MET A 38 -4.44 -25.65 2.72
N LEU A 39 -4.76 -24.61 1.95
CA LEU A 39 -4.96 -24.75 0.48
C LEU A 39 -3.64 -24.49 -0.26
N SER A 40 -3.57 -24.93 -1.51
CA SER A 40 -2.40 -24.66 -2.38
C SER A 40 -2.49 -23.22 -2.89
N ALA A 41 -1.40 -22.69 -3.42
CA ALA A 41 -1.43 -21.33 -4.02
C ALA A 41 -2.53 -21.31 -5.11
N GLN A 42 -2.66 -22.38 -5.90
CA GLN A 42 -3.68 -22.37 -6.98
C GLN A 42 -5.09 -22.29 -6.39
N GLU A 43 -5.36 -23.07 -5.33
CA GLU A 43 -6.69 -23.05 -4.67
C GLU A 43 -6.93 -21.70 -3.99
N ARG A 44 -5.89 -21.08 -3.46
CA ARG A 44 -6.03 -19.76 -2.80
C ARG A 44 -6.45 -18.70 -3.84
N VAL A 45 -5.77 -18.66 -4.98
CA VAL A 45 -6.12 -17.68 -6.05
C VAL A 45 -7.55 -17.96 -6.50
N ALA A 46 -7.89 -19.23 -6.75
CA ALA A 46 -9.27 -19.59 -7.16
C ALA A 46 -10.26 -19.06 -6.12
N TRP A 47 -9.99 -19.30 -4.84
CA TRP A 47 -10.88 -18.83 -3.75
C TRP A 47 -11.04 -17.30 -3.83
N ALA A 48 -9.93 -16.57 -4.04
CA ALA A 48 -9.98 -15.09 -4.09
C ALA A 48 -10.82 -14.63 -5.28
N LEU A 49 -10.63 -15.25 -6.44
CA LEU A 49 -11.39 -14.81 -7.66
C LEU A 49 -12.90 -15.06 -7.47
N GLN A 50 -13.27 -16.11 -6.73
CA GLN A 50 -14.69 -16.48 -6.52
CA GLN A 50 -14.69 -16.49 -6.53
C GLN A 50 -15.32 -15.76 -5.33
N ASN A 51 -14.54 -15.47 -4.28
CA ASN A 51 -15.15 -14.93 -3.03
C ASN A 51 -14.83 -13.49 -2.67
N LEU A 52 -13.83 -12.87 -3.29
CA LEU A 52 -13.51 -11.48 -2.91
C LEU A 52 -14.01 -10.56 -4.02
N GLU A 53 -14.51 -9.39 -3.63
CA GLU A 53 -15.08 -8.39 -4.56
C GLU A 53 -14.04 -7.93 -5.60
N GLY A 54 -14.50 -7.71 -6.84
CA GLY A 54 -13.65 -7.22 -7.93
C GLY A 54 -13.60 -5.69 -7.97
N ALA A 55 -12.76 -5.14 -8.84
CA ALA A 55 -11.94 -5.89 -9.77
C ALA A 55 -10.72 -6.48 -9.08
N HIS A 56 -10.18 -7.53 -9.69
CA HIS A 56 -8.96 -8.22 -9.24
C HIS A 56 -7.79 -7.73 -10.09
N ALA A 57 -6.64 -7.53 -9.47
CA ALA A 57 -5.43 -7.13 -10.23
C ALA A 57 -4.19 -7.70 -9.53
N VAL A 58 -3.14 -7.95 -10.31
CA VAL A 58 -1.84 -8.38 -9.72
C VAL A 58 -0.83 -7.28 -10.03
N SER A 59 0.01 -6.93 -9.07
CA SER A 59 1.07 -5.94 -9.37
C SER A 59 2.38 -6.72 -9.49
N SER A 60 3.29 -6.21 -10.29
CA SER A 60 4.62 -6.85 -10.45
C SER A 60 5.68 -5.80 -10.76
N SER A 61 6.85 -5.94 -10.14
CA SER A 61 8.03 -5.09 -10.47
C SER A 61 8.87 -5.82 -11.53
N PHE A 62 8.45 -7.02 -11.94
CA PHE A 62 9.18 -7.82 -12.96
C PHE A 62 10.62 -8.04 -12.51
N GLY A 63 10.79 -8.33 -11.23
CA GLY A 63 12.09 -8.65 -10.62
C GLY A 63 12.49 -10.11 -10.82
N ILE A 64 13.46 -10.55 -10.03
CA ILE A 64 14.06 -11.92 -10.19
C ILE A 64 13.00 -13.03 -10.32
N GLN A 65 12.06 -13.12 -9.39
CA GLN A 65 11.12 -14.27 -9.36
C GLN A 65 9.72 -13.87 -9.83
N ALA A 66 9.61 -12.83 -10.65
CA ALA A 66 8.28 -12.29 -11.04
C ALA A 66 7.42 -13.30 -11.84
N ALA A 67 8.05 -14.18 -12.62
CA ALA A 67 7.26 -15.11 -13.48
C ALA A 67 6.33 -16.02 -12.67
N VAL A 68 6.66 -16.27 -11.39
CA VAL A 68 5.80 -17.19 -10.57
C VAL A 68 4.40 -16.58 -10.42
N MET A 69 4.29 -15.39 -9.82
CA MET A 69 2.95 -14.76 -9.62
C MET A 69 2.25 -14.52 -10.96
N LEU A 70 2.98 -14.05 -11.96
CA LEU A 70 2.33 -13.75 -13.26
C LEU A 70 1.74 -15.02 -13.87
N HIS A 71 2.48 -16.12 -13.85
CA HIS A 71 1.97 -17.40 -14.42
C HIS A 71 0.81 -17.91 -13.55
N LEU A 72 1.02 -17.95 -12.22
CA LEU A 72 0.00 -18.48 -11.27
C LEU A 72 -1.36 -17.81 -11.49
N VAL A 73 -1.39 -16.48 -11.48
CA VAL A 73 -2.69 -15.76 -11.56
C VAL A 73 -3.23 -15.71 -13.00
N SER A 74 -2.38 -15.45 -14.00
CA SER A 74 -2.90 -15.36 -15.40
C SER A 74 -3.46 -16.72 -15.85
N LYS A 75 -2.96 -17.84 -15.30
CA LYS A 75 -3.51 -19.16 -15.73
C LYS A 75 -4.94 -19.32 -15.19
N GLN A 76 -5.34 -18.55 -14.18
CA GLN A 76 -6.73 -18.66 -13.63
C GLN A 76 -7.61 -17.53 -14.17
N GLN A 77 -7.03 -16.37 -14.49
CA GLN A 77 -7.80 -15.25 -15.11
C GLN A 77 -6.89 -14.66 -16.19
N ALA A 78 -7.06 -15.13 -17.43
CA ALA A 78 -6.19 -14.75 -18.56
C ALA A 78 -6.08 -13.23 -18.74
N ASP A 79 -7.17 -12.49 -18.55
CA ASP A 79 -7.14 -11.02 -18.82
C ASP A 79 -6.97 -10.24 -17.51
N ILE A 80 -6.47 -10.87 -16.46
CA ILE A 80 -6.32 -10.07 -15.21
C ILE A 80 -5.35 -8.92 -15.46
N PRO A 81 -5.71 -7.69 -15.02
CA PRO A 81 -4.83 -6.56 -15.12
C PRO A 81 -3.51 -6.76 -14.35
N VAL A 82 -2.39 -6.52 -15.01
CA VAL A 82 -1.04 -6.61 -14.40
C VAL A 82 -0.53 -5.17 -14.27
N ILE A 83 -0.46 -4.67 -13.03
CA ILE A 83 -0.08 -3.26 -12.78
C ILE A 83 1.46 -3.15 -12.73
N LEU A 84 2.01 -2.34 -13.63
CA LEU A 84 3.46 -2.04 -13.60
C LEU A 84 3.62 -0.54 -13.38
N THR A 85 4.39 -0.16 -12.35
CA THR A 85 4.72 1.27 -12.15
C THR A 85 6.11 1.44 -12.75
N ASP A 86 6.21 2.12 -13.89
CA ASP A 86 7.52 2.34 -14.55
C ASP A 86 8.14 3.60 -13.93
N THR A 87 9.19 3.42 -13.13
CA THR A 87 9.91 4.55 -12.51
C THR A 87 10.63 5.37 -13.58
N GLY A 88 10.85 4.77 -14.76
CA GLY A 88 11.65 5.37 -15.86
C GLY A 88 13.12 5.00 -15.72
N TYR A 89 13.48 4.25 -14.67
CA TYR A 89 14.90 3.91 -14.43
C TYR A 89 15.10 2.39 -14.21
N LEU A 90 14.20 1.55 -14.71
CA LEU A 90 14.40 0.09 -14.51
C LEU A 90 15.60 -0.36 -15.36
N PHE A 91 16.24 -1.47 -14.99
CA PHE A 91 17.36 -1.95 -15.83
C PHE A 91 16.86 -2.26 -17.24
N PRO A 92 17.73 -2.10 -18.27
CA PRO A 92 17.37 -2.47 -19.63
C PRO A 92 16.87 -3.92 -19.66
N GLU A 93 17.51 -4.80 -18.87
CA GLU A 93 17.16 -6.24 -18.83
C GLU A 93 15.76 -6.42 -18.22
N THR A 94 15.33 -5.47 -17.37
CA THR A 94 13.97 -5.55 -16.77
C THR A 94 12.95 -5.19 -17.84
N TYR A 95 13.22 -4.12 -18.60
CA TYR A 95 12.30 -3.75 -19.71
C TYR A 95 12.20 -4.91 -20.71
N GLN A 96 13.33 -5.57 -21.01
CA GLN A 96 13.33 -6.72 -21.95
C GLN A 96 12.50 -7.87 -21.33
N PHE A 97 12.64 -8.09 -20.02
CA PHE A 97 11.89 -9.18 -19.31
C PHE A 97 10.38 -8.86 -19.32
N ILE A 98 10.01 -7.59 -19.08
CA ILE A 98 8.58 -7.15 -19.13
C ILE A 98 8.02 -7.51 -20.53
N ASP A 99 8.75 -7.13 -21.59
CA ASP A 99 8.29 -7.43 -22.97
C ASP A 99 8.20 -8.95 -23.19
N GLU A 100 9.19 -9.71 -22.70
CA GLU A 100 9.23 -11.18 -22.92
C GLU A 100 8.03 -11.85 -22.24
N LEU A 101 7.80 -11.54 -20.96
CA LEU A 101 6.69 -12.18 -20.21
C LEU A 101 5.34 -11.68 -20.72
N THR A 102 5.23 -10.39 -21.08
CA THR A 102 3.93 -9.89 -21.61
C THR A 102 3.54 -10.73 -22.83
N LYS A 103 4.51 -11.04 -23.69
CA LYS A 103 4.24 -11.86 -24.89
C LYS A 103 4.06 -13.34 -24.53
N SER A 104 4.97 -13.92 -23.74
CA SER A 104 4.91 -15.39 -23.48
C SER A 104 3.69 -15.77 -22.63
N LEU A 105 3.29 -14.93 -21.68
CA LEU A 105 2.11 -15.23 -20.82
C LEU A 105 0.87 -14.48 -21.33
N ASN A 106 0.98 -13.71 -22.42
CA ASN A 106 -0.18 -12.96 -22.97
C ASN A 106 -0.80 -12.13 -21.84
N LEU A 107 0.00 -11.25 -21.23
CA LEU A 107 -0.45 -10.46 -20.06
C LEU A 107 -1.23 -9.21 -20.47
N ASN A 108 -2.21 -8.84 -19.64
CA ASN A 108 -2.98 -7.59 -19.78
C ASN A 108 -2.18 -6.53 -19.00
N LEU A 109 -1.11 -6.02 -19.60
CA LEU A 109 -0.18 -5.09 -18.90
C LEU A 109 -0.76 -3.67 -18.84
N LYS A 110 -0.85 -3.13 -17.63
CA LYS A 110 -1.35 -1.75 -17.38
C LYS A 110 -0.17 -0.94 -16.82
N VAL A 111 0.34 0.01 -17.60
CA VAL A 111 1.55 0.77 -17.17
C VAL A 111 1.15 2.12 -16.58
N TYR A 112 1.69 2.44 -15.41
CA TYR A 112 1.48 3.71 -14.67
C TYR A 112 2.84 4.34 -14.37
N ARG A 113 2.87 5.68 -14.39
CA ARG A 113 4.13 6.43 -14.14
C ARG A 113 3.77 7.87 -13.79
N ALA A 114 4.77 8.64 -13.37
CA ALA A 114 4.59 10.07 -13.03
C ALA A 114 4.15 10.83 -14.28
N ASN A 115 3.55 12.02 -14.07
CA ASN A 115 3.10 12.89 -15.18
C ASN A 115 4.34 13.46 -15.88
N GLU A 116 5.45 13.52 -15.17
CA GLU A 116 6.73 14.07 -15.69
C GLU A 116 7.69 12.90 -15.94
N SER A 117 8.34 12.91 -17.10
CA SER A 117 9.34 11.89 -17.49
C SER A 117 10.60 12.02 -16.61
N ALA A 118 11.46 11.00 -16.68
CA ALA A 118 12.77 11.00 -15.96
C ALA A 118 13.55 12.29 -16.27
N ASN A 119 13.68 12.65 -17.56
CA ASN A 119 14.47 13.86 -17.91
C ASN A 119 13.80 15.14 -17.38
N TRP A 120 12.47 15.21 -17.42
CA TRP A 120 11.71 16.37 -16.85
C TRP A 120 12.00 16.46 -15.33
N GLN A 121 11.89 15.33 -14.61
CA GLN A 121 12.18 15.28 -13.14
C GLN A 121 13.61 15.75 -12.86
N GLU A 122 14.59 15.28 -13.62
CA GLU A 122 16.00 15.72 -13.40
C GLU A 122 16.14 17.22 -13.73
N ALA A 123 15.44 17.71 -14.77
CA ALA A 123 15.52 19.16 -15.10
C ALA A 123 14.92 20.00 -13.96
N ARG A 124 13.86 19.50 -13.32
CA ARG A 124 13.17 20.25 -12.26
C ARG A 124 13.86 20.12 -10.89
N TYR A 125 14.33 18.92 -10.54
CA TYR A 125 14.80 18.65 -9.15
C TYR A 125 16.26 18.22 -9.05
N GLY A 126 16.90 17.91 -10.17
CA GLY A 126 18.24 17.30 -10.11
C GLY A 126 18.04 15.81 -9.88
N LYS A 127 19.02 15.10 -9.35
CA LYS A 127 18.89 13.62 -9.14
C LYS A 127 18.40 13.41 -7.71
N LEU A 128 17.09 13.20 -7.54
CA LEU A 128 16.45 13.07 -6.20
C LEU A 128 17.11 11.98 -5.35
N TRP A 129 17.53 10.87 -5.96
CA TRP A 129 18.14 9.74 -5.17
C TRP A 129 19.48 10.16 -4.56
N GLU A 130 20.06 11.27 -5.02
CA GLU A 130 21.37 11.75 -4.47
C GLU A 130 21.13 12.87 -3.44
N GLN A 131 19.87 13.12 -3.06
CA GLN A 131 19.61 14.30 -2.18
C GLN A 131 19.04 13.89 -0.81
N GLY A 132 19.57 12.80 -0.24
CA GLY A 132 19.24 12.35 1.12
C GLY A 132 17.81 11.87 1.32
N ILE A 133 17.39 11.85 2.59
CA ILE A 133 16.05 11.35 3.03
C ILE A 133 14.92 12.04 2.26
N GLU A 134 14.92 13.37 2.20
CA GLU A 134 13.83 14.11 1.51
C GLU A 134 13.82 13.77 0.01
N GLY A 135 15.00 13.69 -0.63
CA GLY A 135 15.09 13.34 -2.07
C GLY A 135 14.52 11.96 -2.36
N ILE A 136 14.97 10.95 -1.62
CA ILE A 136 14.48 9.53 -1.78
C ILE A 136 12.98 9.48 -1.51
N GLU A 137 12.51 10.18 -0.48
CA GLU A 137 11.05 10.16 -0.16
C GLU A 137 10.26 10.76 -1.34
N LYS A 138 10.66 11.94 -1.82
CA LYS A 138 9.94 12.57 -2.96
C LYS A 138 10.00 11.64 -4.19
N TYR A 139 11.17 11.06 -4.47
CA TYR A 139 11.33 10.15 -5.64
C TYR A 139 10.34 8.99 -5.52
N ASN A 140 10.30 8.35 -4.35
CA ASN A 140 9.39 7.18 -4.12
C ASN A 140 7.92 7.60 -4.30
N LYS A 141 7.52 8.76 -3.75
CA LYS A 141 6.11 9.22 -3.85
C LYS A 141 5.75 9.47 -5.32
N LEU A 142 6.63 10.17 -6.02
CA LEU A 142 6.43 10.54 -7.44
C LEU A 142 6.45 9.33 -8.39
N ASN A 143 7.36 8.37 -8.18
CA ASN A 143 7.55 7.28 -9.19
C ASN A 143 7.05 5.90 -8.73
N LYS A 144 6.62 5.74 -7.47
CA LYS A 144 6.15 4.40 -7.02
C LYS A 144 4.77 4.50 -6.35
N VAL A 145 4.65 5.30 -5.30
CA VAL A 145 3.40 5.40 -4.49
C VAL A 145 2.24 6.02 -5.27
N GLU A 146 2.40 7.22 -5.80
CA GLU A 146 1.24 7.88 -6.47
C GLU A 146 0.80 7.08 -7.69
N PRO A 147 1.70 6.58 -8.57
CA PRO A 147 1.27 5.80 -9.72
C PRO A 147 0.48 4.52 -9.33
N MET A 148 0.89 3.87 -8.24
CA MET A 148 0.20 2.64 -7.78
C MET A 148 -1.18 3.03 -7.22
N ARG A 149 -1.24 4.09 -6.41
CA ARG A 149 -2.54 4.54 -5.84
C ARG A 149 -3.50 4.88 -7.01
N ARG A 150 -3.00 5.53 -8.05
CA ARG A 150 -3.85 5.94 -9.21
C ARG A 150 -4.28 4.69 -9.99
N ALA A 151 -3.37 3.74 -10.16
CA ALA A 151 -3.71 2.49 -10.87
C ALA A 151 -4.85 1.74 -10.15
N LEU A 152 -4.78 1.61 -8.83
CA LEU A 152 -5.83 0.89 -8.07
C LEU A 152 -7.18 1.62 -8.25
N ASN A 153 -7.13 2.96 -8.25
N ASN A 153 -7.14 2.95 -8.23
CA ASN A 153 -8.36 3.78 -8.38
CA ASN A 153 -8.38 3.77 -8.38
C ASN A 153 -8.95 3.62 -9.78
C ASN A 153 -8.96 3.63 -9.79
N GLU A 154 -8.14 3.84 -10.82
CA GLU A 154 -8.61 3.82 -12.23
C GLU A 154 -9.02 2.40 -12.67
N LEU A 155 -8.38 1.37 -12.12
CA LEU A 155 -8.75 -0.01 -12.54
C LEU A 155 -9.83 -0.58 -11.60
N ASN A 156 -10.36 0.24 -10.66
CA ASN A 156 -11.49 -0.16 -9.79
C ASN A 156 -11.14 -1.42 -8.98
N VAL A 157 -9.89 -1.51 -8.54
CA VAL A 157 -9.39 -2.73 -7.84
C VAL A 157 -9.91 -2.78 -6.39
N LYS A 158 -10.45 -3.95 -6.01
CA LYS A 158 -10.90 -4.22 -4.61
C LYS A 158 -10.07 -5.41 -4.09
N THR A 159 -9.48 -6.21 -4.98
CA THR A 159 -8.63 -7.35 -4.56
C THR A 159 -7.27 -7.23 -5.26
N TRP A 160 -6.23 -7.12 -4.45
CA TRP A 160 -4.85 -6.90 -4.94
C TRP A 160 -3.98 -8.11 -4.63
N PHE A 161 -3.55 -8.80 -5.69
CA PHE A 161 -2.66 -9.97 -5.57
C PHE A 161 -1.21 -9.49 -5.56
N SER A 162 -0.41 -10.00 -4.63
CA SER A 162 1.04 -9.67 -4.56
C SER A 162 1.85 -10.93 -4.23
N GLY A 163 3.10 -10.99 -4.73
CA GLY A 163 3.99 -12.15 -4.53
C GLY A 163 4.85 -12.06 -3.28
N LEU A 164 4.48 -11.22 -2.30
CA LEU A 164 5.25 -11.13 -1.03
C LEU A 164 5.33 -12.51 -0.37
N ARG A 165 6.48 -12.82 0.24
CA ARG A 165 6.69 -14.11 0.93
C ARG A 165 7.31 -13.85 2.33
N ARG A 166 6.86 -14.62 3.32
CA ARG A 166 7.35 -14.51 4.72
C ARG A 166 8.87 -14.70 4.77
N GLU A 167 9.40 -15.59 3.94
CA GLU A 167 10.86 -15.92 3.90
C GLU A 167 11.71 -14.74 3.39
N GLN A 168 11.08 -13.68 2.84
CA GLN A 168 11.88 -12.56 2.26
C GLN A 168 12.56 -11.74 3.37
N SER A 169 11.95 -11.61 4.54
CA SER A 169 12.60 -10.83 5.64
C SER A 169 11.91 -11.08 6.98
N GLN A 170 12.60 -10.74 8.07
CA GLN A 170 12.08 -10.86 9.46
C GLN A 170 10.80 -10.04 9.57
N SER A 171 10.76 -8.88 8.90
CA SER A 171 9.60 -7.96 8.95
C SER A 171 8.35 -8.59 8.32
N ARG A 172 8.51 -9.57 7.43
CA ARG A 172 7.38 -10.22 6.70
C ARG A 172 7.06 -11.61 7.27
N ALA A 173 7.79 -12.04 8.30
CA ALA A 173 7.63 -13.39 8.91
C ALA A 173 6.18 -13.73 9.25
N GLY A 174 5.36 -12.75 9.65
CA GLY A 174 3.97 -13.04 10.06
C GLY A 174 2.90 -12.60 9.05
N LEU A 175 3.28 -12.27 7.82
CA LEU A 175 2.27 -11.81 6.82
C LEU A 175 1.13 -12.82 6.70
N PRO A 176 -0.14 -12.37 6.77
CA PRO A 176 -1.27 -13.25 6.53
C PRO A 176 -1.57 -13.37 5.03
N ILE A 177 -2.24 -14.45 4.62
CA ILE A 177 -2.61 -14.59 3.18
C ILE A 177 -3.62 -13.48 2.81
N LEU A 178 -4.54 -13.19 3.72
CA LEU A 178 -5.62 -12.21 3.45
C LEU A 178 -5.68 -11.16 4.55
N SER A 179 -5.63 -9.89 4.14
CA SER A 179 -5.72 -8.73 5.06
C SER A 179 -6.22 -7.54 4.25
N ILE A 180 -6.43 -6.41 4.91
CA ILE A 180 -6.89 -5.15 4.24
C ILE A 180 -5.73 -4.17 4.27
N GLN A 181 -5.38 -3.57 3.13
CA GLN A 181 -4.32 -2.53 3.12
C GLN A 181 -4.70 -1.49 2.06
N ASN A 182 -4.59 -0.20 2.42
CA ASN A 182 -4.88 0.91 1.47
C ASN A 182 -6.26 0.73 0.82
N GLY A 183 -7.25 0.34 1.61
CA GLY A 183 -8.66 0.23 1.18
C GLY A 183 -8.98 -0.95 0.29
N VAL A 184 -8.08 -1.93 0.16
CA VAL A 184 -8.40 -3.09 -0.72
C VAL A 184 -8.01 -4.39 -0.02
N PHE A 185 -8.56 -5.51 -0.50
CA PHE A 185 -8.10 -6.81 0.03
C PHE A 185 -6.69 -7.04 -0.52
N LYS A 186 -5.75 -7.36 0.36
CA LYS A 186 -4.33 -7.68 0.00
C LYS A 186 -4.24 -9.21 0.10
N PHE A 187 -4.07 -9.88 -1.05
CA PHE A 187 -4.06 -11.37 -1.09
C PHE A 187 -2.67 -11.87 -1.53
N LEU A 188 -2.06 -12.70 -0.69
CA LEU A 188 -0.68 -13.19 -0.91
C LEU A 188 -0.73 -14.70 -1.05
N PRO A 189 -0.98 -15.22 -2.27
CA PRO A 189 -1.17 -16.66 -2.45
C PRO A 189 0.08 -17.53 -2.28
N VAL A 190 1.29 -16.96 -2.38
CA VAL A 190 2.53 -17.78 -2.20
C VAL A 190 3.27 -17.30 -0.96
N VAL A 191 2.55 -16.75 0.03
CA VAL A 191 3.18 -16.11 1.23
C VAL A 191 4.00 -17.14 2.03
N ASP A 192 3.65 -18.43 1.96
CA ASP A 192 4.36 -19.48 2.75
C ASP A 192 5.37 -20.24 1.89
N TRP A 193 5.61 -19.81 0.65
CA TRP A 193 6.56 -20.49 -0.26
C TRP A 193 8.02 -20.17 0.09
N SER A 194 8.88 -21.19 -0.02
CA SER A 194 10.33 -21.03 0.20
C SER A 194 10.98 -20.66 -1.14
N ASN A 195 12.25 -20.30 -1.11
CA ASN A 195 13.01 -20.00 -2.34
C ASN A 195 13.06 -21.28 -3.20
N LYS A 196 13.14 -22.44 -2.54
CA LYS A 196 13.17 -23.76 -3.24
C LYS A 196 11.84 -23.99 -3.98
N ASP A 197 10.72 -23.65 -3.32
CA ASP A 197 9.37 -23.83 -3.92
C ASP A 197 9.27 -22.98 -5.20
N VAL A 198 9.82 -21.76 -5.15
CA VAL A 198 9.83 -20.83 -6.31
C VAL A 198 10.63 -21.43 -7.46
N HIS A 199 11.83 -21.94 -7.16
CA HIS A 199 12.71 -22.55 -8.20
C HIS A 199 11.99 -23.75 -8.83
N TYR A 200 11.42 -24.61 -8.01
CA TYR A 200 10.71 -25.81 -8.52
C TYR A 200 9.58 -25.39 -9.48
N TYR A 201 8.81 -24.36 -9.09
CA TYR A 201 7.66 -23.90 -9.92
C TYR A 201 8.16 -23.37 -11.27
N LEU A 202 9.18 -22.51 -11.25
CA LEU A 202 9.75 -21.98 -12.52
C LEU A 202 10.16 -23.13 -13.44
N LYS A 203 10.94 -24.09 -12.93
CA LYS A 203 11.41 -25.22 -13.79
C LYS A 203 10.21 -26.07 -14.25
N GLU A 204 9.26 -26.29 -13.35
CA GLU A 204 8.05 -27.12 -13.62
C GLU A 204 7.28 -26.54 -14.82
N HIS A 205 7.14 -25.22 -14.88
CA HIS A 205 6.34 -24.61 -15.98
C HIS A 205 7.22 -24.00 -17.08
N GLY A 206 8.52 -24.32 -17.10
CA GLY A 206 9.46 -23.81 -18.12
C GLY A 206 9.57 -22.30 -18.10
N LEU A 207 9.48 -21.68 -16.93
CA LEU A 207 9.54 -20.20 -16.78
C LEU A 207 10.97 -19.78 -16.47
N SER A 208 11.31 -18.53 -16.79
CA SER A 208 12.70 -18.06 -16.58
C SER A 208 12.79 -17.10 -15.40
N TYR A 209 13.98 -17.06 -14.78
CA TYR A 209 14.31 -16.00 -13.81
C TYR A 209 14.59 -14.73 -14.63
N HIS A 210 14.60 -13.57 -13.98
CA HIS A 210 15.01 -12.30 -14.64
C HIS A 210 16.41 -12.52 -15.24
N PRO A 211 16.72 -11.99 -16.44
CA PRO A 211 18.03 -12.18 -17.07
C PRO A 211 19.26 -11.83 -16.23
N LEU A 212 19.13 -10.91 -15.26
CA LEU A 212 20.33 -10.50 -14.47
C LEU A 212 20.61 -11.48 -13.31
N TRP A 213 19.70 -12.42 -13.05
CA TRP A 213 19.95 -13.41 -11.97
C TRP A 213 21.24 -14.19 -12.31
N GLU A 214 21.38 -14.57 -13.58
CA GLU A 214 22.61 -15.29 -14.05
C GLU A 214 23.84 -14.39 -13.95
N GLN A 215 23.66 -13.07 -13.86
CA GLN A 215 24.82 -12.13 -13.85
C GLN A 215 25.18 -11.73 -12.41
N GLY A 216 24.61 -12.39 -11.40
CA GLY A 216 24.95 -12.11 -9.99
C GLY A 216 24.08 -11.06 -9.32
N TYR A 217 22.96 -10.67 -9.94
CA TYR A 217 22.07 -9.69 -9.25
C TYR A 217 21.12 -10.48 -8.34
N LEU A 218 21.18 -10.25 -7.02
CA LEU A 218 20.29 -10.98 -6.08
C LEU A 218 18.90 -10.36 -6.18
N SER A 219 18.85 -9.08 -6.55
CA SER A 219 17.56 -8.38 -6.76
C SER A 219 17.82 -7.22 -7.71
N VAL A 220 16.74 -6.70 -8.28
CA VAL A 220 16.85 -5.61 -9.27
C VAL A 220 15.77 -4.57 -8.98
N GLY A 221 16.12 -3.32 -9.20
CA GLY A 221 15.21 -2.17 -9.04
C GLY A 221 15.62 -1.10 -10.03
N ASP A 222 15.90 0.09 -9.53
CA ASP A 222 16.32 1.20 -10.41
C ASP A 222 17.83 1.09 -10.61
N THR A 223 18.29 1.48 -11.80
CA THR A 223 19.73 1.41 -12.14
C THR A 223 20.55 2.25 -11.15
N HIS A 224 19.97 3.35 -10.64
CA HIS A 224 20.69 4.27 -9.74
C HIS A 224 20.63 3.84 -8.27
N THR A 225 19.80 2.86 -7.89
CA THR A 225 19.65 2.58 -6.43
C THR A 225 19.92 1.11 -6.10
N THR A 226 19.79 0.21 -7.06
CA THR A 226 20.04 -1.23 -6.78
C THR A 226 21.46 -1.39 -6.19
N GLN A 227 21.60 -2.26 -5.19
CA GLN A 227 22.91 -2.50 -4.52
C GLN A 227 23.91 -3.12 -5.51
N LYS A 228 25.19 -2.75 -5.37
CA LYS A 228 26.28 -3.33 -6.22
C LYS A 228 26.66 -4.68 -5.59
N TRP A 229 25.92 -5.72 -6.00
CA TRP A 229 26.03 -7.12 -5.48
C TRP A 229 27.44 -7.69 -5.55
N GLU A 230 28.21 -7.33 -6.59
CA GLU A 230 29.56 -7.91 -6.80
C GLU A 230 30.57 -6.84 -7.21
N PRO A 231 31.88 -7.09 -7.03
CA PRO A 231 32.92 -6.16 -7.49
C PRO A 231 32.79 -6.01 -9.02
N GLY A 232 33.08 -4.81 -9.54
CA GLY A 232 32.97 -4.54 -10.99
C GLY A 232 31.62 -3.90 -11.34
N MET A 233 30.64 -3.99 -10.45
CA MET A 233 29.30 -3.37 -10.70
C MET A 233 29.34 -1.89 -10.29
N SER B 10 -11.06 13.44 -6.48
CA SER B 10 -11.95 14.28 -7.33
C SER B 10 -13.00 13.40 -8.04
N THR B 11 -12.83 12.08 -8.04
CA THR B 11 -13.83 11.18 -8.67
C THR B 11 -15.05 11.06 -7.75
N LEU B 12 -16.25 11.35 -8.28
CA LEU B 12 -17.51 11.25 -7.48
C LEU B 12 -17.75 9.77 -7.13
N GLN B 13 -17.81 9.46 -5.83
CA GLN B 13 -17.99 8.07 -5.32
C GLN B 13 -19.48 7.74 -5.23
N LEU B 14 -19.87 6.57 -5.75
CA LEU B 14 -21.29 6.12 -5.77
C LEU B 14 -21.82 5.97 -4.34
N SER B 15 -20.98 5.51 -3.41
CA SER B 15 -21.41 5.33 -2.00
C SER B 15 -21.86 6.67 -1.41
N GLU B 16 -21.32 7.79 -1.93
CA GLU B 16 -21.71 9.14 -1.45
C GLU B 16 -23.20 9.35 -1.75
N LEU B 17 -23.62 9.09 -3.00
CA LEU B 17 -25.04 9.33 -3.38
C LEU B 17 -25.96 8.20 -2.91
N LEU B 18 -25.42 7.00 -2.63
CA LEU B 18 -26.31 5.92 -2.13
C LEU B 18 -26.61 6.21 -0.65
N SER B 19 -25.85 7.11 0.00
CA SER B 19 -26.08 7.47 1.43
C SER B 19 -27.08 8.64 1.49
N LEU B 20 -27.27 9.34 0.36
CA LEU B 20 -28.21 10.50 0.28
C LEU B 20 -29.62 9.98 -0.06
N THR B 21 -30.64 10.81 0.17
CA THR B 21 -32.05 10.46 -0.10
C THR B 21 -32.30 10.63 -1.62
N LYS B 22 -33.43 10.11 -2.12
CA LYS B 22 -33.82 10.22 -3.56
C LYS B 22 -33.90 11.70 -3.96
N ALA B 23 -34.57 12.50 -3.14
CA ALA B 23 -34.72 13.94 -3.42
C ALA B 23 -33.35 14.63 -3.23
N GLU B 24 -32.51 14.12 -2.32
CA GLU B 24 -31.20 14.79 -2.08
C GLU B 24 -30.21 14.32 -3.15
N GLN B 25 -30.46 13.17 -3.79
CA GLN B 25 -29.58 12.72 -4.91
C GLN B 25 -29.73 13.75 -6.04
N SER B 26 -30.99 14.06 -6.38
CA SER B 26 -31.33 15.05 -7.43
C SER B 26 -30.73 16.42 -7.08
N ILE B 27 -30.76 16.82 -5.81
CA ILE B 27 -30.21 18.13 -5.38
C ILE B 27 -28.68 18.12 -5.56
N ARG B 28 -28.03 17.06 -5.06
CA ARG B 28 -26.55 16.92 -5.15
C ARG B 28 -26.09 16.93 -6.62
N LEU B 29 -26.91 16.40 -7.54
CA LEU B 29 -26.52 16.32 -8.99
C LEU B 29 -27.12 17.48 -9.81
N ALA B 30 -27.82 18.42 -9.17
CA ALA B 30 -28.51 19.53 -9.89
C ALA B 30 -27.55 20.37 -10.75
N GLU B 31 -26.50 20.95 -10.15
CA GLU B 31 -25.55 21.81 -10.91
C GLU B 31 -24.84 21.00 -12.01
N ILE B 32 -24.30 19.82 -11.68
CA ILE B 32 -23.60 18.97 -12.68
C ILE B 32 -24.50 18.72 -13.89
N ASN B 33 -25.79 18.44 -13.65
CA ASN B 33 -26.74 18.21 -14.77
C ASN B 33 -26.83 19.45 -15.67
N VAL B 34 -26.93 20.65 -15.12
CA VAL B 34 -27.04 21.87 -15.98
C VAL B 34 -25.74 21.99 -16.78
N GLU B 35 -24.58 21.78 -16.13
CA GLU B 35 -23.25 21.85 -16.80
C GLU B 35 -23.16 20.84 -17.95
N LEU B 36 -23.58 19.59 -17.70
CA LEU B 36 -23.51 18.50 -18.72
C LEU B 36 -24.38 18.85 -19.93
N GLU B 37 -25.55 19.46 -19.73
CA GLU B 37 -26.45 19.82 -20.87
C GLU B 37 -25.70 20.71 -21.88
N MET B 38 -24.80 21.57 -21.42
CA MET B 38 -24.08 22.51 -22.31
C MET B 38 -22.97 21.80 -23.12
N LEU B 39 -22.57 20.60 -22.70
CA LEU B 39 -21.47 19.90 -23.43
C LEU B 39 -22.05 19.05 -24.57
N SER B 40 -21.18 18.70 -25.52
CA SER B 40 -21.52 17.77 -26.61
C SER B 40 -21.58 16.35 -26.00
N ALA B 41 -22.20 15.41 -26.70
CA ALA B 41 -22.26 14.00 -26.23
C ALA B 41 -20.82 13.48 -25.97
N GLN B 42 -19.88 13.78 -26.87
CA GLN B 42 -18.47 13.33 -26.71
C GLN B 42 -17.89 13.84 -25.38
N GLU B 43 -18.05 15.14 -25.11
CA GLU B 43 -17.53 15.74 -23.85
C GLU B 43 -18.25 15.15 -22.63
N ARG B 44 -19.55 14.86 -22.77
CA ARG B 44 -20.31 14.23 -21.65
C ARG B 44 -19.71 12.87 -21.30
N VAL B 45 -19.44 12.03 -22.32
CA VAL B 45 -18.82 10.69 -22.05
C VAL B 45 -17.45 10.87 -21.39
N ALA B 46 -16.61 11.78 -21.92
CA ALA B 46 -15.27 12.01 -21.34
C ALA B 46 -15.43 12.42 -19.87
N TRP B 47 -16.36 13.32 -19.59
CA TRP B 47 -16.59 13.80 -18.19
C TRP B 47 -16.94 12.61 -17.31
N ALA B 48 -17.85 11.72 -17.76
CA ALA B 48 -18.28 10.56 -16.96
C ALA B 48 -17.08 9.62 -16.68
N LEU B 49 -16.28 9.36 -17.71
CA LEU B 49 -15.11 8.44 -17.57
C LEU B 49 -14.10 9.01 -16.57
N GLN B 50 -13.98 10.34 -16.51
CA GLN B 50 -12.96 11.02 -15.67
C GLN B 50 -13.51 11.38 -14.27
N ASN B 51 -14.83 11.53 -14.11
CA ASN B 51 -15.36 12.07 -12.83
C ASN B 51 -16.29 11.11 -12.10
N LEU B 52 -16.76 10.04 -12.74
CA LEU B 52 -17.67 9.10 -12.04
C LEU B 52 -16.90 7.80 -11.78
N GLU B 53 -17.14 7.22 -10.61
CA GLU B 53 -16.49 5.96 -10.20
C GLU B 53 -16.82 4.83 -11.17
N GLY B 54 -15.83 3.99 -11.48
CA GLY B 54 -16.04 2.79 -12.33
C GLY B 54 -16.40 1.58 -11.46
N ALA B 55 -16.58 0.41 -12.08
CA ALA B 55 -16.40 0.19 -13.51
C ALA B 55 -17.46 0.92 -14.36
N HIS B 56 -17.06 1.26 -15.58
CA HIS B 56 -17.96 1.88 -16.57
C HIS B 56 -18.39 0.80 -17.55
N ALA B 57 -19.67 0.82 -17.95
CA ALA B 57 -20.17 -0.14 -18.95
C ALA B 57 -21.24 0.56 -19.78
N VAL B 58 -21.39 0.11 -21.01
CA VAL B 58 -22.49 0.61 -21.88
C VAL B 58 -23.36 -0.59 -22.23
N SER B 59 -24.68 -0.42 -22.21
CA SER B 59 -25.59 -1.52 -22.61
C SER B 59 -26.17 -1.17 -23.97
N SER B 60 -26.52 -2.20 -24.73
CA SER B 60 -27.12 -1.95 -26.06
C SER B 60 -28.02 -3.11 -26.44
N SER B 61 -29.17 -2.80 -27.05
N SER B 61 -29.17 -2.80 -27.05
CA SER B 61 -30.10 -3.82 -27.59
CA SER B 61 -30.11 -3.81 -27.59
C SER B 61 -29.77 -4.06 -29.07
C SER B 61 -29.75 -4.08 -29.07
N PHE B 62 -28.77 -3.34 -29.60
CA PHE B 62 -28.34 -3.49 -31.02
C PHE B 62 -29.55 -3.29 -31.94
N GLY B 63 -30.37 -2.30 -31.59
CA GLY B 63 -31.56 -1.88 -32.36
C GLY B 63 -31.20 -0.97 -33.53
N ILE B 64 -32.19 -0.25 -34.04
CA ILE B 64 -32.07 0.57 -35.28
C ILE B 64 -30.88 1.55 -35.23
N GLN B 65 -30.76 2.34 -34.16
CA GLN B 65 -29.74 3.41 -34.07
C GLN B 65 -28.61 3.03 -33.10
N ALA B 66 -28.39 1.74 -32.87
CA ALA B 66 -27.44 1.27 -31.85
C ALA B 66 -25.99 1.69 -32.13
N ALA B 67 -25.60 1.83 -33.40
CA ALA B 67 -24.18 2.14 -33.71
C ALA B 67 -23.75 3.48 -33.09
N VAL B 68 -24.68 4.42 -32.89
CA VAL B 68 -24.33 5.74 -32.30
C VAL B 68 -23.67 5.57 -30.93
N MET B 69 -24.36 4.98 -29.95
CA MET B 69 -23.80 4.84 -28.59
C MET B 69 -22.55 3.95 -28.59
N LEU B 70 -22.56 2.85 -29.34
CA LEU B 70 -21.40 1.91 -29.33
C LEU B 70 -20.15 2.60 -29.89
N HIS B 71 -20.29 3.35 -30.99
CA HIS B 71 -19.13 4.09 -31.56
C HIS B 71 -18.71 5.22 -30.61
N LEU B 72 -19.69 6.00 -30.16
CA LEU B 72 -19.43 7.17 -29.27
C LEU B 72 -18.60 6.76 -28.04
N VAL B 73 -19.06 5.74 -27.31
CA VAL B 73 -18.40 5.35 -26.03
C VAL B 73 -17.12 4.56 -26.32
N SER B 74 -17.13 3.66 -27.32
CA SER B 74 -15.91 2.84 -27.58
C SER B 74 -14.76 3.69 -28.11
N LYS B 75 -15.04 4.78 -28.84
CA LYS B 75 -13.90 5.59 -29.35
C LYS B 75 -13.22 6.34 -28.19
N GLN B 76 -13.85 6.41 -27.01
CA GLN B 76 -13.17 7.10 -25.88
C GLN B 76 -12.69 6.10 -24.83
N GLN B 77 -13.20 4.88 -24.88
CA GLN B 77 -12.76 3.80 -23.95
C GLN B 77 -12.86 2.49 -24.77
N ALA B 78 -11.80 2.17 -25.50
CA ALA B 78 -11.79 1.01 -26.44
C ALA B 78 -12.24 -0.29 -25.76
N ASP B 79 -11.83 -0.52 -24.51
CA ASP B 79 -12.13 -1.82 -23.84
C ASP B 79 -13.38 -1.72 -22.96
N ILE B 80 -14.22 -0.71 -23.15
CA ILE B 80 -15.40 -0.60 -22.26
C ILE B 80 -16.26 -1.86 -22.42
N PRO B 81 -16.69 -2.50 -21.31
CA PRO B 81 -17.62 -3.62 -21.40
C PRO B 81 -18.93 -3.17 -22.08
N VAL B 82 -19.37 -3.95 -23.06
CA VAL B 82 -20.65 -3.69 -23.80
C VAL B 82 -21.61 -4.80 -23.38
N ILE B 83 -22.62 -4.47 -22.58
CA ILE B 83 -23.59 -5.47 -22.07
C ILE B 83 -24.68 -5.73 -23.10
N LEU B 84 -24.83 -7.00 -23.47
CA LEU B 84 -25.92 -7.44 -24.37
C LEU B 84 -26.73 -8.51 -23.62
N THR B 85 -28.04 -8.30 -23.48
CA THR B 85 -28.92 -9.35 -22.90
C THR B 85 -29.54 -10.06 -24.10
N ASP B 86 -29.16 -11.33 -24.29
CA ASP B 86 -29.69 -12.13 -25.43
C ASP B 86 -30.96 -12.85 -24.94
N THR B 87 -32.12 -12.44 -25.44
CA THR B 87 -33.40 -13.09 -25.03
C THR B 87 -33.46 -14.51 -25.61
N GLY B 88 -32.64 -14.77 -26.63
CA GLY B 88 -32.62 -16.03 -27.39
C GLY B 88 -33.56 -15.96 -28.59
N TYR B 89 -34.23 -14.82 -28.79
CA TYR B 89 -35.23 -14.68 -29.87
C TYR B 89 -35.04 -13.38 -30.68
N LEU B 90 -33.84 -12.80 -30.67
CA LEU B 90 -33.64 -11.58 -31.48
C LEU B 90 -33.75 -11.93 -32.98
N PHE B 91 -34.04 -10.94 -33.82
CA PHE B 91 -34.07 -11.19 -35.27
C PHE B 91 -32.72 -11.69 -35.76
N PRO B 92 -32.69 -12.60 -36.76
CA PRO B 92 -31.43 -13.04 -37.35
C PRO B 92 -30.56 -11.84 -37.77
N GLU B 93 -31.21 -10.79 -38.28
CA GLU B 93 -30.50 -9.57 -38.73
C GLU B 93 -29.87 -8.85 -37.51
N THR B 94 -30.48 -8.96 -36.34
CA THR B 94 -29.91 -8.33 -35.12
C THR B 94 -28.63 -9.10 -34.73
N TYR B 95 -28.69 -10.43 -34.77
CA TYR B 95 -27.47 -11.24 -34.46
C TYR B 95 -26.37 -10.89 -35.47
N GLN B 96 -26.72 -10.74 -36.76
CA GLN B 96 -25.73 -10.39 -37.80
C GLN B 96 -25.16 -8.99 -37.51
N PHE B 97 -25.99 -8.07 -37.04
CA PHE B 97 -25.59 -6.68 -36.73
C PHE B 97 -24.66 -6.68 -35.51
N ILE B 98 -24.98 -7.50 -34.51
CA ILE B 98 -24.12 -7.64 -33.29
C ILE B 98 -22.73 -8.08 -33.76
N ASP B 99 -22.69 -9.12 -34.60
CA ASP B 99 -21.39 -9.66 -35.10
C ASP B 99 -20.64 -8.59 -35.91
N GLU B 100 -21.35 -7.88 -36.79
CA GLU B 100 -20.73 -6.83 -37.65
C GLU B 100 -20.13 -5.70 -36.79
N LEU B 101 -20.88 -5.18 -35.82
CA LEU B 101 -20.40 -4.04 -34.97
C LEU B 101 -19.31 -4.52 -34.00
N THR B 102 -19.43 -5.76 -33.50
CA THR B 102 -18.38 -6.27 -32.57
C THR B 102 -17.04 -6.28 -33.31
N LYS B 103 -17.05 -6.70 -34.58
CA LYS B 103 -15.82 -6.77 -35.39
C LYS B 103 -15.38 -5.37 -35.83
N SER B 104 -16.27 -4.59 -36.43
CA SER B 104 -15.89 -3.26 -36.97
C SER B 104 -15.52 -2.28 -35.84
N LEU B 105 -16.15 -2.36 -34.67
CA LEU B 105 -15.81 -1.43 -33.56
C LEU B 105 -14.89 -2.10 -32.51
N ASN B 106 -14.54 -3.38 -32.70
CA ASN B 106 -13.66 -4.10 -31.73
C ASN B 106 -14.28 -3.98 -30.33
N LEU B 107 -15.54 -4.38 -30.18
CA LEU B 107 -16.25 -4.20 -28.88
C LEU B 107 -15.88 -5.30 -27.87
N ASN B 108 -15.83 -4.93 -26.60
CA ASN B 108 -15.60 -5.88 -25.47
C ASN B 108 -16.99 -6.38 -25.09
N LEU B 109 -17.55 -7.24 -25.92
CA LEU B 109 -18.95 -7.70 -25.75
C LEU B 109 -19.08 -8.68 -24.57
N LYS B 110 -20.01 -8.39 -23.66
CA LYS B 110 -20.34 -9.22 -22.49
C LYS B 110 -21.78 -9.69 -22.66
N VAL B 111 -21.97 -10.97 -22.98
CA VAL B 111 -23.34 -11.50 -23.23
C VAL B 111 -23.93 -12.11 -21.95
N TYR B 112 -25.16 -11.74 -21.64
CA TYR B 112 -25.91 -12.25 -20.48
C TYR B 112 -27.25 -12.80 -20.97
N ARG B 113 -27.72 -13.86 -20.32
CA ARG B 113 -28.98 -14.51 -20.74
C ARG B 113 -29.51 -15.37 -19.61
N ALA B 114 -30.70 -15.89 -19.79
CA ALA B 114 -31.33 -16.78 -18.80
C ALA B 114 -30.45 -18.02 -18.61
N ASN B 115 -30.62 -18.71 -17.48
CA ASN B 115 -29.86 -19.96 -17.21
C ASN B 115 -30.37 -21.05 -18.16
N GLU B 116 -31.65 -20.95 -18.52
CA GLU B 116 -32.34 -21.90 -19.43
C GLU B 116 -32.38 -21.34 -20.86
N SER B 117 -32.05 -22.19 -21.84
CA SER B 117 -32.09 -21.81 -23.28
C SER B 117 -33.54 -21.64 -23.73
N ALA B 118 -33.72 -21.04 -24.90
CA ALA B 118 -35.08 -20.87 -25.48
C ALA B 118 -35.84 -22.22 -25.50
N ASN B 119 -35.20 -23.29 -25.98
CA ASN B 119 -35.92 -24.59 -26.09
C ASN B 119 -36.22 -25.18 -24.70
N TRP B 120 -35.36 -24.91 -23.73
CA TRP B 120 -35.58 -25.38 -22.33
C TRP B 120 -36.82 -24.64 -21.78
N GLN B 121 -36.86 -23.32 -21.97
CA GLN B 121 -38.00 -22.50 -21.50
C GLN B 121 -39.31 -22.99 -22.14
N GLU B 122 -39.31 -23.25 -23.45
CA GLU B 122 -40.54 -23.71 -24.14
C GLU B 122 -40.94 -25.12 -23.62
N ALA B 123 -39.98 -25.99 -23.31
CA ALA B 123 -40.33 -27.32 -22.78
C ALA B 123 -41.00 -27.18 -21.41
N ARG B 124 -40.63 -26.14 -20.64
CA ARG B 124 -41.21 -25.95 -19.28
C ARG B 124 -42.52 -25.17 -19.29
N TYR B 125 -42.57 -24.07 -20.05
CA TYR B 125 -43.68 -23.09 -19.95
C TYR B 125 -44.54 -22.96 -21.21
N GLY B 126 -44.13 -23.58 -22.31
CA GLY B 126 -44.82 -23.31 -23.58
C GLY B 126 -44.31 -21.98 -24.10
N LYS B 127 -45.17 -21.18 -24.74
CA LYS B 127 -44.73 -19.87 -25.29
C LYS B 127 -45.28 -18.76 -24.38
N LEU B 128 -44.43 -18.24 -23.50
CA LEU B 128 -44.84 -17.22 -22.49
C LEU B 128 -45.41 -15.97 -23.15
N TRP B 129 -44.91 -15.58 -24.31
CA TRP B 129 -45.39 -14.34 -24.99
C TRP B 129 -46.85 -14.49 -25.45
N GLU B 130 -47.35 -15.72 -25.54
CA GLU B 130 -48.76 -15.97 -25.96
C GLU B 130 -49.67 -16.15 -24.74
N GLN B 131 -49.18 -15.90 -23.53
CA GLN B 131 -49.99 -16.19 -22.31
C GLN B 131 -50.41 -14.90 -21.59
N GLY B 132 -50.72 -13.85 -22.37
CA GLY B 132 -51.23 -12.59 -21.81
C GLY B 132 -50.18 -11.78 -21.06
N ILE B 133 -50.63 -10.71 -20.39
CA ILE B 133 -49.72 -9.81 -19.63
C ILE B 133 -48.96 -10.63 -18.57
N GLU B 134 -49.59 -11.67 -18.01
CA GLU B 134 -48.94 -12.55 -17.00
C GLU B 134 -47.74 -13.26 -17.65
N GLY B 135 -47.95 -13.81 -18.86
CA GLY B 135 -46.90 -14.52 -19.59
C GLY B 135 -45.77 -13.60 -20.02
N ILE B 136 -46.13 -12.41 -20.53
CA ILE B 136 -45.10 -11.43 -21.00
C ILE B 136 -44.24 -10.97 -19.82
N GLU B 137 -44.84 -10.73 -18.64
CA GLU B 137 -44.06 -10.28 -17.45
C GLU B 137 -43.08 -11.40 -17.03
N LYS B 138 -43.53 -12.65 -17.01
CA LYS B 138 -42.63 -13.78 -16.66
C LYS B 138 -41.48 -13.84 -17.67
N TYR B 139 -41.81 -13.75 -18.97
CA TYR B 139 -40.80 -13.78 -20.07
C TYR B 139 -39.79 -12.63 -19.91
N ASN B 140 -40.27 -11.42 -19.64
CA ASN B 140 -39.39 -10.22 -19.50
C ASN B 140 -38.46 -10.40 -18.30
N LYS B 141 -38.98 -10.91 -17.19
CA LYS B 141 -38.14 -11.11 -15.98
C LYS B 141 -37.03 -12.12 -16.28
N LEU B 142 -37.41 -13.20 -16.95
CA LEU B 142 -36.48 -14.32 -17.23
C LEU B 142 -35.42 -13.94 -18.26
N ASN B 143 -35.83 -13.21 -19.31
CA ASN B 143 -34.95 -12.99 -20.48
C ASN B 143 -34.43 -11.56 -20.63
N LYS B 144 -34.86 -10.61 -19.79
CA LYS B 144 -34.38 -9.20 -19.91
C LYS B 144 -33.93 -8.62 -18.57
N VAL B 145 -34.81 -8.62 -17.57
CA VAL B 145 -34.54 -7.97 -16.26
C VAL B 145 -33.49 -8.72 -15.44
N GLU B 146 -33.68 -10.02 -15.18
CA GLU B 146 -32.68 -10.69 -14.32
C GLU B 146 -31.31 -10.72 -14.98
N PRO B 147 -31.17 -11.02 -16.30
CA PRO B 147 -29.86 -11.02 -16.92
C PRO B 147 -29.14 -9.65 -16.86
N MET B 148 -29.88 -8.56 -17.01
CA MET B 148 -29.28 -7.19 -16.93
C MET B 148 -28.87 -6.93 -15.47
N ARG B 149 -29.73 -7.29 -14.51
CA ARG B 149 -29.38 -7.08 -13.08
C ARG B 149 -28.06 -7.81 -12.79
N ARG B 150 -27.94 -9.07 -13.25
CA ARG B 150 -26.75 -9.91 -12.99
C ARG B 150 -25.53 -9.34 -13.73
N ALA B 151 -25.72 -8.86 -14.95
CA ALA B 151 -24.61 -8.25 -15.72
C ALA B 151 -24.03 -7.07 -14.93
N LEU B 152 -24.89 -6.18 -14.43
CA LEU B 152 -24.39 -4.98 -13.70
C LEU B 152 -23.64 -5.43 -12.44
N ASN B 153 -24.17 -6.46 -11.78
CA ASN B 153 -23.54 -6.94 -10.53
C ASN B 153 -22.20 -7.62 -10.84
N GLU B 154 -22.19 -8.58 -11.77
CA GLU B 154 -20.95 -9.37 -12.05
C GLU B 154 -19.85 -8.50 -12.67
N LEU B 155 -20.21 -7.47 -13.43
CA LEU B 155 -19.17 -6.63 -14.07
C LEU B 155 -18.77 -5.48 -13.12
N ASN B 156 -19.26 -5.49 -11.89
CA ASN B 156 -18.93 -4.45 -10.86
C ASN B 156 -19.24 -3.05 -11.41
N VAL B 157 -20.34 -2.89 -12.14
CA VAL B 157 -20.66 -1.57 -12.75
C VAL B 157 -21.10 -0.55 -11.70
N LYS B 158 -20.51 0.66 -11.76
CA LYS B 158 -20.95 1.80 -10.91
C LYS B 158 -21.41 2.92 -11.84
N THR B 159 -20.95 2.92 -13.11
CA THR B 159 -21.41 3.95 -14.09
C THR B 159 -21.94 3.21 -15.33
N TRP B 160 -23.23 3.39 -15.60
CA TRP B 160 -23.94 2.70 -16.70
C TRP B 160 -24.35 3.70 -17.79
N PHE B 161 -23.70 3.59 -18.95
CA PHE B 161 -24.04 4.44 -20.11
C PHE B 161 -25.21 3.80 -20.87
N SER B 162 -26.19 4.61 -21.27
CA SER B 162 -27.37 4.13 -22.03
C SER B 162 -27.76 5.17 -23.09
N GLY B 163 -28.31 4.69 -24.21
CA GLY B 163 -28.70 5.56 -25.34
C GLY B 163 -30.11 6.10 -25.22
N LEU B 164 -30.74 6.04 -24.05
CA LEU B 164 -32.13 6.56 -23.89
C LEU B 164 -32.20 8.03 -24.30
N ARG B 165 -33.30 8.42 -24.95
CA ARG B 165 -33.46 9.84 -25.36
C ARG B 165 -34.84 10.35 -24.93
N ARG B 166 -34.95 11.66 -24.70
CA ARG B 166 -36.19 12.34 -24.28
C ARG B 166 -37.26 12.20 -25.38
N GLU B 167 -36.89 12.37 -26.65
CA GLU B 167 -37.85 12.22 -27.78
C GLU B 167 -37.50 10.98 -28.61
N GLN B 170 -41.10 15.67 -22.64
CA GLN B 170 -40.35 15.19 -21.46
C GLN B 170 -39.19 16.16 -21.19
N SER B 171 -39.26 16.88 -20.06
CA SER B 171 -38.25 17.90 -19.69
C SER B 171 -36.93 17.25 -19.24
N ARG B 172 -35.96 18.07 -18.88
CA ARG B 172 -34.62 17.64 -18.41
C ARG B 172 -34.74 17.02 -17.01
N ALA B 173 -35.64 17.54 -16.18
CA ALA B 173 -35.89 16.98 -14.82
C ALA B 173 -36.54 15.60 -14.95
N GLY B 174 -37.27 15.38 -16.05
CA GLY B 174 -37.94 14.10 -16.33
C GLY B 174 -36.94 13.00 -16.71
N LEU B 175 -35.96 13.34 -17.57
CA LEU B 175 -34.91 12.38 -18.01
C LEU B 175 -33.58 13.14 -18.00
N PRO B 176 -32.91 13.21 -16.83
CA PRO B 176 -31.66 13.93 -16.71
C PRO B 176 -30.51 13.11 -17.31
N ILE B 177 -29.44 13.80 -17.70
CA ILE B 177 -28.22 13.13 -18.22
C ILE B 177 -27.66 12.21 -17.13
N LEU B 178 -27.64 12.68 -15.88
CA LEU B 178 -27.03 11.92 -14.75
C LEU B 178 -28.03 11.75 -13.61
N SER B 179 -28.27 10.50 -13.22
CA SER B 179 -29.15 10.21 -12.07
C SER B 179 -28.76 8.85 -11.48
N ILE B 180 -29.30 8.53 -10.31
CA ILE B 180 -29.08 7.21 -9.67
C ILE B 180 -30.25 6.32 -10.09
N GLN B 181 -29.96 5.17 -10.71
CA GLN B 181 -30.99 4.20 -11.14
C GLN B 181 -30.42 2.80 -10.93
N ASN B 182 -31.22 1.86 -10.41
CA ASN B 182 -30.78 0.46 -10.20
C ASN B 182 -29.48 0.42 -9.37
N GLY B 183 -29.29 1.36 -8.45
CA GLY B 183 -28.11 1.37 -7.55
C GLY B 183 -26.82 1.86 -8.19
N VAL B 184 -26.86 2.43 -9.41
CA VAL B 184 -25.61 2.91 -10.08
C VAL B 184 -25.82 4.29 -10.70
N PHE B 185 -24.73 4.93 -11.10
CA PHE B 185 -24.86 6.20 -11.86
C PHE B 185 -25.40 5.82 -13.24
N LYS B 186 -26.54 6.38 -13.63
CA LYS B 186 -27.07 6.10 -14.99
C LYS B 186 -26.79 7.34 -15.83
N PHE B 187 -25.99 7.19 -16.88
CA PHE B 187 -25.50 8.34 -17.70
C PHE B 187 -26.03 8.23 -19.14
N LEU B 188 -26.75 9.29 -19.57
CA LEU B 188 -27.45 9.34 -20.90
C LEU B 188 -26.83 10.44 -21.75
N PRO B 189 -25.71 10.17 -22.46
CA PRO B 189 -24.99 11.22 -23.18
C PRO B 189 -25.67 11.76 -24.44
N VAL B 190 -26.65 11.04 -25.01
CA VAL B 190 -27.35 11.57 -26.24
C VAL B 190 -28.83 11.80 -25.88
N VAL B 191 -29.12 12.07 -24.61
CA VAL B 191 -30.52 12.19 -24.10
C VAL B 191 -31.28 13.31 -24.82
N ASP B 192 -30.57 14.30 -25.36
CA ASP B 192 -31.21 15.47 -26.02
C ASP B 192 -31.08 15.39 -27.54
N TRP B 193 -30.65 14.26 -28.09
CA TRP B 193 -30.48 14.10 -29.55
C TRP B 193 -31.80 13.80 -30.27
N SER B 194 -31.92 14.31 -31.50
CA SER B 194 -33.07 14.04 -32.39
C SER B 194 -32.69 12.89 -33.33
N ASN B 195 -33.64 12.40 -34.13
CA ASN B 195 -33.35 11.37 -35.15
C ASN B 195 -32.44 11.99 -36.21
N LYS B 196 -32.58 13.29 -36.45
CA LYS B 196 -31.71 13.99 -37.43
C LYS B 196 -30.26 13.92 -36.93
N ASP B 197 -30.06 14.19 -35.63
CA ASP B 197 -28.69 14.14 -35.04
C ASP B 197 -28.08 12.76 -35.27
N VAL B 198 -28.87 11.72 -35.04
CA VAL B 198 -28.42 10.31 -35.24
C VAL B 198 -28.04 10.10 -36.71
N HIS B 199 -28.90 10.50 -37.64
CA HIS B 199 -28.62 10.30 -39.09
C HIS B 199 -27.26 10.92 -39.48
N TYR B 200 -26.99 12.16 -39.07
CA TYR B 200 -25.72 12.81 -39.47
C TYR B 200 -24.54 12.22 -38.69
N TYR B 201 -24.74 11.77 -37.45
CA TYR B 201 -23.61 11.16 -36.72
C TYR B 201 -23.19 9.88 -37.46
N LEU B 202 -24.15 9.04 -37.83
CA LEU B 202 -23.90 7.76 -38.57
C LEU B 202 -23.20 8.08 -39.90
N LYS B 203 -23.71 9.07 -40.64
CA LYS B 203 -23.13 9.43 -41.96
C LYS B 203 -21.69 9.92 -41.79
N GLU B 204 -21.45 10.79 -40.81
CA GLU B 204 -20.11 11.35 -40.54
C GLU B 204 -19.08 10.24 -40.26
N HIS B 205 -19.44 9.23 -39.47
CA HIS B 205 -18.46 8.18 -39.10
C HIS B 205 -18.62 6.92 -39.96
N GLY B 206 -19.38 6.96 -41.05
CA GLY B 206 -19.59 5.80 -41.94
C GLY B 206 -20.22 4.63 -41.21
N LEU B 207 -21.10 4.91 -40.25
CA LEU B 207 -21.76 3.84 -39.46
C LEU B 207 -23.07 3.44 -40.13
N SER B 208 -23.54 2.23 -39.88
CA SER B 208 -24.77 1.74 -40.52
C SER B 208 -25.93 1.70 -39.53
N TYR B 209 -27.14 1.80 -40.08
CA TYR B 209 -28.38 1.54 -39.32
C TYR B 209 -28.51 0.00 -39.25
N HIS B 210 -29.35 -0.50 -38.34
CA HIS B 210 -29.66 -1.95 -38.27
C HIS B 210 -30.08 -2.41 -39.66
N PRO B 211 -29.67 -3.62 -40.14
CA PRO B 211 -30.05 -4.06 -41.48
C PRO B 211 -31.55 -4.01 -41.80
N LEU B 212 -32.43 -4.11 -40.79
CA LEU B 212 -33.88 -4.14 -41.07
C LEU B 212 -34.42 -2.72 -41.30
N TRP B 213 -33.62 -1.70 -41.03
CA TRP B 213 -34.06 -0.30 -41.28
C TRP B 213 -34.37 -0.11 -42.77
N GLU B 214 -33.52 -0.63 -43.66
CA GLU B 214 -33.77 -0.42 -45.11
C GLU B 214 -34.92 -1.32 -45.56
N GLN B 215 -35.35 -2.27 -44.72
CA GLN B 215 -36.49 -3.16 -45.08
C GLN B 215 -37.79 -2.60 -44.51
N GLY B 216 -37.78 -1.38 -43.94
CA GLY B 216 -39.01 -0.73 -43.44
C GLY B 216 -39.27 -0.88 -41.95
N TYR B 217 -38.42 -1.59 -41.20
CA TYR B 217 -38.65 -1.75 -39.75
C TYR B 217 -38.36 -0.43 -39.01
N LEU B 218 -39.31 0.00 -38.18
CA LEU B 218 -39.15 1.26 -37.40
C LEU B 218 -38.76 0.87 -35.97
N SER B 219 -38.89 -0.42 -35.64
CA SER B 219 -38.49 -0.94 -34.32
C SER B 219 -38.10 -2.41 -34.51
N VAL B 220 -37.23 -2.93 -33.65
CA VAL B 220 -36.85 -4.37 -33.74
C VAL B 220 -37.16 -4.98 -32.36
N GLY B 221 -36.44 -6.03 -31.98
CA GLY B 221 -36.72 -6.69 -30.71
C GLY B 221 -36.79 -8.19 -30.96
N ASP B 222 -37.79 -8.87 -30.39
CA ASP B 222 -37.89 -10.34 -30.53
C ASP B 222 -38.77 -10.67 -31.75
N THR B 223 -38.42 -11.74 -32.46
CA THR B 223 -39.19 -12.17 -33.65
C THR B 223 -40.67 -12.37 -33.33
N HIS B 224 -40.99 -12.87 -32.13
CA HIS B 224 -42.39 -13.22 -31.76
C HIS B 224 -43.19 -12.02 -31.22
N THR B 225 -42.56 -10.87 -30.96
CA THR B 225 -43.32 -9.76 -30.32
C THR B 225 -43.15 -8.43 -31.06
N THR B 226 -42.07 -8.25 -31.81
CA THR B 226 -41.82 -6.96 -32.53
C THR B 226 -42.98 -6.60 -33.48
N GLN B 227 -43.40 -5.34 -33.41
CA GLN B 227 -44.40 -4.67 -34.29
C GLN B 227 -43.61 -3.68 -35.14
N LYS B 228 -43.10 -4.15 -36.28
CA LYS B 228 -42.19 -3.42 -37.20
C LYS B 228 -42.73 -2.03 -37.58
N TRP B 229 -44.05 -1.88 -37.66
CA TRP B 229 -44.67 -0.60 -38.12
C TRP B 229 -44.60 0.49 -37.04
N GLU B 230 -44.31 0.13 -35.77
CA GLU B 230 -44.34 1.12 -34.67
C GLU B 230 -42.96 1.74 -34.48
N PRO B 231 -42.86 3.10 -34.37
CA PRO B 231 -41.56 3.74 -34.16
C PRO B 231 -40.93 3.33 -32.83
N GLY B 232 -39.67 2.92 -32.89
CA GLY B 232 -38.88 2.50 -31.70
C GLY B 232 -37.41 2.46 -32.07
N MET B 233 -36.97 3.48 -32.83
CA MET B 233 -35.56 3.55 -33.32
C MET B 233 -34.59 3.78 -32.15
N SER B 234 -34.96 4.62 -31.18
CA SER B 234 -34.07 4.95 -30.04
C SER B 234 -33.93 3.74 -29.10
N GLU B 235 -32.91 3.75 -28.23
CA GLU B 235 -32.68 2.62 -27.28
C GLU B 235 -33.98 2.34 -26.51
N GLU B 236 -34.36 1.06 -26.42
CA GLU B 236 -35.58 0.66 -25.68
C GLU B 236 -35.25 0.65 -24.19
N GLU B 237 -36.15 1.20 -23.36
CA GLU B 237 -35.92 1.32 -21.89
C GLU B 237 -36.08 -0.03 -21.20
N THR B 238 -35.16 -0.33 -20.27
CA THR B 238 -35.19 -1.59 -19.47
C THR B 238 -36.18 -1.36 -18.31
N ARG B 239 -37.23 -2.19 -18.21
CA ARG B 239 -38.27 -2.02 -17.16
C ARG B 239 -38.13 -3.12 -16.11
N PHE B 240 -37.42 -2.80 -15.01
CA PHE B 240 -37.13 -3.73 -13.89
C PHE B 240 -38.39 -4.00 -13.04
N PHE B 241 -38.75 -5.28 -12.91
CA PHE B 241 -39.90 -5.74 -12.10
C PHE B 241 -39.46 -6.88 -11.17
N GLY B 242 -38.44 -7.64 -11.58
CA GLY B 242 -37.90 -8.77 -10.78
C GLY B 242 -37.03 -9.70 -11.61
N SER C 10 46.62 -7.25 27.83
CA SER C 10 46.75 -8.61 28.46
C SER C 10 45.53 -9.45 28.07
N THR C 11 45.78 -10.69 27.64
CA THR C 11 44.74 -11.63 27.12
C THR C 11 43.56 -11.75 28.09
N LEU C 12 42.34 -11.51 27.62
CA LEU C 12 41.12 -11.64 28.46
C LEU C 12 40.90 -13.14 28.75
N GLN C 13 40.91 -13.49 30.04
CA GLN C 13 40.75 -14.90 30.49
C GLN C 13 39.25 -15.23 30.65
N LEU C 14 38.82 -16.36 30.08
CA LEU C 14 37.39 -16.78 30.18
C LEU C 14 36.97 -16.90 31.66
N SER C 15 37.89 -17.30 32.56
CA SER C 15 37.56 -17.44 34.00
C SER C 15 37.12 -16.10 34.60
N GLU C 16 37.67 -14.98 34.13
N GLU C 16 37.67 -14.99 34.08
CA GLU C 16 37.25 -13.66 34.67
CA GLU C 16 37.31 -13.62 34.56
C GLU C 16 35.76 -13.46 34.38
C GLU C 16 35.81 -13.39 34.32
N LEU C 17 35.29 -13.86 33.17
CA LEU C 17 33.86 -13.68 32.80
C LEU C 17 32.96 -14.75 33.43
N LEU C 18 33.38 -16.02 33.47
CA LEU C 18 32.51 -17.11 34.03
C LEU C 18 32.20 -16.86 35.51
N SER C 19 33.01 -16.05 36.19
CA SER C 19 32.81 -15.79 37.65
C SER C 19 31.84 -14.62 37.87
N LEU C 20 31.35 -14.01 36.78
CA LEU C 20 30.40 -12.86 36.86
C LEU C 20 29.01 -13.33 36.45
N THR C 21 27.96 -12.62 36.91
CA THR C 21 26.56 -12.91 36.53
C THR C 21 26.40 -12.60 35.02
N LYS C 22 25.30 -13.01 34.40
CA LYS C 22 25.11 -12.77 32.95
C LYS C 22 25.02 -11.26 32.68
N ALA C 23 24.37 -10.52 33.58
CA ALA C 23 24.21 -9.06 33.43
C ALA C 23 25.58 -8.39 33.61
N GLU C 24 26.38 -8.90 34.56
CA GLU C 24 27.75 -8.38 34.82
C GLU C 24 28.63 -8.71 33.62
N GLN C 25 28.38 -9.85 32.96
CA GLN C 25 29.15 -10.24 31.74
C GLN C 25 28.91 -9.19 30.65
N SER C 26 27.63 -8.88 30.38
CA SER C 26 27.27 -7.87 29.35
C SER C 26 27.90 -6.50 29.67
N ILE C 27 27.91 -6.11 30.94
CA ILE C 27 28.53 -4.82 31.37
C ILE C 27 30.04 -4.88 31.13
N ARG C 28 30.68 -5.98 31.56
CA ARG C 28 32.16 -6.15 31.40
C ARG C 28 32.55 -6.14 29.92
N LEU C 29 31.70 -6.65 29.03
CA LEU C 29 32.04 -6.69 27.58
C LEU C 29 31.43 -5.51 26.82
N ALA C 30 30.76 -4.57 27.52
CA ALA C 30 30.07 -3.44 26.86
C ALA C 30 31.01 -2.60 25.98
N GLU C 31 32.12 -2.12 26.54
CA GLU C 31 33.05 -1.23 25.79
C GLU C 31 33.71 -2.01 24.64
N ILE C 32 34.17 -3.24 24.90
CA ILE C 32 34.79 -4.08 23.84
C ILE C 32 33.81 -4.24 22.67
N ASN C 33 32.54 -4.47 22.96
CA ASN C 33 31.52 -4.68 21.89
C ASN C 33 31.37 -3.40 21.05
N VAL C 34 31.37 -2.24 21.67
CA VAL C 34 31.24 -0.98 20.87
C VAL C 34 32.51 -0.84 20.01
N GLU C 35 33.69 -1.12 20.58
CA GLU C 35 34.96 -1.02 19.81
C GLU C 35 34.94 -2.00 18.63
N LEU C 36 34.54 -3.25 18.87
CA LEU C 36 34.53 -4.28 17.81
C LEU C 36 33.56 -3.92 16.67
N GLU C 37 32.42 -3.32 16.99
CA GLU C 37 31.43 -2.93 15.97
C GLU C 37 32.07 -2.00 14.93
N MET C 38 33.03 -1.17 15.37
N MET C 38 33.03 -1.16 15.36
CA MET C 38 33.71 -0.16 14.49
CA MET C 38 33.67 -0.16 14.47
C MET C 38 34.69 -0.83 13.52
C MET C 38 34.80 -0.77 13.63
N LEU C 39 35.14 -2.04 13.85
CA LEU C 39 36.19 -2.74 13.05
C LEU C 39 35.56 -3.57 11.92
N SER C 40 36.37 -3.90 10.91
CA SER C 40 35.96 -4.81 9.82
C SER C 40 35.92 -6.24 10.36
N ALA C 41 35.25 -7.15 9.65
CA ALA C 41 35.22 -8.59 10.05
C ALA C 41 36.66 -9.11 10.23
N GLN C 42 37.55 -8.75 9.29
CA GLN C 42 38.97 -9.24 9.35
C GLN C 42 39.64 -8.75 10.64
N GLU C 43 39.49 -7.47 10.97
CA GLU C 43 40.10 -6.88 12.18
C GLU C 43 39.46 -7.50 13.43
N ARG C 44 38.15 -7.79 13.39
CA ARG C 44 37.47 -8.41 14.56
C ARG C 44 38.08 -9.80 14.83
N VAL C 45 38.28 -10.59 13.77
CA VAL C 45 38.87 -11.94 13.96
C VAL C 45 40.30 -11.80 14.52
N ALA C 46 41.10 -10.91 13.92
CA ALA C 46 42.48 -10.69 14.41
C ALA C 46 42.46 -10.30 15.90
N TRP C 47 41.54 -9.41 16.29
CA TRP C 47 41.46 -8.99 17.71
C TRP C 47 41.14 -10.20 18.61
N ALA C 48 40.20 -11.05 18.19
CA ALA C 48 39.84 -12.23 19.01
C ALA C 48 41.03 -13.18 19.14
N LEU C 49 41.77 -13.38 18.05
CA LEU C 49 42.93 -14.31 18.05
C LEU C 49 44.02 -13.80 18.99
N GLN C 50 44.20 -12.48 19.05
CA GLN C 50 45.29 -11.85 19.85
C GLN C 50 44.84 -11.54 21.29
N ASN C 51 43.54 -11.35 21.54
CA ASN C 51 43.11 -10.82 22.88
C ASN C 51 42.20 -11.76 23.67
N LEU C 52 41.62 -12.78 23.05
CA LEU C 52 40.75 -13.73 23.80
C LEU C 52 41.52 -15.03 24.01
N GLU C 53 41.31 -15.63 25.17
CA GLU C 53 42.00 -16.90 25.51
C GLU C 53 41.64 -17.99 24.50
N GLY C 54 42.62 -18.82 24.16
CA GLY C 54 42.42 -19.98 23.26
C GLY C 54 42.05 -21.24 24.04
N ALA C 55 41.87 -22.37 23.34
CA ALA C 55 42.01 -22.47 21.90
C ALA C 55 40.88 -21.78 21.15
N HIS C 56 41.16 -21.39 19.91
CA HIS C 56 40.22 -20.73 18.98
C HIS C 56 39.75 -21.78 17.98
N ALA C 57 38.45 -21.80 17.69
CA ALA C 57 37.91 -22.76 16.71
C ALA C 57 36.72 -22.11 16.01
N VAL C 58 36.50 -22.53 14.76
CA VAL C 58 35.30 -22.08 14.00
C VAL C 58 34.45 -23.33 13.76
N SER C 59 33.14 -23.19 13.90
CA SER C 59 32.23 -24.33 13.58
C SER C 59 31.54 -24.01 12.24
N SER C 60 31.20 -25.05 11.48
CA SER C 60 30.46 -24.82 10.21
C SER C 60 29.56 -26.01 9.92
N SER C 61 28.35 -25.74 9.44
N SER C 61 28.36 -25.73 9.42
CA SER C 61 27.43 -26.80 8.95
CA SER C 61 27.42 -26.78 8.94
C SER C 61 27.67 -26.99 7.44
C SER C 61 27.65 -26.96 7.44
N PHE C 62 28.57 -26.18 6.86
CA PHE C 62 28.87 -26.24 5.40
C PHE C 62 27.59 -26.04 4.59
N GLY C 63 26.75 -25.13 5.06
CA GLY C 63 25.49 -24.73 4.42
C GLY C 63 25.71 -23.77 3.26
N ILE C 64 24.63 -23.10 2.83
CA ILE C 64 24.65 -22.26 1.61
C ILE C 64 25.77 -21.20 1.63
N GLN C 65 25.91 -20.43 2.70
CA GLN C 65 26.90 -19.30 2.73
C GLN C 65 28.14 -19.64 3.58
N ALA C 66 28.42 -20.92 3.79
CA ALA C 66 29.49 -21.38 4.69
C ALA C 66 30.90 -20.90 4.29
N ALA C 67 31.18 -20.73 3.00
CA ALA C 67 32.56 -20.35 2.56
C ALA C 67 33.02 -18.99 3.12
N VAL C 68 32.10 -18.06 3.45
CA VAL C 68 32.52 -16.74 3.99
C VAL C 68 33.32 -16.93 5.29
N MET C 69 32.72 -17.57 6.30
CA MET C 69 33.39 -17.73 7.63
C MET C 69 34.65 -18.58 7.50
N LEU C 70 34.60 -19.63 6.69
CA LEU C 70 35.73 -20.59 6.57
C LEU C 70 36.92 -19.87 5.93
N HIS C 71 36.67 -19.07 4.89
CA HIS C 71 37.77 -18.32 4.24
C HIS C 71 38.24 -17.19 5.18
N LEU C 72 37.28 -16.43 5.71
CA LEU C 72 37.61 -15.28 6.59
C LEU C 72 38.50 -15.72 7.76
N VAL C 73 38.14 -16.81 8.43
CA VAL C 73 38.93 -17.21 9.64
C VAL C 73 40.22 -17.96 9.23
N SER C 74 40.17 -18.85 8.25
CA SER C 74 41.40 -19.62 7.88
C SER C 74 42.47 -18.68 7.30
N LYS C 75 42.06 -17.58 6.66
CA LYS C 75 43.08 -16.64 6.12
C LYS C 75 43.78 -15.89 7.26
N GLN C 76 43.20 -15.88 8.47
CA GLN C 76 43.82 -15.23 9.66
C GLN C 76 44.63 -16.27 10.45
N GLN C 77 44.18 -17.54 10.46
CA GLN C 77 44.90 -18.65 11.14
C GLN C 77 44.71 -19.91 10.28
N ALA C 78 45.72 -20.23 9.46
CA ALA C 78 45.63 -21.36 8.50
C ALA C 78 45.20 -22.67 9.16
N ASP C 79 45.72 -22.99 10.34
CA ASP C 79 45.44 -24.31 10.97
C ASP C 79 44.33 -24.19 12.02
N ILE C 80 43.46 -23.19 11.91
CA ILE C 80 42.37 -23.09 12.91
C ILE C 80 41.51 -24.34 12.81
N PRO C 81 41.19 -24.99 13.95
CA PRO C 81 40.31 -26.15 13.94
C PRO C 81 38.92 -25.77 13.40
N VAL C 82 38.43 -26.54 12.43
CA VAL C 82 37.08 -26.35 11.85
C VAL C 82 36.21 -27.52 12.35
N ILE C 83 35.26 -27.21 13.23
CA ILE C 83 34.39 -28.27 13.81
C ILE C 83 33.21 -28.56 12.89
N LEU C 84 33.09 -29.82 12.50
CA LEU C 84 31.93 -30.29 11.71
C LEU C 84 31.23 -31.39 12.49
N THR C 85 29.93 -31.24 12.70
CA THR C 85 29.15 -32.35 13.33
C THR C 85 28.48 -33.09 12.18
N ASP C 86 28.86 -34.34 11.96
CA ASP C 86 28.26 -35.15 10.86
C ASP C 86 27.12 -35.96 11.45
N THR C 87 25.88 -35.56 11.12
CA THR C 87 24.65 -36.26 11.57
C THR C 87 24.59 -37.64 10.94
N GLY C 88 25.33 -37.84 9.84
CA GLY C 88 25.32 -39.08 9.04
C GLY C 88 24.27 -39.00 7.94
N TYR C 89 23.54 -37.87 7.85
CA TYR C 89 22.44 -37.76 6.85
C TYR C 89 22.47 -36.41 6.09
N LEU C 90 23.63 -35.77 5.99
CA LEU C 90 23.74 -34.49 5.23
C LEU C 90 23.44 -34.77 3.75
N PHE C 91 23.06 -33.73 3.01
CA PHE C 91 22.86 -33.89 1.55
C PHE C 91 24.16 -34.34 0.91
N PRO C 92 24.11 -35.20 -0.13
CA PRO C 92 25.31 -35.60 -0.86
C PRO C 92 26.08 -34.35 -1.31
N GLU C 93 25.35 -33.31 -1.72
CA GLU C 93 25.99 -32.05 -2.17
C GLU C 93 26.71 -31.38 -0.99
N THR C 94 26.22 -31.60 0.23
CA THR C 94 26.90 -30.99 1.40
C THR C 94 28.23 -31.72 1.62
N TYR C 95 28.22 -33.06 1.56
CA TYR C 95 29.50 -33.82 1.72
C TYR C 95 30.45 -33.43 0.59
N GLN C 96 29.94 -33.23 -0.63
CA GLN C 96 30.83 -32.83 -1.76
C GLN C 96 31.38 -31.41 -1.49
N PHE C 97 30.59 -30.55 -0.86
CA PHE C 97 31.03 -29.16 -0.56
C PHE C 97 32.08 -29.17 0.54
N ILE C 98 31.88 -30.02 1.56
CA ILE C 98 32.88 -30.19 2.65
C ILE C 98 34.21 -30.60 2.02
N ASP C 99 34.20 -31.60 1.13
CA ASP C 99 35.46 -32.05 0.48
C ASP C 99 36.07 -30.90 -0.32
N GLU C 100 35.24 -30.18 -1.08
CA GLU C 100 35.73 -29.07 -1.96
C GLU C 100 36.41 -27.97 -1.13
N LEU C 101 35.74 -27.46 -0.09
CA LEU C 101 36.30 -26.37 0.73
C LEU C 101 37.48 -26.86 1.57
N THR C 102 37.45 -28.12 2.04
CA THR C 102 38.58 -28.64 2.84
C THR C 102 39.84 -28.61 1.98
N LYS C 103 39.71 -28.95 0.70
CA LYS C 103 40.88 -28.98 -0.22
C LYS C 103 41.27 -27.54 -0.63
N SER C 104 40.32 -26.75 -1.12
CA SER C 104 40.64 -25.39 -1.65
C SER C 104 41.12 -24.43 -0.54
N LEU C 105 40.65 -24.58 0.69
CA LEU C 105 41.04 -23.66 1.80
C LEU C 105 42.03 -24.34 2.75
N ASN C 106 42.40 -25.59 2.47
N ASN C 106 42.41 -25.59 2.46
CA ASN C 106 43.35 -26.36 3.31
CA ASN C 106 43.36 -26.35 3.32
C ASN C 106 42.85 -26.29 4.77
C ASN C 106 42.85 -26.29 4.77
N LEU C 107 41.59 -26.69 5.00
CA LEU C 107 41.01 -26.61 6.36
C LEU C 107 41.50 -27.73 7.27
N ASN C 108 41.68 -27.37 8.54
CA ASN C 108 42.05 -28.32 9.63
C ASN C 108 40.70 -28.86 10.15
N LEU C 109 40.08 -29.73 9.37
CA LEU C 109 38.72 -30.24 9.68
C LEU C 109 38.74 -31.24 10.83
N LYS C 110 37.88 -31.01 11.82
CA LYS C 110 37.74 -31.90 13.00
C LYS C 110 36.31 -32.41 13.00
N VAL C 111 36.13 -33.69 12.67
CA VAL C 111 34.77 -34.27 12.52
C VAL C 111 34.34 -34.96 13.83
N TYR C 112 33.12 -34.65 14.26
CA TYR C 112 32.48 -35.23 15.47
C TYR C 112 31.12 -35.81 15.06
N ARG C 113 30.75 -36.91 15.70
CA ARG C 113 29.49 -37.61 15.39
C ARG C 113 29.13 -38.54 16.56
N ALA C 114 27.97 -39.17 16.48
CA ALA C 114 27.54 -40.14 17.51
C ALA C 114 28.44 -41.37 17.49
N ASN C 115 28.54 -42.07 18.62
CA ASN C 115 29.34 -43.31 18.74
C ASN C 115 28.70 -44.40 17.88
N GLU C 116 27.41 -44.27 17.59
CA GLU C 116 26.66 -45.24 16.78
C GLU C 116 26.42 -44.64 15.38
N SER C 117 26.77 -45.39 14.33
CA SER C 117 26.55 -44.96 12.91
C SER C 117 25.05 -44.85 12.62
N ALA C 118 24.71 -44.22 11.50
CA ALA C 118 23.29 -44.09 11.09
C ALA C 118 22.59 -45.45 11.07
N ASN C 119 23.22 -46.49 10.51
CA ASN C 119 22.57 -47.84 10.41
C ASN C 119 22.43 -48.49 11.79
N TRP C 120 23.37 -48.24 12.70
CA TRP C 120 23.31 -48.74 14.10
C TRP C 120 22.11 -48.07 14.78
N GLN C 121 21.99 -46.75 14.63
CA GLN C 121 20.85 -45.98 15.21
C GLN C 121 19.53 -46.53 14.67
N GLU C 122 19.42 -46.70 13.34
CA GLU C 122 18.14 -47.21 12.77
C GLU C 122 17.85 -48.62 13.29
N ALA C 123 18.88 -49.45 13.48
CA ALA C 123 18.66 -50.83 13.99
C ALA C 123 18.11 -50.78 15.42
N ARG C 124 18.56 -49.82 16.22
CA ARG C 124 18.07 -49.71 17.62
C ARG C 124 16.71 -48.99 17.74
N TYR C 125 16.53 -47.86 17.05
CA TYR C 125 15.34 -46.98 17.28
C TYR C 125 14.40 -46.80 16.09
N GLY C 126 14.69 -47.40 14.93
CA GLY C 126 13.88 -47.07 13.74
C GLY C 126 14.32 -45.70 13.25
N LYS C 127 13.42 -44.92 12.65
CA LYS C 127 13.78 -43.58 12.13
C LYS C 127 13.26 -42.52 13.11
N LEU C 128 14.15 -42.04 13.99
CA LEU C 128 13.78 -41.05 15.04
C LEU C 128 13.08 -39.82 14.44
N TRP C 129 13.51 -39.37 13.24
CA TRP C 129 12.91 -38.15 12.62
C TRP C 129 11.43 -38.39 12.25
N GLU C 130 11.00 -39.64 12.19
CA GLU C 130 9.58 -39.94 11.81
C GLU C 130 8.73 -40.18 13.06
N GLN C 131 9.26 -39.87 14.26
CA GLN C 131 8.54 -40.17 15.53
C GLN C 131 8.13 -38.87 16.23
N GLY C 132 7.84 -37.82 15.45
CA GLY C 132 7.33 -36.54 15.97
C GLY C 132 8.37 -35.73 16.74
N ILE C 133 7.89 -34.67 17.39
CA ILE C 133 8.72 -33.72 18.20
C ILE C 133 9.68 -34.51 19.11
N GLU C 134 9.14 -35.51 19.80
N GLU C 134 9.15 -35.51 19.82
CA GLU C 134 9.93 -36.34 20.76
CA GLU C 134 9.94 -36.35 20.76
C GLU C 134 11.11 -37.03 20.04
C GLU C 134 11.11 -37.02 20.03
N GLY C 135 10.83 -37.69 18.90
CA GLY C 135 11.87 -38.37 18.11
C GLY C 135 12.92 -37.42 17.58
N ILE C 136 12.49 -36.27 17.03
CA ILE C 136 13.41 -35.23 16.46
C ILE C 136 14.35 -34.72 17.57
N GLU C 137 13.84 -34.55 18.79
CA GLU C 137 14.69 -34.06 19.92
C GLU C 137 15.74 -35.11 20.27
N LYS C 138 15.34 -36.39 20.33
CA LYS C 138 16.30 -37.50 20.60
C LYS C 138 17.39 -37.50 19.52
N TYR C 139 16.97 -37.33 18.26
CA TYR C 139 17.89 -37.32 17.10
C TYR C 139 18.86 -36.12 17.17
N ASN C 140 18.35 -34.96 17.54
CA ASN C 140 19.17 -33.72 17.61
C ASN C 140 20.21 -33.85 18.73
N LYS C 141 19.83 -34.42 19.86
CA LYS C 141 20.78 -34.55 21.01
C LYS C 141 21.88 -35.56 20.63
N LEU C 142 21.49 -36.65 19.95
CA LEU C 142 22.45 -37.73 19.59
C LEU C 142 23.36 -37.31 18.42
N ASN C 143 22.83 -36.60 17.43
CA ASN C 143 23.60 -36.36 16.18
C ASN C 143 24.06 -34.91 16.02
N LYS C 144 23.65 -33.99 16.89
CA LYS C 144 24.09 -32.57 16.73
C LYS C 144 24.62 -31.99 18.05
N VAL C 145 23.82 -32.03 19.12
CA VAL C 145 24.19 -31.35 20.40
C VAL C 145 25.36 -32.03 21.12
N GLU C 146 25.26 -33.33 21.41
CA GLU C 146 26.35 -33.99 22.18
C GLU C 146 27.67 -33.95 21.41
N PRO C 147 27.71 -34.25 20.09
CA PRO C 147 28.97 -34.16 19.34
C PRO C 147 29.58 -32.75 19.38
N MET C 148 28.76 -31.70 19.28
CA MET C 148 29.32 -30.32 19.36
C MET C 148 29.87 -30.08 20.78
N ARG C 149 29.15 -30.54 21.80
CA ARG C 149 29.62 -30.37 23.21
C ARG C 149 30.98 -31.05 23.39
N ARG C 150 31.10 -32.28 22.89
CA ARG C 150 32.36 -33.06 22.99
C ARG C 150 33.46 -32.37 22.17
N ALA C 151 33.12 -31.84 21.00
CA ALA C 151 34.17 -31.17 20.18
C ALA C 151 34.76 -29.97 20.93
N LEU C 152 33.91 -29.11 21.51
CA LEU C 152 34.40 -27.90 22.23
C LEU C 152 35.28 -28.35 23.40
N ASN C 153 34.88 -29.42 24.08
CA ASN C 153 35.66 -29.93 25.25
C ASN C 153 36.99 -30.56 24.80
N GLU C 154 36.96 -31.49 23.85
CA GLU C 154 38.23 -32.19 23.45
C GLU C 154 39.20 -31.24 22.73
N LEU C 155 38.69 -30.22 22.03
CA LEU C 155 39.60 -29.29 21.29
C LEU C 155 39.98 -28.11 22.20
N ASN C 156 39.57 -28.14 23.47
CA ASN C 156 40.00 -27.12 24.47
C ASN C 156 39.57 -25.72 24.01
N VAL C 157 38.38 -25.60 23.44
CA VAL C 157 37.91 -24.31 22.86
C VAL C 157 37.46 -23.34 23.95
N LYS C 158 38.02 -22.11 23.93
CA LYS C 158 37.58 -21.02 24.83
C LYS C 158 37.03 -19.87 23.98
N THR C 159 37.39 -19.83 22.69
CA THR C 159 36.85 -18.82 21.74
C THR C 159 36.29 -19.56 20.55
N TRP C 160 34.99 -19.42 20.34
CA TRP C 160 34.22 -20.11 19.30
C TRP C 160 33.71 -19.09 18.27
N PHE C 161 34.26 -19.16 17.06
CA PHE C 161 33.84 -18.29 15.93
C PHE C 161 32.60 -18.89 15.29
N SER C 162 31.57 -18.07 15.07
CA SER C 162 30.32 -18.54 14.44
C SER C 162 29.85 -17.50 13.40
N GLY C 163 29.17 -17.97 12.35
CA GLY C 163 28.69 -17.09 11.26
C GLY C 163 27.30 -16.52 11.48
N LEU C 164 26.75 -16.56 12.70
CA LEU C 164 25.38 -16.03 12.96
C LEU C 164 25.33 -14.55 12.53
N ARG C 165 24.19 -14.13 11.96
CA ARG C 165 24.00 -12.71 11.51
C ARG C 165 22.64 -12.21 12.02
N ARG C 166 22.61 -10.98 12.53
CA ARG C 166 21.37 -10.30 13.03
C ARG C 166 20.24 -10.39 12.01
N GLU C 167 20.55 -10.15 10.73
CA GLU C 167 19.58 -10.18 9.60
C GLU C 167 18.81 -11.53 9.60
N GLN C 168 19.44 -12.58 10.13
CA GLN C 168 18.87 -13.95 10.08
C GLN C 168 18.29 -14.38 11.44
N SER C 169 18.38 -13.54 12.47
CA SER C 169 17.84 -13.90 13.81
C SER C 169 16.31 -14.08 13.72
N GLY C 174 18.92 -9.22 19.47
CA GLY C 174 20.11 -8.55 20.02
C GLY C 174 21.32 -9.47 20.07
N LEU C 175 22.09 -9.52 18.99
CA LEU C 175 23.30 -10.39 18.89
C LEU C 175 24.56 -9.53 18.99
N PRO C 176 25.26 -9.53 20.15
CA PRO C 176 26.53 -8.84 20.25
C PRO C 176 27.63 -9.64 19.53
N ILE C 177 28.68 -8.95 19.08
CA ILE C 177 29.83 -9.63 18.43
C ILE C 177 30.47 -10.59 19.44
N LEU C 178 30.60 -10.15 20.70
CA LEU C 178 31.25 -10.97 21.75
C LEU C 178 30.31 -11.17 22.95
N SER C 179 30.12 -12.42 23.34
CA SER C 179 29.30 -12.79 24.53
C SER C 179 29.75 -14.17 25.01
N ILE C 180 29.22 -14.61 26.14
CA ILE C 180 29.52 -15.96 26.69
C ILE C 180 28.34 -16.87 26.31
N GLN C 181 28.59 -17.92 25.54
CA GLN C 181 27.54 -18.90 25.14
C GLN C 181 28.15 -20.31 25.27
N ASN C 182 27.41 -21.25 25.86
CA ASN C 182 27.91 -22.65 26.03
C ASN C 182 29.20 -22.65 26.85
N GLY C 183 29.38 -21.68 27.75
CA GLY C 183 30.55 -21.62 28.66
C GLY C 183 31.81 -21.09 28.00
N VAL C 184 31.74 -20.58 26.76
CA VAL C 184 32.96 -20.08 26.08
C VAL C 184 32.70 -18.68 25.50
N PHE C 185 33.76 -18.02 25.04
CA PHE C 185 33.56 -16.73 24.33
C PHE C 185 32.93 -17.07 22.96
N LYS C 186 31.75 -16.51 22.68
CA LYS C 186 31.15 -16.75 21.35
C LYS C 186 31.38 -15.47 20.55
N PHE C 187 32.07 -15.61 19.42
CA PHE C 187 32.52 -14.43 18.63
C PHE C 187 31.89 -14.49 17.24
N LEU C 188 31.13 -13.44 16.90
CA LEU C 188 30.36 -13.39 15.62
C LEU C 188 30.93 -12.26 14.78
N PRO C 189 31.99 -12.52 13.98
CA PRO C 189 32.67 -11.45 13.24
C PRO C 189 31.86 -10.87 12.08
N VAL C 190 30.83 -11.58 11.58
CA VAL C 190 30.02 -11.04 10.45
C VAL C 190 28.58 -10.79 10.91
N VAL C 191 28.39 -10.57 12.20
CA VAL C 191 27.03 -10.45 12.81
C VAL C 191 26.22 -9.33 12.15
N ASP C 192 26.88 -8.29 11.64
CA ASP C 192 26.20 -7.10 11.05
C ASP C 192 26.16 -7.17 9.52
N TRP C 193 26.52 -8.33 8.94
CA TRP C 193 26.53 -8.48 7.46
C TRP C 193 25.14 -8.85 6.92
N SER C 194 24.82 -8.31 5.75
CA SER C 194 23.57 -8.60 5.00
C SER C 194 23.84 -9.71 3.99
N ASN C 195 22.78 -10.24 3.37
CA ASN C 195 22.94 -11.24 2.28
C ASN C 195 23.77 -10.61 1.17
N LYS C 196 23.66 -9.30 0.96
CA LYS C 196 24.46 -8.62 -0.11
C LYS C 196 25.94 -8.66 0.28
N ASP C 197 26.25 -8.42 1.56
CA ASP C 197 27.66 -8.41 2.02
C ASP C 197 28.26 -9.81 1.80
N VAL C 198 27.48 -10.84 2.08
CA VAL C 198 27.93 -12.26 1.92
C VAL C 198 28.22 -12.52 0.43
N HIS C 199 27.28 -12.12 -0.42
CA HIS C 199 27.37 -12.37 -1.88
C HIS C 199 28.61 -11.67 -2.45
N TYR C 200 28.78 -10.39 -2.08
CA TYR C 200 29.93 -9.57 -2.54
C TYR C 200 31.23 -10.25 -2.13
N TYR C 201 31.34 -10.65 -0.86
CA TYR C 201 32.55 -11.32 -0.32
C TYR C 201 32.87 -12.59 -1.13
N LEU C 202 31.86 -13.45 -1.36
CA LEU C 202 32.11 -14.70 -2.12
C LEU C 202 32.71 -14.40 -3.51
N LYS C 203 32.12 -13.44 -4.23
N LYS C 203 32.17 -13.41 -4.23
CA LYS C 203 32.62 -13.05 -5.57
CA LYS C 203 32.67 -13.09 -5.59
C LYS C 203 34.03 -12.45 -5.46
C LYS C 203 34.05 -12.41 -5.49
N GLU C 204 34.24 -11.57 -4.47
CA GLU C 204 35.51 -10.86 -4.22
C GLU C 204 36.68 -11.84 -4.03
N HIS C 205 36.42 -13.01 -3.43
CA HIS C 205 37.49 -13.98 -3.10
C HIS C 205 37.42 -15.25 -3.95
N GLY C 206 36.61 -15.25 -5.01
CA GLY C 206 36.50 -16.42 -5.90
C GLY C 206 35.92 -17.63 -5.20
N LEU C 207 35.05 -17.40 -4.20
CA LEU C 207 34.44 -18.49 -3.42
C LEU C 207 33.08 -18.85 -4.01
N SER C 208 32.60 -20.05 -3.69
N SER C 208 32.59 -20.05 -3.70
CA SER C 208 31.30 -20.49 -4.27
CA SER C 208 31.29 -20.47 -4.27
C SER C 208 30.25 -20.70 -3.17
C SER C 208 30.25 -20.72 -3.18
N TYR C 209 28.98 -20.63 -3.57
CA TYR C 209 27.85 -20.96 -2.68
C TYR C 209 27.80 -22.49 -2.65
N HIS C 210 27.09 -23.06 -1.68
CA HIS C 210 26.85 -24.53 -1.67
C HIS C 210 26.19 -24.88 -3.00
N PRO C 211 26.48 -26.08 -3.58
CA PRO C 211 25.89 -26.47 -4.86
C PRO C 211 24.36 -26.41 -4.94
N LEU C 212 23.63 -26.58 -3.82
CA LEU C 212 22.14 -26.59 -3.88
C LEU C 212 21.58 -25.16 -4.00
N TRP C 213 22.45 -24.16 -3.87
CA TRP C 213 22.04 -22.75 -4.14
C TRP C 213 21.46 -22.67 -5.56
N GLU C 214 22.06 -23.39 -6.50
CA GLU C 214 21.64 -23.40 -7.93
C GLU C 214 20.23 -24.03 -8.07
N GLN C 215 19.78 -24.77 -7.04
CA GLN C 215 18.43 -25.39 -7.05
C GLN C 215 17.52 -24.57 -6.13
N GLY C 216 17.98 -23.39 -5.72
CA GLY C 216 17.13 -22.47 -4.93
C GLY C 216 17.09 -22.78 -3.44
N TYR C 217 17.99 -23.64 -2.93
CA TYR C 217 17.98 -23.89 -1.47
C TYR C 217 18.59 -22.66 -0.78
N LEU C 218 17.96 -22.23 0.30
CA LEU C 218 18.41 -21.04 1.07
C LEU C 218 19.06 -21.56 2.35
N SER C 219 18.67 -22.78 2.73
CA SER C 219 19.20 -23.49 3.92
C SER C 219 19.24 -24.98 3.61
N VAL C 220 20.23 -25.68 4.16
CA VAL C 220 20.37 -27.15 3.92
C VAL C 220 20.74 -27.81 5.24
N GLY C 221 20.10 -28.95 5.51
CA GLY C 221 20.37 -29.76 6.71
C GLY C 221 20.45 -31.21 6.33
N ASP C 222 19.59 -32.03 6.93
CA ASP C 222 19.58 -33.48 6.64
C ASP C 222 18.62 -33.73 5.46
N THR C 223 18.84 -34.82 4.74
CA THR C 223 18.01 -35.19 3.57
C THR C 223 16.57 -35.53 3.97
N HIS C 224 16.35 -35.99 5.21
CA HIS C 224 15.01 -36.47 5.66
C HIS C 224 14.17 -35.39 6.38
N THR C 225 14.71 -34.18 6.60
CA THR C 225 13.92 -33.14 7.33
C THR C 225 14.13 -31.79 6.64
N SER D 10 15.83 66.23 33.89
CA SER D 10 16.06 66.28 32.41
C SER D 10 14.95 65.55 31.68
N THR D 11 14.72 64.29 32.04
CA THR D 11 13.71 63.40 31.41
C THR D 11 12.43 63.37 32.25
N LEU D 12 11.27 63.55 31.60
CA LEU D 12 9.95 63.46 32.29
C LEU D 12 9.71 61.97 32.60
N GLN D 13 9.44 61.67 33.88
CA GLN D 13 9.28 60.29 34.42
C GLN D 13 7.79 59.90 34.47
N LEU D 14 7.48 58.74 33.90
CA LEU D 14 6.11 58.17 33.74
C LEU D 14 5.45 57.76 35.08
N SER D 15 6.23 57.22 36.03
CA SER D 15 5.71 56.68 37.33
C SER D 15 4.74 57.66 38.02
N GLU D 16 5.12 58.94 38.07
CA GLU D 16 4.29 60.01 38.68
C GLU D 16 2.88 59.96 38.07
N LEU D 17 2.83 60.28 36.78
CA LEU D 17 1.61 60.43 35.95
C LEU D 17 0.72 59.19 36.03
N LEU D 18 1.29 57.99 36.22
CA LEU D 18 0.46 56.75 36.21
C LEU D 18 -0.48 56.67 37.41
N SER D 19 -0.16 57.31 38.52
CA SER D 19 -1.06 57.23 39.70
C SER D 19 -1.99 58.45 39.75
N LEU D 20 -2.08 59.19 38.64
CA LEU D 20 -2.95 60.39 38.58
C LEU D 20 -4.21 60.10 37.76
N THR D 21 -5.27 60.85 38.01
CA THR D 21 -6.51 60.70 37.21
C THR D 21 -6.22 61.24 35.81
N LYS D 22 -7.05 60.88 34.83
CA LYS D 22 -6.91 61.35 33.43
C LYS D 22 -6.90 62.88 33.42
N ALA D 23 -7.75 63.51 34.25
CA ALA D 23 -7.84 64.99 34.32
C ALA D 23 -6.49 65.58 34.81
N GLU D 24 -5.92 65.00 35.87
CA GLU D 24 -4.64 65.48 36.45
C GLU D 24 -3.51 65.33 35.42
N GLN D 25 -3.52 64.21 34.69
CA GLN D 25 -2.49 63.98 33.63
C GLN D 25 -2.63 65.08 32.57
N SER D 26 -3.87 65.39 32.18
CA SER D 26 -4.11 66.39 31.10
C SER D 26 -3.59 67.78 31.54
N ILE D 27 -3.80 68.12 32.81
CA ILE D 27 -3.31 69.42 33.39
C ILE D 27 -1.77 69.42 33.35
N ARG D 28 -1.15 68.36 33.86
CA ARG D 28 0.34 68.26 33.88
C ARG D 28 0.94 68.35 32.45
N LEU D 29 0.26 67.83 31.42
CA LEU D 29 0.85 67.85 30.05
C LEU D 29 0.26 68.98 29.18
N ALA D 30 -0.56 69.88 29.73
CA ALA D 30 -1.22 70.92 28.91
C ALA D 30 -0.21 71.85 28.21
N GLU D 31 0.75 72.41 28.96
CA GLU D 31 1.69 73.39 28.39
C GLU D 31 2.59 72.71 27.35
N ILE D 32 3.08 71.51 27.64
CA ILE D 32 3.93 70.75 26.69
C ILE D 32 3.17 70.52 25.39
N ASN D 33 1.88 70.20 25.47
CA ASN D 33 1.08 69.92 24.25
C ASN D 33 0.97 71.18 23.38
N VAL D 34 0.77 72.34 23.99
CA VAL D 34 0.67 73.59 23.20
C VAL D 34 2.03 73.86 22.53
N GLU D 35 3.15 73.62 23.23
CA GLU D 35 4.50 73.82 22.63
C GLU D 35 4.71 72.82 21.48
N LEU D 36 4.39 71.55 21.71
CA LEU D 36 4.61 70.53 20.64
C LEU D 36 3.80 70.82 19.37
N GLU D 37 2.57 71.33 19.51
N GLU D 37 2.58 71.35 19.53
CA GLU D 37 1.71 71.65 18.34
CA GLU D 37 1.67 71.67 18.40
C GLU D 37 2.44 72.62 17.40
C GLU D 37 2.36 72.65 17.43
N MET D 38 3.22 73.54 17.95
CA MET D 38 3.94 74.55 17.12
C MET D 38 5.14 73.92 16.40
N LEU D 39 5.59 72.71 16.80
CA LEU D 39 6.78 72.09 16.16
C LEU D 39 6.38 71.22 14.96
N SER D 40 7.38 70.90 14.13
CA SER D 40 7.20 69.95 12.99
C SER D 40 7.17 68.52 13.55
N ALA D 41 6.64 67.58 12.77
CA ALA D 41 6.64 66.15 13.18
C ALA D 41 8.07 65.72 13.56
N GLN D 42 9.06 66.09 12.74
CA GLN D 42 10.48 65.73 13.01
C GLN D 42 10.93 66.26 14.38
N GLU D 43 10.62 67.53 14.66
CA GLU D 43 11.05 68.19 15.93
C GLU D 43 10.27 67.60 17.11
N ARG D 44 9.05 67.15 16.87
CA ARG D 44 8.26 66.52 17.95
C ARG D 44 8.95 65.21 18.34
N VAL D 45 9.35 64.40 17.35
CA VAL D 45 10.06 63.11 17.62
C VAL D 45 11.36 63.41 18.38
N ALA D 46 12.14 64.38 17.90
CA ALA D 46 13.40 64.75 18.59
C ALA D 46 13.11 65.10 20.05
N TRP D 47 12.08 65.93 20.29
CA TRP D 47 11.72 66.31 21.68
C TRP D 47 11.39 65.05 22.51
N ALA D 48 10.60 64.14 21.95
CA ALA D 48 10.21 62.90 22.66
C ALA D 48 11.45 62.05 22.99
N LEU D 49 12.37 61.91 22.04
CA LEU D 49 13.58 61.06 22.24
C LEU D 49 14.48 61.67 23.33
N GLN D 50 14.49 63.00 23.44
CA GLN D 50 15.36 63.74 24.39
C GLN D 50 14.69 63.96 25.76
N ASN D 51 13.36 64.07 25.82
CA ASN D 51 12.69 64.51 27.09
C ASN D 51 11.76 63.47 27.72
N LEU D 52 11.37 62.41 27.01
CA LEU D 52 10.48 61.40 27.63
C LEU D 52 11.28 60.14 27.95
N GLU D 53 10.99 59.53 29.09
CA GLU D 53 11.68 58.30 29.53
C GLU D 53 11.51 57.19 28.48
N GLY D 54 12.56 56.39 28.28
CA GLY D 54 12.55 55.23 27.39
C GLY D 54 12.13 53.97 28.14
N ALA D 55 12.10 52.82 27.48
CA ALA D 55 12.48 52.69 26.09
C ALA D 55 11.43 53.32 25.17
N HIS D 56 11.89 53.80 24.01
CA HIS D 56 11.02 54.36 22.94
C HIS D 56 10.77 53.24 21.93
N ALA D 57 9.55 53.15 21.42
CA ALA D 57 9.24 52.15 20.38
C ALA D 57 8.20 52.76 19.44
N VAL D 58 8.16 52.28 18.21
CA VAL D 58 7.11 52.70 17.25
C VAL D 58 6.32 51.44 16.88
N SER D 59 4.99 51.53 16.82
CA SER D 59 4.19 50.38 16.35
C SER D 59 3.73 50.69 14.92
N SER D 60 3.54 49.65 14.11
CA SER D 60 3.03 49.88 12.74
C SER D 60 2.22 48.67 12.29
N SER D 61 1.12 48.92 11.58
N SER D 61 1.12 48.95 11.59
CA SER D 61 0.32 47.84 10.96
CA SER D 61 0.26 47.91 10.95
C SER D 61 0.84 47.61 9.53
C SER D 61 0.74 47.71 9.50
N PHE D 62 1.77 48.46 9.09
CA PHE D 62 2.34 48.38 7.72
C PHE D 62 1.23 48.54 6.68
N GLY D 63 0.30 49.46 6.96
CA GLY D 63 -0.80 49.81 6.06
C GLY D 63 -0.38 50.79 4.96
N ILE D 64 -1.38 51.44 4.33
CA ILE D 64 -1.17 52.31 3.14
C ILE D 64 -0.06 53.35 3.34
N GLN D 65 -0.09 54.10 4.45
CA GLN D 65 0.86 55.23 4.65
C GLN D 65 1.93 54.90 5.71
N ALA D 66 2.19 53.61 5.95
CA ALA D 66 3.09 53.20 7.06
C ALA D 66 4.53 53.73 6.90
N ALA D 67 5.03 53.90 5.68
CA ALA D 67 6.45 54.33 5.49
C ALA D 67 6.72 55.67 6.18
N VAL D 68 5.70 56.52 6.34
CA VAL D 68 5.94 57.86 6.96
C VAL D 68 6.52 57.68 8.38
N MET D 69 5.77 57.09 9.31
CA MET D 69 6.23 56.95 10.73
C MET D 69 7.53 56.16 10.82
N LEU D 70 7.67 55.09 10.03
CA LEU D 70 8.85 54.21 10.12
C LEU D 70 10.12 54.97 9.71
N HIS D 71 10.04 55.78 8.64
CA HIS D 71 11.21 56.57 8.17
C HIS D 71 11.48 57.72 9.16
N LEU D 72 10.42 58.45 9.54
CA LEU D 72 10.52 59.61 10.45
C LEU D 72 11.28 59.23 11.73
N VAL D 73 10.85 58.15 12.40
CA VAL D 73 11.48 57.77 13.69
C VAL D 73 12.84 57.07 13.49
N SER D 74 12.93 56.11 12.57
CA SER D 74 14.20 55.36 12.35
C SER D 74 15.33 56.32 11.92
N LYS D 75 15.00 57.42 11.23
CA LYS D 75 16.08 58.36 10.82
C LYS D 75 16.69 59.04 12.05
N GLN D 76 15.94 59.14 13.16
CA GLN D 76 16.45 59.81 14.38
C GLN D 76 17.02 58.79 15.39
N GLN D 77 16.49 57.57 15.39
CA GLN D 77 17.02 56.46 16.24
C GLN D 77 16.99 55.21 15.35
N ALA D 78 18.15 54.87 14.77
CA ALA D 78 18.26 53.78 13.77
C ALA D 78 17.76 52.44 14.32
N ASP D 79 18.06 52.12 15.57
CA ASP D 79 17.69 50.79 16.11
C ASP D 79 16.37 50.87 16.90
N ILE D 80 15.54 51.88 16.63
CA ILE D 80 14.29 51.95 17.45
C ILE D 80 13.48 50.67 17.21
N PRO D 81 12.99 50.01 18.28
CA PRO D 81 12.15 48.83 18.12
C PRO D 81 10.86 49.16 17.37
N VAL D 82 10.56 48.37 16.34
CA VAL D 82 9.30 48.51 15.54
C VAL D 82 8.41 47.33 15.90
N ILE D 83 7.31 47.61 16.60
CA ILE D 83 6.39 46.54 17.06
C ILE D 83 5.39 46.20 15.96
N LEU D 84 5.39 44.93 15.55
CA LEU D 84 4.42 44.40 14.58
C LEU D 84 3.63 43.28 15.26
N THR D 85 2.30 43.40 15.28
CA THR D 85 1.43 42.30 15.77
C THR D 85 0.97 41.56 14.52
N ASP D 86 1.46 40.35 14.32
CA ASP D 86 1.07 39.58 13.12
C ASP D 86 -0.18 38.77 13.47
N THR D 87 -1.32 39.11 12.89
CA THR D 87 -2.59 38.41 13.16
C THR D 87 -2.54 37.01 12.53
N GLY D 88 -1.61 36.83 11.59
CA GLY D 88 -1.48 35.61 10.79
C GLY D 88 -2.32 35.67 9.52
N TYR D 89 -3.08 36.76 9.33
CA TYR D 89 -3.97 36.89 8.14
C TYR D 89 -3.74 38.20 7.37
N LEU D 90 -2.55 38.80 7.49
CA LEU D 90 -2.32 40.05 6.72
C LEU D 90 -2.30 39.71 5.22
N PHE D 91 -2.60 40.71 4.37
CA PHE D 91 -2.51 40.47 2.91
C PHE D 91 -1.09 40.05 2.56
N PRO D 92 -0.93 39.16 1.53
CA PRO D 92 0.40 38.80 1.05
C PRO D 92 1.23 40.06 0.75
N GLU D 93 0.59 41.07 0.13
CA GLU D 93 1.26 42.35 -0.19
C GLU D 93 1.72 43.06 1.08
N THR D 94 1.02 42.87 2.22
CA THR D 94 1.45 43.53 3.48
C THR D 94 2.72 42.84 3.97
N TYR D 95 2.76 41.52 3.94
CA TYR D 95 3.99 40.77 4.34
C TYR D 95 5.17 41.21 3.44
N GLN D 96 4.93 41.34 2.13
CA GLN D 96 5.99 41.77 1.18
C GLN D 96 6.43 43.20 1.51
N PHE D 97 5.49 44.07 1.89
CA PHE D 97 5.81 45.47 2.26
C PHE D 97 6.64 45.48 3.56
N ILE D 98 6.26 44.66 4.55
CA ILE D 98 7.02 44.54 5.83
C ILE D 98 8.47 44.16 5.49
N ASP D 99 8.65 43.15 4.65
CA ASP D 99 10.01 42.69 4.24
C ASP D 99 10.78 43.81 3.51
N GLU D 100 10.13 44.52 2.58
N GLU D 100 10.10 44.51 2.58
CA GLU D 100 10.83 45.58 1.81
CA GLU D 100 10.70 45.62 1.80
C GLU D 100 11.24 46.75 2.73
C GLU D 100 11.24 46.70 2.74
N LEU D 101 10.34 47.23 3.60
CA LEU D 101 10.66 48.33 4.55
C LEU D 101 11.67 47.87 5.61
N THR D 102 11.58 46.63 6.07
CA THR D 102 12.56 46.16 7.08
C THR D 102 13.96 46.26 6.46
N LYS D 103 14.09 45.87 5.19
CA LYS D 103 15.41 45.90 4.52
C LYS D 103 15.80 47.34 4.13
N SER D 104 14.92 48.10 3.48
CA SER D 104 15.28 49.46 2.99
C SER D 104 15.53 50.45 4.14
N LEU D 105 14.80 50.34 5.26
CA LEU D 105 15.01 51.29 6.39
C LEU D 105 15.85 50.64 7.52
N ASN D 106 16.32 49.41 7.32
CA ASN D 106 17.11 48.67 8.35
C ASN D 106 16.34 48.71 9.68
N LEU D 107 15.08 48.28 9.67
CA LEU D 107 14.24 48.34 10.90
C LEU D 107 14.60 47.23 11.88
N ASN D 108 14.50 47.58 13.17
CA ASN D 108 14.71 46.62 14.29
C ASN D 108 13.31 46.05 14.57
N LEU D 109 12.87 45.10 13.73
CA LEU D 109 11.48 44.58 13.75
C LEU D 109 11.27 43.58 14.89
N LYS D 110 10.27 43.83 15.72
CA LYS D 110 9.91 42.96 16.87
C LYS D 110 8.51 42.41 16.61
N VAL D 111 8.43 41.13 16.27
CA VAL D 111 7.11 40.51 15.90
C VAL D 111 6.45 39.85 17.12
N TYR D 112 5.18 40.15 17.32
CA TYR D 112 4.35 39.59 18.42
C TYR D 112 3.09 38.97 17.80
N ARG D 113 2.63 37.89 18.42
CA ARG D 113 1.44 37.17 17.90
C ARG D 113 0.89 36.26 18.99
N ALA D 114 -0.28 35.68 18.75
CA ALA D 114 -0.90 34.72 19.69
C ALA D 114 0.00 33.49 19.85
N ASN D 115 -0.20 32.74 20.95
CA ASN D 115 0.58 31.51 21.24
C ASN D 115 0.11 30.40 20.28
N GLU D 116 -1.10 30.52 19.75
CA GLU D 116 -1.69 29.55 18.81
C GLU D 116 -1.65 30.15 17.38
N SER D 117 -1.15 29.38 16.42
CA SER D 117 -1.09 29.81 15.00
C SER D 117 -2.51 29.93 14.43
N ALA D 118 -2.63 30.53 13.25
CA ALA D 118 -3.94 30.67 12.57
C ALA D 118 -4.63 29.30 12.42
N ASN D 119 -3.91 28.26 11.96
CA ASN D 119 -4.53 26.92 11.76
C ASN D 119 -4.94 26.30 13.11
N TRP D 120 -4.15 26.53 14.15
CA TRP D 120 -4.49 26.06 15.51
C TRP D 120 -5.78 26.75 15.97
N GLN D 121 -5.86 28.08 15.82
CA GLN D 121 -7.07 28.86 16.21
C GLN D 121 -8.30 28.33 15.46
N GLU D 122 -8.17 28.09 14.15
CA GLU D 122 -9.34 27.59 13.36
C GLU D 122 -9.75 26.18 13.82
N ALA D 123 -8.78 25.33 14.15
CA ALA D 123 -9.11 23.96 14.62
C ALA D 123 -9.84 24.03 15.97
N ARG D 124 -9.49 25.01 16.80
CA ARG D 124 -10.05 25.12 18.16
C ARG D 124 -11.34 25.94 18.18
N TYR D 125 -11.46 27.00 17.36
CA TYR D 125 -12.61 27.92 17.48
C TYR D 125 -13.44 28.07 16.20
N GLY D 126 -13.01 27.49 15.08
CA GLY D 126 -13.65 27.80 13.80
C GLY D 126 -13.14 29.16 13.34
N LYS D 127 -13.92 29.89 12.53
CA LYS D 127 -13.48 31.23 12.05
C LYS D 127 -14.17 32.30 12.90
N LEU D 128 -13.46 32.80 13.91
CA LEU D 128 -14.01 33.79 14.88
C LEU D 128 -14.57 35.03 14.17
N TRP D 129 -13.96 35.48 13.08
CA TRP D 129 -14.47 36.69 12.36
C TRP D 129 -15.85 36.45 11.77
N GLU D 130 -16.27 35.18 11.62
CA GLU D 130 -17.62 34.87 11.06
C GLU D 130 -18.62 34.60 12.20
N GLN D 131 -18.28 34.94 13.45
CA GLN D 131 -19.18 34.61 14.60
C GLN D 131 -19.70 35.88 15.28
N GLY D 132 -19.99 36.91 14.49
CA GLY D 132 -20.61 38.17 14.96
C GLY D 132 -19.68 39.01 15.83
N ILE D 133 -20.26 40.01 16.50
CA ILE D 133 -19.47 40.94 17.37
C ILE D 133 -18.72 40.13 18.43
N GLU D 134 -19.33 39.07 18.98
CA GLU D 134 -18.67 38.26 20.04
C GLU D 134 -17.39 37.62 19.49
N GLY D 135 -17.48 37.00 18.31
CA GLY D 135 -16.30 36.34 17.70
C GLY D 135 -15.24 37.34 17.33
N ILE D 136 -15.65 38.48 16.77
CA ILE D 136 -14.70 39.56 16.35
C ILE D 136 -13.94 40.06 17.60
N GLU D 137 -14.63 40.25 18.72
CA GLU D 137 -13.95 40.70 19.97
C GLU D 137 -12.94 39.63 20.44
N LYS D 138 -13.32 38.36 20.39
CA LYS D 138 -12.40 37.27 20.80
C LYS D 138 -11.17 37.27 19.88
N TYR D 139 -11.39 37.42 18.58
CA TYR D 139 -10.30 37.43 17.59
C TYR D 139 -9.34 38.61 17.85
N ASN D 140 -9.89 39.79 18.12
CA ASN D 140 -9.09 41.02 18.36
C ASN D 140 -8.24 40.87 19.62
N LYS D 141 -8.84 40.38 20.71
N LYS D 141 -8.83 40.35 20.71
CA LYS D 141 -8.09 40.17 21.98
CA LYS D 141 -8.10 40.15 21.98
C LYS D 141 -6.91 39.22 21.72
C LYS D 141 -6.92 39.19 21.78
N LEU D 142 -7.19 38.07 21.08
CA LEU D 142 -6.20 37.01 20.82
C LEU D 142 -5.09 37.44 19.84
N ASN D 143 -5.46 38.15 18.77
CA ASN D 143 -4.51 38.44 17.65
C ASN D 143 -4.04 39.89 17.59
N LYS D 144 -4.59 40.79 18.40
CA LYS D 144 -4.15 42.21 18.34
C LYS D 144 -3.88 42.79 19.73
N VAL D 145 -4.87 42.73 20.63
CA VAL D 145 -4.76 43.41 21.95
C VAL D 145 -3.72 42.73 22.84
N GLU D 146 -3.85 41.44 23.08
CA GLU D 146 -2.89 40.80 24.03
C GLU D 146 -1.47 40.87 23.48
N PRO D 147 -1.19 40.59 22.18
CA PRO D 147 0.18 40.68 21.67
C PRO D 147 0.79 42.09 21.81
N MET D 148 -0.02 43.14 21.66
CA MET D 148 0.51 44.53 21.79
C MET D 148 0.84 44.79 23.26
N ARG D 149 -0.07 44.39 24.16
CA ARG D 149 0.16 44.57 25.61
C ARG D 149 1.48 43.88 25.99
N ARG D 150 1.69 42.66 25.49
CA ARG D 150 2.90 41.86 25.82
C ARG D 150 4.13 42.53 25.19
N ALA D 151 4.00 43.03 23.96
CA ALA D 151 5.14 43.72 23.31
C ALA D 151 5.57 44.93 24.14
N LEU D 152 4.62 45.77 24.57
CA LEU D 152 4.97 47.00 25.34
C LEU D 152 5.69 46.59 26.64
N ASN D 153 5.22 45.54 27.30
CA ASN D 153 5.81 45.08 28.58
C ASN D 153 7.21 44.48 28.36
N GLU D 154 7.34 43.55 27.42
CA GLU D 154 8.63 42.84 27.22
C GLU D 154 9.70 43.79 26.69
N LEU D 155 9.30 44.82 25.93
CA LEU D 155 10.31 45.75 25.36
C LEU D 155 10.55 46.93 26.29
N ASN D 156 9.96 46.91 27.50
CA ASN D 156 10.19 47.96 28.53
C ASN D 156 9.80 49.34 27.97
N VAL D 157 8.74 49.38 27.19
CA VAL D 157 8.34 50.65 26.50
C VAL D 157 7.71 51.63 27.49
N LYS D 158 8.22 52.87 27.51
CA LYS D 158 7.58 53.95 28.31
C LYS D 158 7.13 55.07 27.37
N THR D 159 7.66 55.11 26.14
CA THR D 159 7.25 56.08 25.11
C THR D 159 6.89 55.32 23.84
N TRP D 160 5.61 55.39 23.48
CA TRP D 160 5.04 54.64 22.33
C TRP D 160 4.67 55.62 21.21
N PHE D 161 5.44 55.57 20.12
CA PHE D 161 5.18 56.40 18.91
C PHE D 161 4.13 55.72 18.05
N SER D 162 3.10 56.48 17.66
CA SER D 162 2.05 55.94 16.78
C SER D 162 1.70 56.96 15.69
N GLY D 163 1.32 56.46 14.50
CA GLY D 163 0.95 57.33 13.37
C GLY D 163 -0.53 57.74 13.36
N LEU D 164 -1.24 57.60 14.48
N LEU D 164 -1.23 57.62 14.48
CA LEU D 164 -2.68 58.01 14.51
CA LEU D 164 -2.67 58.00 14.54
C LEU D 164 -2.80 59.49 14.13
C LEU D 164 -2.84 59.49 14.17
N ARG D 165 -3.86 59.82 13.38
CA ARG D 165 -4.09 61.23 12.94
C ARG D 165 -5.52 61.66 13.28
N ARG D 166 -5.71 62.95 13.57
CA ARG D 166 -7.05 63.54 13.89
C ARG D 166 -7.94 63.45 12.65
N GLU D 167 -7.43 63.93 11.51
CA GLU D 167 -8.11 63.94 10.19
C GLU D 167 -9.15 65.09 10.12
N GLN D 168 -10.26 65.03 10.88
CA GLN D 168 -11.27 66.13 10.76
C GLN D 168 -12.15 66.33 12.01
N SER D 169 -12.79 65.27 12.51
CA SER D 169 -13.79 65.37 13.62
C SER D 169 -13.17 65.62 15.01
N GLN D 170 -11.97 65.09 15.29
CA GLN D 170 -11.38 65.26 16.66
C GLN D 170 -10.47 66.49 16.71
N SER D 171 -10.47 67.19 17.86
CA SER D 171 -9.68 68.43 18.10
C SER D 171 -8.37 68.11 18.83
N ARG D 172 -7.62 69.14 19.26
CA ARG D 172 -6.35 68.94 20.00
C ARG D 172 -6.62 68.17 21.30
N ALA D 173 -7.54 68.67 22.15
CA ALA D 173 -7.90 68.05 23.45
C ALA D 173 -8.41 66.61 23.25
N GLY D 174 -9.10 66.36 22.13
CA GLY D 174 -9.65 65.02 21.81
C GLY D 174 -8.54 64.00 21.55
N LEU D 175 -7.58 64.37 20.68
CA LEU D 175 -6.42 63.48 20.38
C LEU D 175 -5.16 64.33 20.48
N PRO D 176 -4.57 64.41 21.69
CA PRO D 176 -3.36 65.22 21.91
C PRO D 176 -2.11 64.57 21.36
N ILE D 177 -1.08 65.38 21.08
CA ILE D 177 0.23 64.84 20.64
C ILE D 177 0.78 63.92 21.74
N LEU D 178 0.62 64.34 23.01
CA LEU D 178 1.18 63.61 24.17
C LEU D 178 0.11 63.36 25.23
N SER D 179 -0.07 62.10 25.58
CA SER D 179 -1.05 61.70 26.63
C SER D 179 -0.61 60.34 27.17
N ILE D 180 -1.22 59.90 28.26
CA ILE D 180 -0.93 58.58 28.85
C ILE D 180 -1.99 57.59 28.34
N GLN D 181 -1.57 56.52 27.67
CA GLN D 181 -2.51 55.47 27.18
C GLN D 181 -1.86 54.11 27.39
N ASN D 182 -2.63 53.12 27.85
CA ASN D 182 -2.11 51.73 28.05
C ASN D 182 -0.89 51.75 28.98
N GLY D 183 -0.82 52.71 29.90
CA GLY D 183 0.27 52.76 30.92
C GLY D 183 1.56 53.38 30.41
N VAL D 184 1.57 54.00 29.23
CA VAL D 184 2.83 54.60 28.71
C VAL D 184 2.57 55.98 28.13
N PHE D 185 3.66 56.71 27.84
CA PHE D 185 3.49 57.97 27.09
C PHE D 185 3.10 57.62 25.67
N LYS D 186 1.95 58.10 25.20
CA LYS D 186 1.54 57.82 23.80
C LYS D 186 1.80 59.11 23.03
N PHE D 187 2.72 59.02 22.07
CA PHE D 187 3.23 60.20 21.32
C PHE D 187 2.84 60.08 19.83
N LEU D 188 2.06 61.07 19.37
CA LEU D 188 1.49 61.09 18.00
C LEU D 188 2.11 62.27 17.25
N PRO D 189 3.29 62.08 16.61
CA PRO D 189 4.00 63.20 15.96
C PRO D 189 3.36 63.71 14.66
N VAL D 190 2.54 62.90 13.99
CA VAL D 190 1.90 63.35 12.71
C VAL D 190 0.39 63.49 12.92
N VAL D 191 -0.01 63.77 14.16
CA VAL D 191 -1.46 63.79 14.55
C VAL D 191 -2.23 64.86 13.77
N ASP D 192 -1.56 65.93 13.32
CA ASP D 192 -2.25 67.05 12.63
C ASP D 192 -1.97 67.01 11.12
N TRP D 193 -1.46 65.88 10.62
CA TRP D 193 -1.12 65.78 9.17
C TRP D 193 -2.36 65.41 8.34
N SER D 194 -2.38 65.90 7.10
CA SER D 194 -3.40 65.57 6.08
C SER D 194 -2.82 64.50 5.15
N ASN D 195 -3.66 63.93 4.28
CA ASN D 195 -3.17 62.95 3.28
C ASN D 195 -2.22 63.69 2.32
N LYS D 196 -2.39 65.01 2.17
CA LYS D 196 -1.47 65.79 1.29
C LYS D 196 -0.08 65.80 1.94
N ASP D 197 -0.01 66.09 3.24
CA ASP D 197 1.28 66.08 3.97
C ASP D 197 1.96 64.70 3.79
N VAL D 198 1.18 63.62 3.91
CA VAL D 198 1.74 62.25 3.73
C VAL D 198 2.29 62.10 2.30
N HIS D 199 1.50 62.45 1.29
CA HIS D 199 1.96 62.33 -0.13
C HIS D 199 3.29 63.03 -0.34
N TYR D 200 3.41 64.30 0.07
CA TYR D 200 4.67 65.07 -0.16
C TYR D 200 5.80 64.51 0.71
N TYR D 201 5.51 63.98 1.91
CA TYR D 201 6.60 63.40 2.72
C TYR D 201 7.18 62.18 1.99
N LEU D 202 6.31 61.27 1.54
CA LEU D 202 6.76 60.06 0.79
C LEU D 202 7.55 60.49 -0.44
N LYS D 203 7.09 61.53 -1.14
CA LYS D 203 7.75 62.02 -2.38
C LYS D 203 9.12 62.62 -2.05
N GLU D 204 9.19 63.48 -1.04
CA GLU D 204 10.45 64.16 -0.63
C GLU D 204 11.52 63.13 -0.24
N HIS D 205 11.12 62.04 0.42
CA HIS D 205 12.11 61.04 0.95
C HIS D 205 12.21 59.77 0.09
N GLY D 206 11.59 59.74 -1.09
CA GLY D 206 11.69 58.56 -1.99
C GLY D 206 11.05 57.31 -1.41
N LEU D 207 9.98 57.47 -0.63
CA LEU D 207 9.29 56.31 0.01
C LEU D 207 8.06 55.92 -0.80
N SER D 208 7.58 54.69 -0.60
CA SER D 208 6.43 54.16 -1.37
C SER D 208 5.21 53.99 -0.48
N TYR D 209 4.04 53.98 -1.12
CA TYR D 209 2.80 53.59 -0.45
C TYR D 209 2.77 52.06 -0.43
N HIS D 210 1.91 51.48 0.40
CA HIS D 210 1.67 50.00 0.42
C HIS D 210 1.40 49.56 -1.02
N PRO D 211 1.86 48.36 -1.45
CA PRO D 211 1.63 47.92 -2.83
C PRO D 211 0.16 47.87 -3.30
N LEU D 212 -0.81 47.71 -2.40
CA LEU D 212 -2.24 47.62 -2.82
C LEU D 212 -2.84 49.02 -3.06
N TRP D 213 -2.11 50.08 -2.71
CA TRP D 213 -2.58 51.47 -2.98
C TRP D 213 -2.81 51.64 -4.49
N GLU D 214 -1.84 51.16 -5.28
CA GLU D 214 -1.82 51.25 -6.75
C GLU D 214 -2.94 50.39 -7.35
N GLN D 215 -3.46 49.44 -6.58
CA GLN D 215 -4.53 48.52 -7.05
C GLN D 215 -5.90 49.02 -6.55
N GLY D 216 -5.99 50.23 -6.01
CA GLY D 216 -7.30 50.81 -5.60
C GLY D 216 -7.70 50.53 -4.16
N TYR D 217 -6.84 49.91 -3.34
CA TYR D 217 -7.23 49.69 -1.92
C TYR D 217 -7.12 51.00 -1.15
N LEU D 218 -8.18 51.41 -0.45
CA LEU D 218 -8.12 52.67 0.35
C LEU D 218 -7.83 52.30 1.80
N SER D 219 -7.89 51.01 2.13
CA SER D 219 -7.58 50.50 3.48
C SER D 219 -7.11 49.04 3.34
N VAL D 220 -6.29 48.58 4.27
CA VAL D 220 -5.86 47.16 4.23
C VAL D 220 -6.14 46.59 5.62
N GLY D 221 -5.53 45.47 5.96
CA GLY D 221 -5.78 44.81 7.25
C GLY D 221 -5.73 43.32 7.05
N ASP D 222 -6.72 42.59 7.60
CA ASP D 222 -6.77 41.12 7.43
C ASP D 222 -7.52 40.78 6.14
N THR D 223 -7.06 39.74 5.43
CA THR D 223 -7.71 39.30 4.17
C THR D 223 -9.20 39.02 4.36
N HIS D 224 -9.58 38.50 5.53
CA HIS D 224 -10.99 38.08 5.77
C HIS D 224 -11.90 39.23 6.21
N THR D 225 -11.36 40.38 6.60
CA THR D 225 -12.25 41.43 7.16
C THR D 225 -12.15 42.75 6.38
N THR D 226 -11.02 43.03 5.75
CA THR D 226 -10.80 44.33 5.03
C THR D 226 -11.91 44.63 4.01
N GLN D 227 -12.39 45.88 4.02
CA GLN D 227 -13.36 46.46 3.04
C GLN D 227 -12.54 47.46 2.22
N LYS D 228 -11.98 47.02 1.09
CA LYS D 228 -10.99 47.80 0.32
C LYS D 228 -11.53 49.14 -0.19
N TRP D 229 -12.85 49.24 -0.40
CA TRP D 229 -13.48 50.48 -0.93
C TRP D 229 -13.59 51.57 0.15
N GLU D 230 -13.38 51.21 1.43
CA GLU D 230 -13.58 52.17 2.55
C GLU D 230 -12.25 52.84 2.89
N PRO D 231 -12.23 54.20 3.02
CA PRO D 231 -11.00 54.92 3.36
C PRO D 231 -10.49 54.59 4.77
N GLY D 232 -9.20 54.29 4.86
CA GLY D 232 -8.48 53.98 6.11
C GLY D 232 -6.99 53.94 5.84
N MET D 233 -6.49 54.95 5.12
CA MET D 233 -5.05 55.04 4.75
C MET D 233 -4.16 55.25 5.99
N SER D 234 -4.63 56.05 6.97
CA SER D 234 -3.82 56.33 8.20
C SER D 234 -3.80 55.12 9.15
N GLU D 235 -2.89 55.14 10.14
CA GLU D 235 -2.77 54.03 11.13
C GLU D 235 -4.11 53.83 11.82
N GLU D 236 -4.55 52.57 11.97
CA GLU D 236 -5.86 52.24 12.60
C GLU D 236 -5.72 52.24 14.13
N GLU D 237 -6.78 52.68 14.82
CA GLU D 237 -6.84 52.77 16.31
C GLU D 237 -7.02 51.38 16.93
N THR D 238 -5.93 50.76 17.38
CA THR D 238 -6.04 49.44 18.07
C THR D 238 -6.59 49.71 19.48
N ARG D 239 -7.71 49.08 19.83
CA ARG D 239 -8.36 49.31 21.16
C ARG D 239 -9.19 48.08 21.53
N LEU E 12 29.49 11.28 34.00
CA LEU E 12 28.47 11.89 33.08
C LEU E 12 28.52 13.41 33.16
N GLN E 13 29.59 14.00 32.62
CA GLN E 13 29.72 15.49 32.53
C GLN E 13 29.48 15.83 31.06
N LEU E 14 28.41 16.56 30.74
CA LEU E 14 28.13 16.84 29.31
C LEU E 14 29.30 17.57 28.65
N SER E 15 29.89 18.57 29.31
CA SER E 15 31.02 19.34 28.73
C SER E 15 32.20 18.43 28.40
N GLU E 16 32.44 17.40 29.22
CA GLU E 16 33.54 16.44 28.93
C GLU E 16 33.19 15.65 27.66
N LEU E 17 31.97 15.13 27.58
CA LEU E 17 31.54 14.29 26.41
C LEU E 17 31.50 15.13 25.11
N LEU E 18 31.17 16.43 25.21
CA LEU E 18 31.09 17.26 23.97
C LEU E 18 32.49 17.49 23.38
N SER E 19 33.56 17.23 24.14
CA SER E 19 34.95 17.43 23.65
C SER E 19 35.45 16.16 22.92
N LEU E 20 34.65 15.09 22.97
CA LEU E 20 35.04 13.79 22.35
C LEU E 20 34.39 13.63 20.98
N THR E 21 34.97 12.77 20.15
CA THR E 21 34.37 12.45 18.83
C THR E 21 33.11 11.61 19.09
N LYS E 22 32.26 11.44 18.08
CA LYS E 22 31.04 10.61 18.20
C LYS E 22 31.45 9.19 18.66
N ALA E 23 32.53 8.64 18.08
CA ALA E 23 33.04 7.29 18.39
C ALA E 23 33.47 7.21 19.86
N GLU E 24 34.23 8.20 20.33
CA GLU E 24 34.71 8.30 21.74
C GLU E 24 33.51 8.41 22.71
N GLN E 25 32.44 9.12 22.33
CA GLN E 25 31.23 9.23 23.18
C GLN E 25 30.56 7.85 23.30
N SER E 26 30.39 7.14 22.18
CA SER E 26 29.76 5.79 22.17
C SER E 26 30.53 4.85 23.11
N ILE E 27 31.87 4.89 23.05
CA ILE E 27 32.71 4.02 23.93
C ILE E 27 32.51 4.43 25.39
N ARG E 28 32.54 5.73 25.68
CA ARG E 28 32.41 6.19 27.10
C ARG E 28 31.01 5.88 27.66
N LEU E 29 29.97 5.85 26.82
CA LEU E 29 28.60 5.58 27.32
C LEU E 29 28.21 4.10 27.14
N ALA E 30 29.15 3.24 26.76
CA ALA E 30 28.84 1.82 26.44
C ALA E 30 28.27 1.08 27.65
N GLU E 31 28.94 1.19 28.80
CA GLU E 31 28.51 0.45 30.02
C GLU E 31 27.14 0.95 30.51
N ILE E 32 26.95 2.28 30.59
CA ILE E 32 25.66 2.81 31.09
C ILE E 32 24.53 2.36 30.15
N ASN E 33 24.78 2.33 28.84
CA ASN E 33 23.72 1.92 27.87
C ASN E 33 23.31 0.46 28.12
N VAL E 34 24.27 -0.42 28.41
CA VAL E 34 23.92 -1.84 28.69
C VAL E 34 23.09 -1.90 29.99
N GLU E 35 23.47 -1.12 31.01
CA GLU E 35 22.72 -1.07 32.29
C GLU E 35 21.29 -0.55 32.05
N LEU E 36 21.18 0.53 31.27
CA LEU E 36 19.86 1.16 30.99
C LEU E 36 18.95 0.21 30.22
N GLU E 37 19.54 -0.60 29.32
CA GLU E 37 18.77 -1.56 28.48
C GLU E 37 18.01 -2.55 29.39
N MET E 38 18.57 -2.86 30.57
N MET E 38 18.59 -2.86 30.56
CA MET E 38 17.95 -3.83 31.51
CA MET E 38 18.02 -3.82 31.54
C MET E 38 16.87 -3.16 32.35
C MET E 38 16.91 -3.16 32.38
N LEU E 39 16.81 -1.83 32.35
CA LEU E 39 15.78 -1.12 33.16
C LEU E 39 14.48 -0.99 32.36
N SER E 40 13.36 -0.81 33.07
CA SER E 40 12.05 -0.55 32.41
C SER E 40 12.03 0.91 31.93
N ALA E 41 11.08 1.26 31.05
CA ALA E 41 10.95 2.66 30.58
C ALA E 41 10.84 3.59 31.79
N GLN E 42 10.00 3.24 32.77
CA GLN E 42 9.83 4.08 33.99
C GLN E 42 11.17 4.25 34.73
N GLU E 43 11.91 3.16 34.93
CA GLU E 43 13.21 3.22 35.66
C GLU E 43 14.23 4.06 34.87
N ARG E 44 14.19 3.96 33.55
CA ARG E 44 15.11 4.75 32.68
C ARG E 44 14.84 6.25 32.89
N VAL E 45 13.57 6.67 32.82
CA VAL E 45 13.22 8.10 33.07
C VAL E 45 13.71 8.50 34.46
N ALA E 46 13.40 7.69 35.49
CA ALA E 46 13.83 7.98 36.88
C ALA E 46 15.35 8.17 36.91
N TRP E 47 16.08 7.26 36.26
CA TRP E 47 17.57 7.32 36.25
C TRP E 47 18.05 8.63 35.61
N ALA E 48 17.46 9.01 34.48
CA ALA E 48 17.86 10.26 33.75
C ALA E 48 17.61 11.50 34.63
N LEU E 49 16.48 11.56 35.33
CA LEU E 49 16.16 12.74 36.16
C LEU E 49 17.14 12.83 37.34
N GLN E 50 17.62 11.68 37.83
CA GLN E 50 18.54 11.64 38.99
C GLN E 50 20.01 11.79 38.58
N ASN E 51 20.40 11.27 37.41
CA ASN E 51 21.84 11.19 37.06
C ASN E 51 22.29 12.10 35.90
N LEU E 52 21.39 12.64 35.09
CA LEU E 52 21.84 13.51 33.96
C LEU E 52 21.57 14.98 34.29
N GLU E 53 22.48 15.85 33.87
N GLU E 53 22.50 15.85 33.89
CA GLU E 53 22.45 17.32 34.09
CA GLU E 53 22.42 17.32 34.11
C GLU E 53 21.13 17.92 33.56
C GLU E 53 21.10 17.89 33.58
N GLY E 54 20.52 18.83 34.33
CA GLY E 54 19.29 19.53 33.94
C GLY E 54 19.67 20.78 33.12
N ALA E 55 18.68 21.49 32.60
CA ALA E 55 17.28 21.17 32.77
C ALA E 55 16.87 19.98 31.90
N HIS E 56 15.76 19.35 32.26
CA HIS E 56 15.20 18.22 31.50
C HIS E 56 13.98 18.72 30.72
N ALA E 57 13.77 18.18 29.54
CA ALA E 57 12.61 18.56 28.73
C ALA E 57 12.21 17.38 27.85
N VAL E 58 10.93 17.28 27.52
CA VAL E 58 10.45 16.24 26.58
C VAL E 58 9.92 16.96 25.32
N SER E 59 10.24 16.47 24.13
CA SER E 59 9.69 17.08 22.89
C SER E 59 8.59 16.16 22.39
N SER E 60 7.60 16.72 21.71
CA SER E 60 6.55 15.85 21.13
C SER E 60 5.95 16.52 19.90
N SER E 61 5.58 15.70 18.93
CA SER E 61 4.89 16.18 17.70
C SER E 61 3.39 15.87 17.87
N PHE E 62 3.02 15.32 19.02
CA PHE E 62 1.62 14.95 19.34
C PHE E 62 1.03 14.10 18.20
N GLY E 63 1.80 13.11 17.76
CA GLY E 63 1.40 12.15 16.72
C GLY E 63 0.55 11.03 17.30
N ILE E 64 0.40 9.96 16.53
CA ILE E 64 -0.51 8.81 16.86
C ILE E 64 -0.25 8.27 18.27
N GLN E 65 1.01 8.03 18.65
CA GLN E 65 1.33 7.36 19.94
C GLN E 65 1.96 8.33 20.95
N ALA E 66 1.78 9.64 20.77
CA ALA E 66 2.42 10.68 21.63
C ALA E 66 2.07 10.56 23.12
N ALA E 67 0.90 10.05 23.46
CA ALA E 67 0.49 10.01 24.89
C ALA E 67 1.46 9.17 25.73
N VAL E 68 2.09 8.15 25.15
CA VAL E 68 3.03 7.30 25.94
C VAL E 68 4.11 8.17 26.60
N MET E 69 4.92 8.86 25.79
CA MET E 69 6.04 9.67 26.35
C MET E 69 5.51 10.78 27.27
N LEU E 70 4.45 11.46 26.87
CA LEU E 70 3.96 12.60 27.67
C LEU E 70 3.50 12.14 29.06
N HIS E 71 2.79 11.01 29.12
CA HIS E 71 2.33 10.46 30.42
C HIS E 71 3.54 9.92 31.19
N LEU E 72 4.38 9.12 30.54
CA LEU E 72 5.54 8.47 31.20
C LEU E 72 6.43 9.51 31.90
N VAL E 73 6.78 10.58 31.20
CA VAL E 73 7.72 11.59 31.79
C VAL E 73 6.96 12.55 32.73
N SER E 74 5.77 13.02 32.36
CA SER E 74 5.04 14.00 33.23
C SER E 74 4.67 13.38 34.58
N LYS E 75 4.47 12.06 34.67
CA LYS E 75 4.11 11.44 35.98
C LYS E 75 5.34 11.45 36.91
N GLN E 76 6.54 11.59 36.37
CA GLN E 76 7.76 11.64 37.23
C GLN E 76 8.21 13.08 37.47
N GLN E 77 7.87 14.01 36.58
CA GLN E 77 8.18 15.46 36.77
C GLN E 77 6.98 16.22 36.18
N ALA E 78 5.99 16.53 37.04
CA ALA E 78 4.73 17.17 36.58
C ALA E 78 4.95 18.46 35.78
N ASP E 79 5.95 19.28 36.15
CA ASP E 79 6.15 20.60 35.47
C ASP E 79 7.23 20.50 34.37
N ILE E 80 7.55 19.29 33.89
CA ILE E 80 8.62 19.21 32.87
C ILE E 80 8.20 19.99 31.64
N PRO E 81 9.08 20.84 31.06
CA PRO E 81 8.75 21.54 29.83
C PRO E 81 8.50 20.56 28.68
N VAL E 82 7.36 20.74 28.01
CA VAL E 82 6.97 19.95 26.81
C VAL E 82 7.15 20.87 25.60
N ILE E 83 8.19 20.60 24.82
CA ILE E 83 8.52 21.42 23.63
C ILE E 83 7.70 20.97 22.42
N LEU E 84 6.88 21.87 21.89
CA LEU E 84 6.12 21.67 20.65
C LEU E 84 6.64 22.66 19.61
N THR E 85 7.08 22.16 18.45
CA THR E 85 7.41 23.05 17.33
C THR E 85 6.16 23.10 16.44
N ASP E 86 5.50 24.24 16.40
CA ASP E 86 4.27 24.40 15.57
C ASP E 86 4.71 24.88 14.19
N THR E 87 4.62 23.99 13.20
CA THR E 87 4.99 24.29 11.81
C THR E 87 3.99 25.29 11.22
N GLY E 88 2.81 25.40 11.85
CA GLY E 88 1.69 26.23 11.36
C GLY E 88 0.76 25.44 10.43
N TYR E 89 1.06 24.16 10.20
CA TYR E 89 0.30 23.32 9.23
C TYR E 89 -0.04 21.94 9.82
N LEU E 90 -0.08 21.83 11.14
CA LEU E 90 -0.45 20.51 11.73
C LEU E 90 -1.92 20.20 11.41
N PHE E 91 -2.28 18.92 11.40
CA PHE E 91 -3.71 18.58 11.16
C PHE E 91 -4.58 19.24 12.22
N PRO E 92 -5.81 19.65 11.88
CA PRO E 92 -6.73 20.19 12.87
C PRO E 92 -6.88 19.20 14.06
N GLU E 93 -6.90 17.90 13.74
CA GLU E 93 -7.01 16.85 14.80
C GLU E 93 -5.76 16.85 15.68
N THR E 94 -4.60 17.22 15.14
CA THR E 94 -3.38 17.29 15.97
C THR E 94 -3.52 18.46 16.95
N TYR E 95 -4.00 19.62 16.46
CA TYR E 95 -4.17 20.78 17.37
C TYR E 95 -5.17 20.43 18.48
N GLN E 96 -6.23 19.70 18.13
CA GLN E 96 -7.27 19.28 19.12
C GLN E 96 -6.63 18.30 20.10
N PHE E 97 -5.69 17.46 19.63
CA PHE E 97 -5.02 16.46 20.49
C PHE E 97 -4.06 17.17 21.45
N ILE E 98 -3.34 18.18 20.96
CA ILE E 98 -2.41 19.01 21.78
C ILE E 98 -3.22 19.61 22.95
N ASP E 99 -4.37 20.20 22.62
CA ASP E 99 -5.23 20.85 23.66
C ASP E 99 -5.78 19.79 24.60
N GLU E 100 -6.23 18.64 24.07
CA GLU E 100 -6.78 17.53 24.89
C GLU E 100 -5.74 17.03 25.90
N LEU E 101 -4.54 16.67 25.42
CA LEU E 101 -3.46 16.13 26.30
C LEU E 101 -2.89 17.20 27.22
N THR E 102 -2.76 18.44 26.75
CA THR E 102 -2.27 19.53 27.63
C THR E 102 -3.20 19.60 28.86
N LYS E 103 -4.50 19.45 28.65
CA LYS E 103 -5.47 19.55 29.76
C LYS E 103 -5.47 18.27 30.62
N SER E 104 -5.63 17.09 30.01
CA SER E 104 -5.75 15.82 30.77
C SER E 104 -4.46 15.45 31.50
N LEU E 105 -3.28 15.77 30.96
CA LEU E 105 -1.99 15.47 31.63
C LEU E 105 -1.41 16.72 32.33
N ASN E 106 -2.09 17.87 32.26
CA ASN E 106 -1.59 19.12 32.91
C ASN E 106 -0.14 19.38 32.46
N LEU E 107 0.07 19.43 31.15
CA LEU E 107 1.42 19.62 30.58
C LEU E 107 1.88 21.07 30.67
N ASN E 108 3.17 21.26 30.92
CA ASN E 108 3.84 22.58 30.88
C ASN E 108 4.26 22.78 29.42
N LEU E 109 3.31 23.13 28.55
CA LEU E 109 3.57 23.21 27.09
C LEU E 109 4.36 24.47 26.72
N LYS E 110 5.45 24.30 25.97
CA LYS E 110 6.30 25.42 25.50
C LYS E 110 6.25 25.41 23.97
N VAL E 111 5.63 26.43 23.37
CA VAL E 111 5.41 26.43 21.90
C VAL E 111 6.48 27.26 21.21
N TYR E 112 7.10 26.68 20.18
CA TYR E 112 8.14 27.37 19.39
C TYR E 112 7.74 27.30 17.93
N ARG E 113 8.07 28.36 17.19
CA ARG E 113 7.71 28.44 15.77
C ARG E 113 8.61 29.48 15.09
N ALA E 114 8.49 29.56 13.75
CA ALA E 114 9.25 30.54 12.95
C ALA E 114 8.84 31.96 13.34
N ASN E 115 9.73 32.94 13.10
CA ASN E 115 9.44 34.37 13.37
C ASN E 115 8.34 34.83 12.39
N GLU E 116 8.20 34.13 11.26
CA GLU E 116 7.20 34.48 10.21
C GLU E 116 6.09 33.44 10.23
N SER E 117 4.84 33.89 10.22
CA SER E 117 3.64 33.01 10.23
C SER E 117 3.53 32.26 8.89
N ALA E 118 2.72 31.22 8.85
CA ALA E 118 2.51 30.45 7.59
C ALA E 118 2.16 31.39 6.42
N ASN E 119 1.23 32.33 6.62
CA ASN E 119 0.81 33.23 5.51
C ASN E 119 1.97 34.16 5.10
N TRP E 120 2.77 34.59 6.07
CA TRP E 120 3.96 35.44 5.77
C TRP E 120 4.95 34.62 4.92
N GLN E 121 5.22 33.39 5.36
CA GLN E 121 6.16 32.50 4.62
C GLN E 121 5.68 32.30 3.18
N GLU E 122 4.39 32.04 3.00
CA GLU E 122 3.85 31.81 1.63
C GLU E 122 3.92 33.11 0.82
N ALA E 123 3.77 34.27 1.45
CA ALA E 123 3.87 35.56 0.73
C ALA E 123 5.32 35.79 0.29
N ARG E 124 6.26 35.42 1.14
CA ARG E 124 7.70 35.68 0.84
C ARG E 124 8.26 34.62 -0.12
N TYR E 125 7.90 33.34 0.04
CA TYR E 125 8.58 32.29 -0.76
C TYR E 125 7.66 31.45 -1.65
N GLY E 126 6.34 31.65 -1.57
CA GLY E 126 5.46 30.71 -2.25
C GLY E 126 5.34 29.48 -1.36
N LYS E 127 4.95 28.32 -1.89
CA LYS E 127 4.82 27.11 -1.02
C LYS E 127 6.13 26.33 -1.10
N LEU E 128 6.98 26.47 -0.07
CA LEU E 128 8.32 25.83 -0.06
C LEU E 128 8.23 24.31 -0.31
N TRP E 129 7.21 23.64 0.21
CA TRP E 129 7.10 22.17 0.05
C TRP E 129 6.88 21.76 -1.41
N GLU E 130 6.67 22.75 -2.31
CA GLU E 130 6.47 22.46 -3.76
C GLU E 130 7.69 22.94 -4.57
N GLN E 131 8.82 23.25 -3.93
CA GLN E 131 10.00 23.81 -4.68
C GLN E 131 11.26 22.94 -4.56
N GLY E 132 11.09 21.64 -4.74
CA GLY E 132 12.26 20.75 -4.74
C GLY E 132 12.84 20.56 -3.36
N ILE E 133 13.97 19.86 -3.28
CA ILE E 133 14.58 19.53 -1.97
C ILE E 133 15.14 20.79 -1.32
N GLU E 134 15.61 21.76 -2.10
CA GLU E 134 16.14 23.02 -1.50
C GLU E 134 14.98 23.70 -0.72
N GLY E 135 13.78 23.79 -1.33
CA GLY E 135 12.61 24.39 -0.68
C GLY E 135 12.17 23.59 0.55
N ILE E 136 12.12 22.27 0.43
CA ILE E 136 11.70 21.40 1.57
C ILE E 136 12.68 21.55 2.73
N GLU E 137 13.99 21.58 2.44
CA GLU E 137 15.01 21.70 3.52
C GLU E 137 14.90 23.09 4.16
N LYS E 138 14.64 24.11 3.34
CA LYS E 138 14.48 25.48 3.89
C LYS E 138 13.25 25.49 4.81
N TYR E 139 12.15 24.86 4.38
CA TYR E 139 10.92 24.76 5.18
C TYR E 139 11.21 24.04 6.51
N ASN E 140 11.91 22.91 6.44
CA ASN E 140 12.24 22.10 7.65
C ASN E 140 13.08 22.90 8.64
N LYS E 141 14.06 23.66 8.14
N LYS E 141 14.06 23.66 8.15
CA LYS E 141 14.94 24.45 9.04
CA LYS E 141 14.93 24.45 9.06
C LYS E 141 14.14 25.58 9.70
C LYS E 141 14.14 25.58 9.71
N LEU E 142 13.30 26.25 8.91
CA LEU E 142 12.50 27.41 9.40
C LEU E 142 11.42 26.99 10.40
N ASN E 143 10.79 25.83 10.17
CA ASN E 143 9.59 25.45 10.95
C ASN E 143 9.81 24.27 11.89
N LYS E 144 10.97 23.59 11.83
CA LYS E 144 11.19 22.44 12.75
C LYS E 144 12.57 22.51 13.43
N VAL E 145 13.65 22.62 12.66
CA VAL E 145 15.02 22.57 13.23
C VAL E 145 15.36 23.83 14.03
N GLU E 146 15.22 25.02 13.43
CA GLU E 146 15.63 26.22 14.21
C GLU E 146 14.77 26.37 15.45
N PRO E 147 13.42 26.23 15.40
CA PRO E 147 12.61 26.36 16.62
C PRO E 147 13.01 25.37 17.72
N MET E 148 13.34 24.13 17.35
CA MET E 148 13.77 23.13 18.35
C MET E 148 15.11 23.56 18.95
N ARG E 149 16.05 24.01 18.10
CA ARG E 149 17.38 24.47 18.60
C ARG E 149 17.19 25.64 19.58
N ARG E 150 16.34 26.61 19.21
CA ARG E 150 16.07 27.80 20.06
C ARG E 150 15.40 27.36 21.36
N ALA E 151 14.46 26.40 21.32
CA ALA E 151 13.81 25.92 22.56
C ALA E 151 14.85 25.32 23.51
N LEU E 152 15.72 24.44 23.02
CA LEU E 152 16.73 23.79 23.90
C LEU E 152 17.62 24.88 24.53
N ASN E 153 17.98 25.90 23.75
N ASN E 153 17.99 25.90 23.74
CA ASN E 153 18.86 27.00 24.26
CA ASN E 153 18.86 27.01 24.21
C ASN E 153 18.11 27.85 25.27
C ASN E 153 18.12 27.86 25.25
N GLU E 154 16.91 28.34 24.94
CA GLU E 154 16.14 29.24 25.85
C GLU E 154 15.78 28.53 27.16
N LEU E 155 15.45 27.24 27.10
CA LEU E 155 15.07 26.48 28.31
C LEU E 155 16.30 25.90 29.03
N ASN E 156 17.52 26.17 28.53
CA ASN E 156 18.78 25.67 29.15
C ASN E 156 18.69 24.15 29.34
N VAL E 157 18.21 23.44 28.33
CA VAL E 157 18.06 21.97 28.40
C VAL E 157 19.41 21.28 28.19
N LYS E 158 19.71 20.31 29.04
CA LYS E 158 20.94 19.48 28.91
C LYS E 158 20.53 18.03 28.69
N THR E 159 19.29 17.69 29.06
CA THR E 159 18.78 16.30 28.87
C THR E 159 17.46 16.38 28.13
N TRP E 160 17.43 15.83 26.93
CA TRP E 160 16.24 15.87 26.04
C TRP E 160 15.63 14.47 25.89
N PHE E 161 14.40 14.30 26.39
CA PHE E 161 13.62 13.04 26.27
C PHE E 161 12.88 13.02 24.94
N SER E 162 12.98 11.93 24.20
CA SER E 162 12.31 11.76 22.89
C SER E 162 11.70 10.35 22.82
N GLY E 163 10.57 10.21 22.11
CA GLY E 163 9.87 8.92 21.96
C GLY E 163 10.34 8.09 20.78
N LEU E 164 11.51 8.38 20.19
CA LEU E 164 12.00 7.57 19.03
C LEU E 164 12.12 6.09 19.43
N ARG E 165 11.78 5.19 18.50
CA ARG E 165 11.83 3.72 18.72
C ARG E 165 12.63 3.07 17.58
N ARG E 166 13.40 2.04 17.91
CA ARG E 166 14.19 1.25 16.91
C ARG E 166 13.26 0.63 15.86
N GLU E 167 12.10 0.14 16.27
CA GLU E 167 11.10 -0.53 15.38
C GLU E 167 10.69 0.40 14.24
N GLN E 168 10.50 1.69 14.53
CA GLN E 168 10.04 2.71 13.53
C GLN E 168 10.94 2.71 12.28
N SER E 169 12.27 2.66 12.47
CA SER E 169 13.20 2.63 11.29
C SER E 169 13.81 1.23 11.17
N GLN E 170 13.48 0.52 10.08
CA GLN E 170 13.97 -0.87 9.84
C GLN E 170 15.49 -0.83 9.58
N SER E 171 16.00 0.30 9.10
CA SER E 171 17.46 0.48 8.84
C SER E 171 18.06 1.36 9.94
N ARG E 172 17.64 1.13 11.19
CA ARG E 172 18.13 1.90 12.37
C ARG E 172 17.72 1.19 13.66
N ALA E 173 18.34 0.04 13.94
CA ALA E 173 18.08 -0.75 15.16
C ALA E 173 19.28 -0.59 16.11
N GLY E 174 20.12 0.43 15.85
CA GLY E 174 21.32 0.73 16.64
C GLY E 174 21.11 1.89 17.62
N LEU E 175 19.99 2.61 17.53
CA LEU E 175 19.71 3.76 18.42
C LEU E 175 19.95 3.39 19.88
N PRO E 176 20.94 3.99 20.57
CA PRO E 176 21.15 3.73 21.98
C PRO E 176 20.14 4.56 22.80
N ILE E 177 19.87 4.11 24.02
CA ILE E 177 18.98 4.86 24.96
C ILE E 177 19.61 6.22 25.25
N LEU E 178 20.94 6.25 25.44
CA LEU E 178 21.64 7.51 25.82
C LEU E 178 22.75 7.82 24.82
N SER E 179 22.69 9.01 24.23
CA SER E 179 23.73 9.47 23.28
C SER E 179 23.77 11.00 23.35
N ILE E 180 24.66 11.60 22.58
CA ILE E 180 24.79 13.09 22.53
C ILE E 180 24.31 13.55 21.16
N GLN E 181 23.36 14.47 21.12
CA GLN E 181 22.89 15.00 19.81
C GLN E 181 22.51 16.47 20.00
N ASN E 182 22.93 17.32 19.07
CA ASN E 182 22.59 18.76 19.08
C ASN E 182 23.03 19.42 20.40
N GLY E 183 24.19 19.00 20.92
CA GLY E 183 24.78 19.60 22.13
C GLY E 183 24.14 19.15 23.44
N VAL E 184 23.21 18.19 23.41
CA VAL E 184 22.58 17.76 24.69
C VAL E 184 22.55 16.25 24.80
N PHE E 185 22.29 15.76 26.01
CA PHE E 185 22.03 14.32 26.18
C PHE E 185 20.68 14.02 25.51
N LYS E 186 20.66 13.05 24.60
CA LYS E 186 19.41 12.58 23.96
C LYS E 186 19.04 11.26 24.63
N PHE E 187 17.88 11.23 25.31
CA PHE E 187 17.48 10.06 26.11
C PHE E 187 16.18 9.49 25.55
N LEU E 188 16.22 8.22 25.12
CA LEU E 188 15.12 7.49 24.45
C LEU E 188 14.66 6.35 25.34
N PRO E 189 13.74 6.62 26.29
CA PRO E 189 13.33 5.61 27.25
C PRO E 189 12.45 4.46 26.72
N VAL E 190 11.80 4.65 25.57
CA VAL E 190 10.96 3.56 24.98
C VAL E 190 11.60 3.11 23.66
N VAL E 191 12.93 3.25 23.54
CA VAL E 191 13.61 2.96 22.24
C VAL E 191 13.45 1.49 21.82
N ASP E 192 13.27 0.57 22.77
CA ASP E 192 13.15 -0.87 22.44
C ASP E 192 11.69 -1.32 22.47
N TRP E 193 10.74 -0.37 22.52
CA TRP E 193 9.29 -0.74 22.55
C TRP E 193 8.75 -1.07 21.17
N SER E 194 7.80 -2.01 21.13
CA SER E 194 7.07 -2.40 19.90
C SER E 194 5.72 -1.69 19.88
N ASN E 195 5.00 -1.76 18.75
CA ASN E 195 3.64 -1.17 18.71
C ASN E 195 2.78 -1.88 19.76
N LYS E 196 3.13 -3.13 20.07
CA LYS E 196 2.36 -3.92 21.07
C LYS E 196 2.58 -3.30 22.46
N ASP E 197 3.84 -3.00 22.81
CA ASP E 197 4.17 -2.38 24.13
C ASP E 197 3.41 -1.04 24.25
N VAL E 198 3.30 -0.30 23.16
CA VAL E 198 2.57 1.01 23.17
C VAL E 198 1.08 0.73 23.47
N HIS E 199 0.49 -0.25 22.77
CA HIS E 199 -0.92 -0.67 22.97
C HIS E 199 -1.17 -1.04 24.44
N TYR E 200 -0.32 -1.91 25.01
CA TYR E 200 -0.46 -2.33 26.42
C TYR E 200 -0.33 -1.11 27.38
N TYR E 201 0.57 -0.17 27.10
CA TYR E 201 0.73 1.00 28.02
C TYR E 201 -0.47 1.94 27.92
N LEU E 202 -0.93 2.24 26.71
CA LEU E 202 -2.09 3.15 26.55
C LEU E 202 -3.31 2.51 27.24
N LYS E 203 -3.48 1.20 27.08
CA LYS E 203 -4.65 0.50 27.69
C LYS E 203 -4.53 0.55 29.22
N GLU E 204 -3.35 0.20 29.74
CA GLU E 204 -3.12 0.15 31.21
C GLU E 204 -3.40 1.50 31.87
N HIS E 205 -3.04 2.62 31.21
CA HIS E 205 -3.20 3.94 31.87
C HIS E 205 -4.44 4.70 31.38
N GLY E 206 -5.31 4.06 30.58
CA GLY E 206 -6.53 4.71 30.06
C GLY E 206 -6.21 5.91 29.17
N LEU E 207 -5.10 5.84 28.44
CA LEU E 207 -4.69 6.95 27.54
C LEU E 207 -5.27 6.74 26.14
N SER E 208 -5.37 7.82 25.36
CA SER E 208 -5.95 7.75 23.99
C SER E 208 -4.87 7.81 22.91
N TYR E 209 -5.22 7.27 21.75
CA TYR E 209 -4.40 7.45 20.51
C TYR E 209 -4.84 8.78 19.91
N HIS E 210 -4.04 9.36 19.02
CA HIS E 210 -4.41 10.58 18.28
C HIS E 210 -5.78 10.34 17.64
N PRO E 211 -6.68 11.34 17.57
CA PRO E 211 -8.01 11.12 16.98
C PRO E 211 -8.01 10.49 15.58
N LEU E 212 -6.95 10.70 14.79
CA LEU E 212 -6.96 10.14 13.41
C LEU E 212 -6.62 8.64 13.44
N TRP E 213 -6.28 8.09 14.60
CA TRP E 213 -6.05 6.62 14.70
C TRP E 213 -7.35 5.89 14.33
N GLU E 214 -8.49 6.40 14.80
CA GLU E 214 -9.81 5.77 14.54
C GLU E 214 -10.24 5.95 13.07
N GLN E 215 -9.55 6.83 12.33
CA GLN E 215 -9.90 7.09 10.89
C GLN E 215 -8.90 6.35 9.98
N GLY E 216 -8.10 5.44 10.54
CA GLY E 216 -7.16 4.63 9.74
C GLY E 216 -5.78 5.23 9.52
N TYR E 217 -5.46 6.39 10.12
CA TYR E 217 -4.10 6.97 9.93
C TYR E 217 -3.08 6.23 10.81
N LEU E 218 -1.90 5.92 10.25
CA LEU E 218 -0.83 5.22 11.00
C LEU E 218 0.24 6.24 11.40
N SER E 219 0.25 7.40 10.75
CA SER E 219 1.18 8.51 11.10
C SER E 219 0.55 9.84 10.67
N VAL E 220 0.98 10.92 11.30
CA VAL E 220 0.46 12.28 10.95
C VAL E 220 1.62 13.26 10.94
N GLY E 221 1.53 14.28 10.09
CA GLY E 221 2.53 15.37 10.01
C GLY E 221 1.85 16.66 9.61
N ASP E 222 2.38 17.33 8.58
CA ASP E 222 1.77 18.58 8.06
C ASP E 222 0.66 18.18 7.07
N THR E 223 -0.41 18.97 7.01
CA THR E 223 -1.55 18.66 6.11
C THR E 223 -1.09 18.60 4.64
N HIS E 224 -0.08 19.40 4.28
CA HIS E 224 0.38 19.47 2.86
C HIS E 224 1.36 18.34 2.49
N THR E 225 1.77 17.50 3.43
CA THR E 225 2.81 16.48 3.10
C THR E 225 2.39 15.08 3.56
N THR E 226 1.48 14.96 4.53
CA THR E 226 1.07 13.62 5.02
C THR E 226 0.16 12.92 4.00
N GLN E 227 0.51 11.70 3.64
CA GLN E 227 -0.27 10.82 2.73
C GLN E 227 -0.93 9.72 3.57
N LYS E 228 -2.25 9.57 3.48
CA LYS E 228 -2.92 8.46 4.20
C LYS E 228 -2.66 7.20 3.36
N TRP E 229 -1.43 6.68 3.44
CA TRP E 229 -1.01 5.50 2.65
C TRP E 229 -0.06 4.62 3.48
N GLU E 230 -0.36 3.32 3.56
CA GLU E 230 0.48 2.36 4.32
C GLU E 230 1.52 1.78 3.36
N PRO E 231 2.84 1.93 3.65
CA PRO E 231 3.87 1.41 2.74
C PRO E 231 3.94 -0.12 2.73
N GLY E 232 4.55 -0.68 1.67
CA GLY E 232 4.70 -2.14 1.51
C GLY E 232 4.23 -2.61 0.14
N MET E 233 4.61 -3.84 -0.24
CA MET E 233 4.22 -4.48 -1.53
C MET E 233 4.93 -3.77 -2.69
N LEU F 12 -19.65 27.21 -37.99
CA LEU F 12 -19.54 26.16 -39.04
C LEU F 12 -19.49 24.77 -38.38
N GLN F 13 -20.19 23.79 -38.97
CA GLN F 13 -20.22 22.41 -38.43
C GLN F 13 -19.12 21.60 -39.13
N LEU F 14 -18.20 21.05 -38.32
CA LEU F 14 -17.06 20.25 -38.85
C LEU F 14 -17.61 19.10 -39.72
N SER F 15 -18.71 18.48 -39.30
CA SER F 15 -19.32 17.33 -40.03
C SER F 15 -19.60 17.70 -41.49
N GLU F 16 -20.25 18.85 -41.72
CA GLU F 16 -20.58 19.33 -43.09
C GLU F 16 -19.33 19.28 -43.99
N LEU F 17 -18.22 19.84 -43.51
CA LEU F 17 -16.94 19.95 -44.27
C LEU F 17 -16.27 18.58 -44.48
N LEU F 18 -16.48 17.61 -43.58
CA LEU F 18 -15.78 16.29 -43.71
C LEU F 18 -16.41 15.48 -44.86
N SER F 19 -17.65 15.80 -45.25
CA SER F 19 -18.34 15.08 -46.35
C SER F 19 -17.86 15.60 -47.71
N LEU F 20 -17.08 16.68 -47.72
CA LEU F 20 -16.58 17.32 -48.96
C LEU F 20 -15.11 16.95 -49.22
N THR F 21 -14.70 16.95 -50.50
CA THR F 21 -13.28 16.70 -50.86
C THR F 21 -12.45 17.91 -50.40
N LYS F 22 -11.11 17.82 -50.44
CA LYS F 22 -10.27 18.97 -50.01
C LYS F 22 -10.54 20.18 -50.91
N ALA F 23 -10.73 19.95 -52.23
CA ALA F 23 -11.00 21.05 -53.19
C ALA F 23 -12.31 21.77 -52.80
N GLU F 24 -13.36 21.00 -52.48
CA GLU F 24 -14.68 21.55 -52.08
C GLU F 24 -14.55 22.30 -50.74
N GLN F 25 -13.70 21.81 -49.82
CA GLN F 25 -13.47 22.50 -48.52
C GLN F 25 -12.82 23.86 -48.78
N SER F 26 -11.82 23.89 -49.65
CA SER F 26 -11.12 25.16 -49.97
C SER F 26 -12.13 26.21 -50.47
N ILE F 27 -13.00 25.82 -51.40
CA ILE F 27 -14.04 26.74 -51.94
C ILE F 27 -14.94 27.19 -50.78
N ARG F 28 -15.37 26.25 -49.95
CA ARG F 28 -16.30 26.53 -48.82
C ARG F 28 -15.68 27.53 -47.84
N LEU F 29 -14.37 27.42 -47.53
CA LEU F 29 -13.70 28.32 -46.55
C LEU F 29 -12.97 29.50 -47.23
N ALA F 30 -13.13 29.64 -48.55
CA ALA F 30 -12.41 30.69 -49.30
C ALA F 30 -12.70 32.09 -48.76
N GLU F 31 -13.98 32.43 -48.63
CA GLU F 31 -14.37 33.80 -48.20
C GLU F 31 -14.00 34.05 -46.73
N ILE F 32 -14.28 33.08 -45.85
CA ILE F 32 -13.96 33.34 -44.41
C ILE F 32 -12.44 33.52 -44.25
N ASN F 33 -11.62 32.79 -45.01
CA ASN F 33 -10.14 32.93 -44.91
C ASN F 33 -9.70 34.34 -45.31
N VAL F 34 -10.28 34.93 -46.35
CA VAL F 34 -9.88 36.33 -46.70
C VAL F 34 -10.32 37.26 -45.57
N GLU F 35 -11.52 37.04 -45.00
CA GLU F 35 -12.02 37.89 -43.88
C GLU F 35 -11.07 37.74 -42.68
N LEU F 36 -10.59 36.53 -42.43
CA LEU F 36 -9.68 36.29 -41.27
C LEU F 36 -8.32 36.94 -41.54
N GLU F 37 -7.87 36.98 -42.81
CA GLU F 37 -6.56 37.60 -43.17
C GLU F 37 -6.55 39.07 -42.70
N MET F 38 -7.66 39.78 -42.85
CA MET F 38 -7.79 41.22 -42.48
C MET F 38 -7.89 41.41 -40.97
N LEU F 39 -8.20 40.36 -40.20
CA LEU F 39 -8.34 40.52 -38.72
C LEU F 39 -6.99 40.34 -38.01
N SER F 40 -6.89 40.84 -36.78
CA SER F 40 -5.66 40.69 -35.95
C SER F 40 -5.63 39.28 -35.36
N ALA F 41 -4.50 38.88 -34.78
CA ALA F 41 -4.38 37.55 -34.13
C ALA F 41 -5.42 37.43 -33.01
N GLN F 42 -5.57 38.47 -32.20
CA GLN F 42 -6.53 38.48 -31.06
C GLN F 42 -7.96 38.32 -31.57
N GLU F 43 -8.32 39.02 -32.66
CA GLU F 43 -9.69 38.94 -33.22
C GLU F 43 -9.92 37.57 -33.87
N ARG F 44 -8.86 36.99 -34.44
CA ARG F 44 -8.94 35.63 -35.08
C ARG F 44 -9.29 34.60 -34.00
N VAL F 45 -8.55 34.61 -32.88
CA VAL F 45 -8.82 33.69 -31.74
C VAL F 45 -10.26 33.92 -31.25
N ALA F 46 -10.67 35.19 -31.10
CA ALA F 46 -12.05 35.50 -30.65
C ALA F 46 -13.08 34.87 -31.60
N TRP F 47 -12.85 35.00 -32.91
CA TRP F 47 -13.78 34.46 -33.94
C TRP F 47 -13.82 32.92 -33.89
N ALA F 48 -12.65 32.27 -33.75
CA ALA F 48 -12.58 30.80 -33.72
C ALA F 48 -13.37 30.25 -32.51
N LEU F 49 -13.23 30.89 -31.35
CA LEU F 49 -13.89 30.42 -30.10
C LEU F 49 -15.41 30.59 -30.21
N GLN F 50 -15.87 31.56 -30.99
CA GLN F 50 -17.33 31.84 -31.13
C GLN F 50 -17.97 31.11 -32.31
N ASN F 51 -17.21 30.81 -33.37
CA ASN F 51 -17.84 30.29 -34.62
C ASN F 51 -17.40 28.88 -34.98
N LEU F 52 -16.41 28.29 -34.29
CA LEU F 52 -15.97 26.91 -34.64
C LEU F 52 -16.37 25.95 -33.51
N GLU F 53 -16.74 24.74 -33.87
CA GLU F 53 -17.22 23.67 -32.93
C GLU F 53 -16.13 23.30 -31.91
N GLY F 54 -16.56 22.94 -30.70
CA GLY F 54 -15.68 22.51 -29.59
C GLY F 54 -15.43 21.01 -29.67
N ALA F 55 -14.46 20.50 -28.90
CA ALA F 55 -13.69 21.28 -27.96
C ALA F 55 -12.55 22.04 -28.66
N HIS F 56 -12.10 23.11 -28.03
CA HIS F 56 -10.93 23.91 -28.52
C HIS F 56 -9.71 23.49 -27.72
N ALA F 57 -8.55 23.40 -28.36
CA ALA F 57 -7.28 23.06 -27.68
C ALA F 57 -6.14 23.76 -28.42
N VAL F 58 -5.05 24.03 -27.71
CA VAL F 58 -3.84 24.65 -28.32
C VAL F 58 -2.68 23.68 -28.10
N SER F 59 -1.88 23.44 -29.12
CA SER F 59 -0.70 22.57 -28.95
C SER F 59 0.53 23.47 -28.85
N SER F 60 1.53 23.01 -28.11
CA SER F 60 2.78 23.80 -27.99
C SER F 60 3.96 22.86 -27.73
N SER F 61 5.09 23.16 -28.36
CA SER F 61 6.38 22.43 -28.17
C SER F 61 7.18 23.18 -27.10
N PHE F 62 6.65 24.31 -26.63
CA PHE F 62 7.34 25.15 -25.62
C PHE F 62 8.74 25.52 -26.09
N GLY F 63 8.83 25.85 -27.38
CA GLY F 63 10.07 26.31 -28.04
C GLY F 63 10.31 27.80 -27.84
N ILE F 64 11.23 28.35 -28.63
CA ILE F 64 11.72 29.77 -28.53
C ILE F 64 10.58 30.78 -28.34
N GLN F 65 9.55 30.73 -29.19
CA GLN F 65 8.50 31.77 -29.24
C GLN F 65 7.16 31.26 -28.69
N ALA F 66 7.19 30.15 -27.95
CA ALA F 66 5.98 29.48 -27.44
C ALA F 66 5.04 30.38 -26.62
N ALA F 67 5.57 31.35 -25.88
CA ALA F 67 4.71 32.19 -24.99
C ALA F 67 3.65 32.98 -25.79
N VAL F 68 3.92 33.34 -27.04
CA VAL F 68 2.91 34.10 -27.85
C VAL F 68 1.56 33.36 -27.89
N MET F 69 1.53 32.14 -28.44
CA MET F 69 0.24 31.38 -28.59
C MET F 69 -0.38 31.07 -27.22
N LEU F 70 0.44 30.65 -26.26
CA LEU F 70 -0.07 30.26 -24.92
C LEU F 70 -0.73 31.48 -24.25
N HIS F 71 -0.14 32.66 -24.34
CA HIS F 71 -0.76 33.87 -23.73
C HIS F 71 -1.97 34.31 -24.57
N LEU F 72 -1.80 34.39 -25.89
CA LEU F 72 -2.87 34.83 -26.82
C LEU F 72 -4.17 34.04 -26.58
N VAL F 73 -4.08 32.70 -26.53
CA VAL F 73 -5.31 31.86 -26.41
C VAL F 73 -5.80 31.77 -24.95
N SER F 74 -4.90 31.57 -23.98
CA SER F 74 -5.31 31.42 -22.55
C SER F 74 -5.97 32.71 -22.02
N LYS F 75 -5.61 33.88 -22.54
CA LYS F 75 -6.28 35.12 -22.05
C LYS F 75 -7.72 35.15 -22.55
N GLN F 76 -8.06 34.39 -23.59
CA GLN F 76 -9.47 34.40 -24.10
C GLN F 76 -10.22 33.17 -23.58
N GLN F 77 -9.53 32.07 -23.22
CA GLN F 77 -10.16 30.86 -22.61
C GLN F 77 -9.15 30.30 -21.59
N ALA F 78 -9.28 30.75 -20.34
CA ALA F 78 -8.34 30.41 -19.25
C ALA F 78 -8.12 28.89 -19.11
N ASP F 79 -9.17 28.09 -19.27
CA ASP F 79 -9.04 26.62 -19.05
C ASP F 79 -8.78 25.88 -20.37
N ILE F 80 -8.30 26.57 -21.41
CA ILE F 80 -8.10 25.84 -22.71
C ILE F 80 -7.07 24.74 -22.49
N PRO F 81 -7.35 23.49 -22.91
CA PRO F 81 -6.37 22.41 -22.80
C PRO F 81 -5.13 22.76 -23.62
N VAL F 82 -3.95 22.61 -23.01
CA VAL F 82 -2.64 22.87 -23.69
C VAL F 82 -1.98 21.51 -23.89
N ILE F 83 -1.89 21.07 -25.14
CA ILE F 83 -1.37 19.72 -25.48
C ILE F 83 0.16 19.78 -25.61
N LEU F 84 0.83 19.07 -24.72
CA LEU F 84 2.31 18.92 -24.78
C LEU F 84 2.64 17.45 -25.06
N THR F 85 3.41 17.19 -26.12
CA THR F 85 3.89 15.80 -26.36
C THR F 85 5.31 15.76 -25.80
N ASP F 86 5.51 15.00 -24.72
CA ASP F 86 6.84 14.88 -24.09
C ASP F 86 7.57 13.70 -24.74
N THR F 87 8.58 13.99 -25.57
CA THR F 87 9.36 12.90 -26.21
C THR F 87 10.18 12.13 -25.18
N GLY F 88 10.42 12.73 -24.01
CA GLY F 88 11.30 12.16 -22.96
C GLY F 88 12.73 12.71 -23.09
N TYR F 89 13.00 13.53 -24.13
CA TYR F 89 14.37 14.05 -24.37
C TYR F 89 14.38 15.57 -24.62
N LEU F 90 13.38 16.30 -24.11
CA LEU F 90 13.40 17.77 -24.33
C LEU F 90 14.59 18.37 -23.58
N PHE F 91 15.04 19.55 -23.98
CA PHE F 91 16.15 20.19 -23.22
C PHE F 91 15.73 20.45 -21.78
N PRO F 92 16.67 20.36 -20.81
CA PRO F 92 16.36 20.70 -19.42
C PRO F 92 15.69 22.08 -19.36
N GLU F 93 16.22 23.04 -20.11
CA GLU F 93 15.65 24.42 -20.15
C GLU F 93 14.23 24.40 -20.71
N THR F 94 13.90 23.43 -21.58
CA THR F 94 12.53 23.35 -22.12
C THR F 94 11.60 22.88 -20.98
N TYR F 95 11.99 21.85 -20.23
CA TYR F 95 11.15 21.39 -19.09
C TYR F 95 11.00 22.54 -18.08
N GLN F 96 12.06 23.33 -17.88
CA GLN F 96 12.00 24.45 -16.90
C GLN F 96 11.04 25.52 -17.43
N PHE F 97 11.03 25.73 -18.75
CA PHE F 97 10.15 26.74 -19.40
C PHE F 97 8.69 26.27 -19.31
N ILE F 98 8.46 24.98 -19.56
CA ILE F 98 7.09 24.40 -19.39
C ILE F 98 6.58 24.70 -17.98
N ASP F 99 7.40 24.40 -16.96
CA ASP F 99 7.00 24.60 -15.55
C ASP F 99 6.72 26.09 -15.28
N GLU F 100 7.62 26.97 -15.77
CA GLU F 100 7.51 28.44 -15.60
C GLU F 100 6.21 28.96 -16.23
N LEU F 101 5.96 28.68 -17.52
CA LEU F 101 4.74 29.20 -18.20
C LEU F 101 3.48 28.53 -17.64
N THR F 102 3.55 27.24 -17.30
CA THR F 102 2.35 26.60 -16.73
C THR F 102 1.93 27.37 -15.47
N LYS F 103 2.91 27.78 -14.65
CA LYS F 103 2.62 28.53 -13.40
C LYS F 103 2.22 29.99 -13.71
N SER F 104 3.03 30.71 -14.49
CA SER F 104 2.76 32.15 -14.75
C SER F 104 1.47 32.35 -15.57
N LEU F 105 1.12 31.42 -16.48
CA LEU F 105 -0.12 31.64 -17.27
C LEU F 105 -1.27 30.77 -16.76
N ASN F 106 -1.05 30.00 -15.69
CA ASN F 106 -2.08 29.09 -15.13
C ASN F 106 -2.63 28.22 -16.27
N LEU F 107 -1.75 27.47 -16.95
CA LEU F 107 -2.16 26.65 -18.12
C LEU F 107 -2.77 25.32 -17.69
N ASN F 108 -3.80 24.91 -18.42
CA ASN F 108 -4.44 23.59 -18.23
C ASN F 108 -3.62 22.60 -19.07
N LEU F 109 -2.45 22.22 -18.55
CA LEU F 109 -1.47 21.41 -19.32
C LEU F 109 -1.91 19.94 -19.39
N LYS F 110 -1.94 19.39 -20.62
CA LYS F 110 -2.31 17.96 -20.86
C LYS F 110 -1.08 17.30 -21.48
N VAL F 111 -0.40 16.46 -20.71
CA VAL F 111 0.86 15.81 -21.17
C VAL F 111 0.56 14.46 -21.81
N TYR F 112 1.10 14.25 -23.00
CA TYR F 112 0.97 12.97 -23.76
C TYR F 112 2.36 12.47 -24.13
N ARG F 113 2.52 11.14 -24.16
CA ARG F 113 3.81 10.50 -24.48
C ARG F 113 3.56 9.04 -24.86
N ALA F 114 4.61 8.36 -25.32
CA ALA F 114 4.53 6.91 -25.64
C ALA F 114 4.20 6.11 -24.39
N ASN F 115 3.64 4.91 -24.56
CA ASN F 115 3.35 4.02 -23.40
C ASN F 115 4.66 3.56 -22.78
N GLU F 116 5.76 3.61 -23.55
CA GLU F 116 7.08 3.16 -23.03
C GLU F 116 7.95 4.39 -22.76
N SER F 117 8.57 4.44 -21.59
CA SER F 117 9.49 5.55 -21.23
C SER F 117 10.74 5.53 -22.13
N ALA F 118 11.50 6.63 -22.11
CA ALA F 118 12.77 6.74 -22.87
C ALA F 118 13.69 5.54 -22.59
N ASN F 119 13.87 5.15 -21.32
CA ASN F 119 14.79 4.02 -21.02
C ASN F 119 14.22 2.70 -21.55
N TRP F 120 12.90 2.53 -21.51
CA TRP F 120 12.25 1.30 -22.03
C TRP F 120 12.48 1.24 -23.55
N GLN F 121 12.27 2.36 -24.26
CA GLN F 121 12.48 2.40 -25.73
C GLN F 121 13.92 2.05 -26.09
N GLU F 122 14.89 2.59 -25.36
CA GLU F 122 16.33 2.31 -25.63
C GLU F 122 16.62 0.82 -25.35
N ALA F 123 15.99 0.26 -24.32
CA ALA F 123 16.18 -1.18 -24.01
C ALA F 123 15.63 -2.02 -25.17
N ARG F 124 14.56 -1.53 -25.79
CA ARG F 124 13.93 -2.31 -26.89
C ARG F 124 14.62 -2.12 -28.24
N TYR F 125 15.02 -0.89 -28.57
CA TYR F 125 15.47 -0.59 -29.96
C TYR F 125 16.86 0.03 -30.04
N GLY F 126 17.52 0.28 -28.90
CA GLY F 126 18.78 1.05 -28.97
C GLY F 126 18.40 2.52 -29.15
N LYS F 127 19.28 3.33 -29.75
CA LYS F 127 18.99 4.79 -29.94
C LYS F 127 18.48 5.01 -31.38
N LEU F 128 17.15 5.12 -31.51
CA LEU F 128 16.49 5.25 -32.84
C LEU F 128 17.00 6.45 -33.63
N TRP F 129 17.34 7.56 -32.95
CA TRP F 129 17.83 8.78 -33.67
C TRP F 129 19.20 8.52 -34.32
N GLU F 130 19.89 7.44 -33.93
CA GLU F 130 21.20 7.12 -34.54
C GLU F 130 21.01 6.10 -35.66
N GLN F 131 19.78 5.76 -36.03
CA GLN F 131 19.59 4.66 -37.02
C GLN F 131 19.06 5.19 -38.37
N GLY F 132 19.46 6.40 -38.74
CA GLY F 132 19.10 6.97 -40.07
C GLY F 132 17.62 7.20 -40.26
N ILE F 133 17.24 7.45 -41.52
CA ILE F 133 15.83 7.75 -41.91
C ILE F 133 14.85 6.76 -41.23
N GLU F 134 15.10 5.46 -41.33
CA GLU F 134 14.16 4.45 -40.78
C GLU F 134 14.02 4.63 -39.26
N GLY F 135 15.13 4.79 -38.55
CA GLY F 135 15.10 4.96 -37.09
C GLY F 135 14.37 6.23 -36.69
N ILE F 136 14.68 7.35 -37.35
CA ILE F 136 14.05 8.65 -37.04
C ILE F 136 12.54 8.59 -37.30
N GLU F 137 12.11 7.96 -38.40
CA GLU F 137 10.66 7.89 -38.71
C GLU F 137 9.96 7.11 -37.58
N LYS F 138 10.54 5.99 -37.14
CA LYS F 138 9.97 5.16 -36.06
C LYS F 138 9.92 5.99 -34.77
N TYR F 139 11.01 6.68 -34.45
CA TYR F 139 11.07 7.54 -33.24
C TYR F 139 9.97 8.61 -33.30
N ASN F 140 9.85 9.30 -34.44
CA ASN F 140 8.85 10.40 -34.60
C ASN F 140 7.42 9.85 -34.44
N LYS F 141 7.13 8.69 -35.01
CA LYS F 141 5.75 8.16 -34.89
C LYS F 141 5.45 7.81 -33.43
N LEU F 142 6.42 7.20 -32.73
CA LEU F 142 6.25 6.75 -31.33
C LEU F 142 6.16 7.92 -30.33
N ASN F 143 6.97 8.97 -30.53
CA ASN F 143 7.12 10.05 -29.51
C ASN F 143 6.51 11.39 -29.91
N LYS F 144 6.00 11.53 -31.14
CA LYS F 144 5.42 12.84 -31.56
C LYS F 144 4.05 12.64 -32.23
N VAL F 145 3.98 11.80 -33.26
CA VAL F 145 2.72 11.68 -34.05
C VAL F 145 1.63 10.94 -33.27
N GLU F 146 1.88 9.70 -32.85
CA GLU F 146 0.83 8.92 -32.14
C GLU F 146 0.37 9.68 -30.90
N PRO F 147 1.25 10.19 -30.02
CA PRO F 147 0.78 10.93 -28.83
C PRO F 147 -0.12 12.12 -29.18
N MET F 148 0.22 12.87 -30.23
CA MET F 148 -0.62 14.03 -30.66
C MET F 148 -1.98 13.52 -31.16
N ARG F 149 -1.99 12.47 -32.00
CA ARG F 149 -3.28 11.92 -32.51
C ARG F 149 -4.16 11.46 -31.34
N ARG F 150 -3.59 10.75 -30.37
CA ARG F 150 -4.33 10.27 -29.17
C ARG F 150 -4.85 11.47 -28.35
N ALA F 151 -4.03 12.52 -28.20
CA ALA F 151 -4.46 13.73 -27.45
C ALA F 151 -5.70 14.34 -28.12
N LEU F 152 -5.64 14.55 -29.44
CA LEU F 152 -6.77 15.17 -30.18
C LEU F 152 -8.05 14.35 -29.96
N ASN F 153 -7.94 13.02 -30.03
CA ASN F 153 -9.12 12.14 -29.82
C ASN F 153 -9.58 12.20 -28.35
N GLU F 154 -8.68 12.01 -27.39
CA GLU F 154 -9.10 11.97 -25.96
C GLU F 154 -9.67 13.30 -25.48
N LEU F 155 -9.14 14.43 -25.96
CA LEU F 155 -9.65 15.76 -25.53
C LEU F 155 -10.85 16.19 -26.39
N ASN F 156 -11.32 15.31 -27.28
CA ASN F 156 -12.51 15.60 -28.14
C ASN F 156 -12.31 16.93 -28.88
N VAL F 157 -11.10 17.15 -29.40
CA VAL F 157 -10.78 18.44 -30.07
C VAL F 157 -11.46 18.51 -31.44
N LYS F 158 -12.12 19.63 -31.72
CA LYS F 158 -12.72 19.90 -33.06
C LYS F 158 -12.04 21.13 -33.64
N THR F 159 -11.49 21.98 -32.76
CA THR F 159 -10.74 23.19 -33.18
C THR F 159 -9.37 23.16 -32.53
N TRP F 160 -8.36 22.98 -33.37
CA TRP F 160 -6.95 22.88 -32.95
C TRP F 160 -6.18 24.16 -33.28
N PHE F 161 -5.81 24.94 -32.25
CA PHE F 161 -5.00 26.18 -32.40
C PHE F 161 -3.53 25.80 -32.47
N SER F 162 -2.81 26.35 -33.45
CA SER F 162 -1.37 26.09 -33.68
C SER F 162 -0.64 27.41 -33.97
N GLY F 163 0.62 27.50 -33.53
CA GLY F 163 1.44 28.70 -33.74
C GLY F 163 2.26 28.67 -35.02
N LEU F 164 1.89 27.81 -35.99
CA LEU F 164 2.64 27.75 -37.28
C LEU F 164 2.66 29.14 -37.93
N ARG F 165 3.79 29.50 -38.56
CA ARG F 165 3.92 30.80 -39.27
C ARG F 165 4.48 30.52 -40.68
N ARG F 166 3.98 31.24 -41.69
CA ARG F 166 4.43 31.11 -43.10
C ARG F 166 5.93 31.41 -43.21
N GLU F 167 6.42 32.34 -42.39
CA GLU F 167 7.84 32.75 -42.38
C GLU F 167 8.72 31.54 -42.04
N GLN F 168 8.31 30.75 -41.04
CA GLN F 168 9.06 29.55 -40.54
C GLN F 168 9.11 28.45 -41.62
N SER F 169 8.08 28.34 -42.45
CA SER F 169 8.02 27.29 -43.51
C SER F 169 8.02 27.95 -44.89
N GLN F 170 9.19 28.43 -45.34
CA GLN F 170 9.33 29.07 -46.68
C GLN F 170 9.10 28.02 -47.78
N SER F 171 9.10 26.74 -47.40
CA SER F 171 8.84 25.62 -48.34
C SER F 171 7.35 25.59 -48.71
N ARG F 172 6.53 26.31 -47.94
CA ARG F 172 5.06 26.40 -48.19
C ARG F 172 4.54 27.63 -47.44
N ALA F 173 4.60 28.80 -48.08
CA ALA F 173 4.13 30.09 -47.50
C ALA F 173 2.64 30.32 -47.82
N GLY F 174 1.94 29.27 -48.26
CA GLY F 174 0.50 29.35 -48.59
C GLY F 174 -0.36 28.67 -47.53
N LEU F 175 0.09 28.69 -46.27
CA LEU F 175 -0.67 28.10 -45.13
C LEU F 175 -1.88 28.98 -44.85
N PRO F 176 -3.12 28.47 -45.01
CA PRO F 176 -4.31 29.26 -44.71
C PRO F 176 -4.55 29.33 -43.20
N ILE F 177 -5.26 30.37 -42.75
CA ILE F 177 -5.60 30.55 -41.32
C ILE F 177 -6.51 29.40 -40.87
N LEU F 178 -7.53 29.08 -41.69
CA LEU F 178 -8.53 28.02 -41.36
C LEU F 178 -8.54 26.95 -42.46
N SER F 179 -8.37 25.69 -42.04
CA SER F 179 -8.40 24.54 -42.97
C SER F 179 -8.74 23.29 -42.16
N ILE F 180 -8.95 22.16 -42.84
CA ILE F 180 -9.23 20.86 -42.16
C ILE F 180 -7.95 20.03 -42.23
N GLN F 181 -7.42 19.62 -41.08
CA GLN F 181 -6.22 18.75 -41.02
C GLN F 181 -6.44 17.72 -39.91
N ASN F 182 -6.06 16.46 -40.17
CA ASN F 182 -6.22 15.35 -39.20
C ASN F 182 -7.68 15.22 -38.76
N GLY F 183 -8.63 15.59 -39.62
CA GLY F 183 -10.08 15.47 -39.34
C GLY F 183 -10.62 16.57 -38.42
N VAL F 184 -9.86 17.63 -38.16
CA VAL F 184 -10.35 18.71 -37.27
C VAL F 184 -10.11 20.08 -37.92
N PHE F 185 -10.71 21.14 -37.36
CA PHE F 185 -10.41 22.50 -37.85
C PHE F 185 -9.02 22.89 -37.35
N LYS F 186 -8.09 23.19 -38.26
CA LYS F 186 -6.76 23.65 -37.80
C LYS F 186 -6.74 25.17 -37.99
N PHE F 187 -6.53 25.91 -36.90
CA PHE F 187 -6.60 27.39 -36.86
C PHE F 187 -5.23 27.95 -36.52
N LEU F 188 -4.68 28.79 -37.41
CA LEU F 188 -3.34 29.41 -37.24
C LEU F 188 -3.49 30.92 -37.07
N PRO F 189 -3.75 31.45 -35.86
CA PRO F 189 -3.99 32.89 -35.68
C PRO F 189 -2.80 33.84 -35.87
N VAL F 190 -1.56 33.34 -35.85
CA VAL F 190 -0.36 34.21 -36.05
C VAL F 190 0.40 33.75 -37.29
N VAL F 191 -0.32 33.14 -38.25
CA VAL F 191 0.31 32.53 -39.48
C VAL F 191 1.02 33.59 -40.33
N ASP F 192 0.58 34.85 -40.27
CA ASP F 192 1.19 35.94 -41.09
C ASP F 192 2.16 36.78 -40.25
N TRP F 193 2.50 36.31 -39.03
CA TRP F 193 3.43 37.07 -38.13
C TRP F 193 4.89 36.84 -38.52
N SER F 194 5.71 37.87 -38.32
CA SER F 194 7.19 37.85 -38.53
C SER F 194 7.86 37.70 -37.15
N ASN F 195 9.18 37.56 -37.12
CA ASN F 195 9.91 37.50 -35.83
C ASN F 195 9.70 38.82 -35.08
N LYS F 196 9.62 39.93 -35.82
CA LYS F 196 9.43 41.28 -35.23
C LYS F 196 8.06 41.37 -34.53
N ASP F 197 7.00 40.84 -35.16
CA ASP F 197 5.64 40.83 -34.52
C ASP F 197 5.70 40.02 -33.23
N VAL F 198 6.40 38.88 -33.27
CA VAL F 198 6.56 38.02 -32.07
C VAL F 198 7.26 38.84 -30.98
N HIS F 199 8.37 39.49 -31.35
CA HIS F 199 9.18 40.30 -30.40
C HIS F 199 8.30 41.38 -29.76
N TYR F 200 7.50 42.08 -30.56
CA TYR F 200 6.65 43.20 -30.05
C TYR F 200 5.57 42.65 -29.11
N TYR F 201 5.01 41.48 -29.42
CA TYR F 201 3.94 40.89 -28.55
C TYR F 201 4.52 40.45 -27.20
N LEU F 202 5.68 39.79 -27.22
CA LEU F 202 6.34 39.36 -25.95
C LEU F 202 6.71 40.58 -25.10
N LYS F 203 7.27 41.63 -25.72
CA LYS F 203 7.70 42.83 -24.96
C LYS F 203 6.47 43.56 -24.40
N GLU F 204 5.40 43.62 -25.20
CA GLU F 204 4.16 44.33 -24.80
C GLU F 204 3.52 43.67 -23.57
N HIS F 205 3.53 42.33 -23.50
CA HIS F 205 2.84 41.63 -22.37
C HIS F 205 3.85 41.15 -21.33
N GLY F 206 5.11 41.57 -21.42
CA GLY F 206 6.14 41.16 -20.44
C GLY F 206 6.35 39.65 -20.43
N LEU F 207 6.25 39.00 -21.59
CA LEU F 207 6.44 37.53 -21.71
C LEU F 207 7.91 37.26 -22.04
N SER F 208 8.36 36.03 -21.76
CA SER F 208 9.80 35.69 -22.00
C SER F 208 9.97 34.77 -23.21
N TYR F 209 11.15 34.87 -23.84
CA TYR F 209 11.56 33.87 -24.83
C TYR F 209 12.01 32.64 -24.05
N HIS F 210 12.15 31.50 -24.74
CA HIS F 210 12.69 30.26 -24.13
C HIS F 210 14.05 30.62 -23.53
N PRO F 211 14.46 30.04 -22.37
CA PRO F 211 15.75 30.40 -21.75
C PRO F 211 16.98 30.23 -22.67
N LEU F 212 16.91 29.35 -23.67
CA LEU F 212 18.09 29.13 -24.57
C LEU F 212 18.20 30.22 -25.65
N TRP F 213 17.17 31.04 -25.82
CA TRP F 213 17.21 32.17 -26.80
C TRP F 213 18.38 33.10 -26.46
N GLU F 214 18.52 33.44 -25.17
CA GLU F 214 19.62 34.33 -24.67
C GLU F 214 20.99 33.72 -24.94
N GLN F 215 21.06 32.39 -25.11
CA GLN F 215 22.34 31.67 -25.29
C GLN F 215 22.63 31.46 -26.78
N GLY F 216 21.79 32.01 -27.67
CA GLY F 216 22.03 31.95 -29.13
C GLY F 216 21.32 30.80 -29.83
N TYR F 217 20.49 30.02 -29.14
CA TYR F 217 19.76 28.91 -29.84
C TYR F 217 18.70 29.49 -30.78
N LEU F 218 18.65 28.98 -32.01
CA LEU F 218 17.67 29.44 -33.02
C LEU F 218 16.49 28.47 -33.04
N SER F 219 16.68 27.29 -32.46
CA SER F 219 15.59 26.29 -32.35
C SER F 219 15.93 25.33 -31.21
N VAL F 220 14.90 24.68 -30.68
CA VAL F 220 15.07 23.71 -29.57
C VAL F 220 14.11 22.54 -29.82
N GLY F 221 14.59 21.34 -29.59
CA GLY F 221 13.81 20.12 -29.76
C GLY F 221 14.36 19.08 -28.80
N ASP F 222 14.76 17.94 -29.34
CA ASP F 222 15.33 16.87 -28.49
C ASP F 222 16.84 17.11 -28.37
N THR F 223 17.36 16.83 -27.18
CA THR F 223 18.81 17.05 -26.89
C THR F 223 19.68 16.30 -27.89
N HIS F 224 19.25 15.12 -28.32
CA HIS F 224 20.06 14.25 -29.20
C HIS F 224 19.99 14.66 -30.68
N THR F 225 19.08 15.56 -31.08
CA THR F 225 18.93 15.82 -32.55
C THR F 225 18.99 17.31 -32.89
N THR F 226 18.65 18.19 -31.95
CA THR F 226 18.63 19.65 -32.22
C THR F 226 19.98 20.17 -32.72
N GLN F 227 19.93 21.02 -33.75
CA GLN F 227 21.10 21.73 -34.29
C GLN F 227 20.96 23.18 -33.84
N LYS F 228 21.65 23.54 -32.76
CA LYS F 228 21.60 24.88 -32.11
C LYS F 228 21.63 26.00 -33.14
N TRP F 229 22.59 25.95 -34.06
CA TRP F 229 22.79 27.05 -35.05
C TRP F 229 21.92 26.89 -36.31
N GLU F 230 20.89 26.03 -36.29
CA GLU F 230 20.01 25.81 -37.48
C GLU F 230 18.52 25.82 -37.13
N PRO F 231 17.70 26.77 -37.64
CA PRO F 231 16.32 26.96 -37.17
C PRO F 231 15.04 26.53 -37.90
N GLY F 232 15.11 25.96 -39.11
CA GLY F 232 13.88 25.60 -39.86
C GLY F 232 13.11 24.41 -39.29
N MET F 233 12.00 24.06 -39.94
CA MET F 233 11.14 22.90 -39.56
C MET F 233 10.92 21.97 -40.76
N SER F 234 10.84 20.66 -40.50
CA SER F 234 10.56 19.67 -41.57
C SER F 234 9.08 19.79 -41.96
N GLU F 235 8.65 19.06 -43.01
CA GLU F 235 7.24 19.09 -43.47
C GLU F 235 6.35 18.39 -42.43
N GLU F 236 6.79 17.25 -41.87
CA GLU F 236 5.97 16.50 -40.89
C GLU F 236 5.97 17.22 -39.53
N GLU F 237 7.05 17.93 -39.21
CA GLU F 237 7.13 18.68 -37.92
C GLU F 237 6.02 19.74 -37.91
N THR F 238 5.80 20.41 -39.05
CA THR F 238 4.76 21.46 -39.17
C THR F 238 3.36 20.83 -39.16
N ARG F 239 3.27 19.54 -39.53
CA ARG F 239 1.95 18.85 -39.60
C ARG F 239 1.40 18.58 -38.19
N PHE F 240 2.26 18.56 -37.16
CA PHE F 240 1.79 18.28 -35.77
C PHE F 240 2.40 19.28 -34.77
N PHE F 241 2.73 20.49 -35.24
CA PHE F 241 3.34 21.55 -34.38
C PHE F 241 2.22 22.29 -33.62
N LEU G 12 -0.23 -38.79 -4.75
CA LEU G 12 -0.80 -38.81 -6.13
C LEU G 12 -1.30 -37.40 -6.48
N GLN G 13 -0.37 -36.46 -6.70
CA GLN G 13 -0.67 -35.03 -6.99
C GLN G 13 -0.84 -34.85 -8.50
N LEU G 14 -1.95 -34.22 -8.92
CA LEU G 14 -2.23 -34.01 -10.36
C LEU G 14 -1.06 -33.27 -11.04
N SER G 15 -0.54 -32.21 -10.42
CA SER G 15 0.57 -31.43 -11.04
C SER G 15 1.79 -32.34 -11.27
N GLU G 16 2.07 -33.25 -10.33
CA GLU G 16 3.25 -34.16 -10.49
C GLU G 16 3.02 -35.12 -11.67
N LEU G 17 1.78 -35.56 -11.89
CA LEU G 17 1.45 -36.49 -13.01
C LEU G 17 1.41 -35.71 -14.33
N LEU G 18 1.00 -34.44 -14.31
CA LEU G 18 0.96 -33.62 -15.56
C LEU G 18 2.39 -33.39 -16.05
N SER G 19 3.39 -33.54 -15.17
CA SER G 19 4.82 -33.36 -15.56
C SER G 19 5.35 -34.60 -16.30
N LEU G 20 4.51 -35.62 -16.51
CA LEU G 20 4.96 -36.89 -17.14
C LEU G 20 4.34 -37.10 -18.52
N THR G 21 4.96 -37.96 -19.33
CA THR G 21 4.41 -38.37 -20.66
C THR G 21 3.15 -39.20 -20.42
N LYS G 22 2.31 -39.41 -21.43
CA LYS G 22 1.08 -40.21 -21.19
C LYS G 22 1.51 -41.64 -20.82
N ALA G 23 2.64 -42.10 -21.37
CA ALA G 23 3.15 -43.46 -21.10
C ALA G 23 3.53 -43.59 -19.62
N GLU G 24 4.29 -42.61 -19.10
CA GLU G 24 4.76 -42.59 -17.69
C GLU G 24 3.56 -42.48 -16.75
N GLN G 25 2.50 -41.77 -17.18
CA GLN G 25 1.25 -41.62 -16.39
C GLN G 25 0.59 -43.00 -16.26
N SER G 26 0.49 -43.73 -17.37
CA SER G 26 -0.14 -45.08 -17.36
C SER G 26 0.62 -46.02 -16.42
N ILE G 27 1.94 -45.98 -16.42
CA ILE G 27 2.77 -46.83 -15.51
C ILE G 27 2.51 -46.41 -14.06
N ARG G 28 2.48 -45.10 -13.83
CA ARG G 28 2.27 -44.53 -12.47
C ARG G 28 0.88 -44.91 -11.94
N LEU G 29 -0.12 -45.05 -12.81
CA LEU G 29 -1.50 -45.36 -12.35
C LEU G 29 -1.84 -46.84 -12.57
N ALA G 30 -0.89 -47.65 -13.04
CA ALA G 30 -1.15 -49.08 -13.37
C ALA G 30 -1.70 -49.86 -12.17
N GLU G 31 -1.00 -49.81 -11.04
CA GLU G 31 -1.38 -50.61 -9.84
C GLU G 31 -2.70 -50.11 -9.23
N ILE G 32 -2.85 -48.80 -9.03
CA ILE G 32 -4.13 -48.30 -8.41
C ILE G 32 -5.30 -48.68 -9.34
N ASN G 33 -5.08 -48.72 -10.65
CA ASN G 33 -6.20 -49.09 -11.57
C ASN G 33 -6.67 -50.53 -11.31
N VAL G 34 -5.74 -51.47 -11.14
CA VAL G 34 -6.15 -52.88 -10.88
C VAL G 34 -6.88 -52.96 -9.53
N GLU G 35 -6.40 -52.24 -8.51
CA GLU G 35 -7.02 -52.23 -7.16
C GLU G 35 -8.47 -51.72 -7.26
N LEU G 36 -8.68 -50.62 -7.99
CA LEU G 36 -10.03 -50.00 -8.17
C LEU G 36 -10.99 -50.98 -8.87
N GLU G 37 -10.48 -51.87 -9.72
CA GLU G 37 -11.32 -52.90 -10.42
C GLU G 37 -12.08 -53.76 -9.40
N MET G 38 -11.45 -54.17 -8.29
CA MET G 38 -12.13 -55.05 -7.29
C MET G 38 -13.11 -54.28 -6.41
N LEU G 39 -13.03 -52.94 -6.39
CA LEU G 39 -13.99 -52.16 -5.56
C LEU G 39 -15.32 -52.02 -6.28
N SER G 40 -16.40 -51.77 -5.52
CA SER G 40 -17.74 -51.51 -6.09
C SER G 40 -17.80 -50.06 -6.58
N ALA G 41 -18.80 -49.71 -7.40
CA ALA G 41 -18.96 -48.33 -7.88
C ALA G 41 -18.98 -47.37 -6.69
N GLN G 42 -19.73 -47.74 -5.64
CA GLN G 42 -19.87 -46.93 -4.41
C GLN G 42 -18.48 -46.74 -3.77
N GLU G 43 -17.68 -47.80 -3.63
CA GLU G 43 -16.33 -47.73 -3.01
C GLU G 43 -15.35 -46.94 -3.88
N ARG G 44 -15.47 -47.06 -5.21
CA ARG G 44 -14.59 -46.28 -6.13
C ARG G 44 -14.84 -44.77 -5.93
N VAL G 45 -16.10 -44.36 -5.90
CA VAL G 45 -16.43 -42.92 -5.68
C VAL G 45 -15.85 -42.48 -4.34
N ALA G 46 -16.09 -43.27 -3.28
CA ALA G 46 -15.57 -42.96 -1.93
C ALA G 46 -14.04 -42.79 -2.02
N TRP G 47 -13.36 -43.74 -2.69
CA TRP G 47 -11.90 -43.69 -2.85
C TRP G 47 -11.48 -42.37 -3.54
N ALA G 48 -12.11 -42.02 -4.66
CA ALA G 48 -11.76 -40.79 -5.42
C ALA G 48 -11.96 -39.53 -4.57
N LEU G 49 -13.07 -39.44 -3.83
CA LEU G 49 -13.34 -38.25 -3.01
C LEU G 49 -12.29 -38.11 -1.91
N GLN G 50 -11.85 -39.25 -1.36
CA GLN G 50 -10.88 -39.26 -0.24
C GLN G 50 -9.43 -39.17 -0.74
N ASN G 51 -9.13 -39.65 -1.96
CA ASN G 51 -7.70 -39.75 -2.38
C ASN G 51 -7.31 -38.84 -3.56
N LEU G 52 -8.26 -38.30 -4.32
CA LEU G 52 -7.88 -37.45 -5.48
C LEU G 52 -8.21 -35.99 -5.17
N GLU G 53 -7.34 -35.08 -5.61
CA GLU G 53 -7.47 -33.62 -5.37
C GLU G 53 -8.80 -33.06 -5.88
N GLY G 54 -9.34 -32.09 -5.14
CA GLY G 54 -10.54 -31.35 -5.57
C GLY G 54 -10.11 -30.23 -6.51
N ALA G 55 -11.05 -29.49 -7.08
CA ALA G 55 -12.46 -29.69 -6.85
C ALA G 55 -12.94 -30.94 -7.59
N HIS G 56 -13.97 -31.58 -7.07
CA HIS G 56 -14.61 -32.74 -7.74
C HIS G 56 -15.83 -32.25 -8.51
N ALA G 57 -16.09 -32.84 -9.67
CA ALA G 57 -17.30 -32.49 -10.44
C ALA G 57 -17.77 -33.72 -11.22
N VAL G 58 -19.07 -33.79 -11.49
CA VAL G 58 -19.63 -34.89 -12.31
C VAL G 58 -20.29 -34.26 -13.53
N SER G 59 -20.05 -34.82 -14.72
CA SER G 59 -20.70 -34.33 -15.95
C SER G 59 -21.86 -35.28 -16.29
N SER G 60 -22.92 -34.74 -16.87
CA SER G 60 -24.04 -35.60 -17.30
C SER G 60 -24.74 -34.97 -18.51
N SER G 61 -25.20 -35.81 -19.43
N SER G 61 -25.18 -35.82 -19.44
CA SER G 61 -25.97 -35.35 -20.62
CA SER G 61 -25.95 -35.37 -20.61
C SER G 61 -27.45 -35.53 -20.30
C SER G 61 -27.44 -35.59 -20.33
N PHE G 62 -27.76 -36.10 -19.13
CA PHE G 62 -29.17 -36.36 -18.69
C PHE G 62 -29.86 -37.25 -19.72
N GLY G 63 -29.13 -38.27 -20.16
CA GLY G 63 -29.56 -39.30 -21.12
C GLY G 63 -30.36 -40.40 -20.44
N ILE G 64 -30.54 -41.51 -21.15
CA ILE G 64 -31.39 -42.66 -20.70
C ILE G 64 -31.05 -43.11 -19.28
N GLN G 65 -29.76 -43.29 -18.98
CA GLN G 65 -29.30 -43.90 -17.69
C GLN G 65 -28.61 -42.87 -16.79
N ALA G 66 -28.87 -41.58 -16.99
CA ALA G 66 -28.18 -40.50 -16.24
C ALA G 66 -28.37 -40.56 -14.71
N ALA G 67 -29.53 -41.04 -14.23
CA ALA G 67 -29.83 -41.06 -12.78
C ALA G 67 -28.79 -41.85 -11.97
N VAL G 68 -28.15 -42.85 -12.58
CA VAL G 68 -27.16 -43.69 -11.83
C VAL G 68 -26.02 -42.83 -11.30
N MET G 69 -25.23 -42.23 -12.19
CA MET G 69 -24.08 -41.38 -11.78
C MET G 69 -24.53 -40.22 -10.89
N LEU G 70 -25.66 -39.57 -11.21
CA LEU G 70 -26.10 -38.40 -10.41
C LEU G 70 -26.40 -38.82 -8.97
N HIS G 71 -27.10 -39.94 -8.80
CA HIS G 71 -27.44 -40.46 -7.44
C HIS G 71 -26.17 -40.96 -6.75
N LEU G 72 -25.41 -41.81 -7.44
CA LEU G 72 -24.16 -42.43 -6.91
C LEU G 72 -23.24 -41.36 -6.31
N VAL G 73 -22.92 -40.32 -7.06
CA VAL G 73 -21.97 -39.28 -6.57
C VAL G 73 -22.66 -38.29 -5.62
N SER G 74 -23.88 -37.82 -5.93
CA SER G 74 -24.51 -36.80 -5.06
C SER G 74 -24.77 -37.37 -3.65
N LYS G 75 -25.01 -38.68 -3.52
CA LYS G 75 -25.27 -39.25 -2.16
C LYS G 75 -23.98 -39.26 -1.35
N GLN G 76 -22.80 -39.11 -1.98
CA GLN G 76 -21.52 -39.09 -1.24
C GLN G 76 -21.03 -37.63 -1.09
N GLN G 77 -21.45 -36.73 -1.98
CA GLN G 77 -21.11 -35.28 -1.86
C GLN G 77 -22.33 -34.51 -2.37
N ALA G 78 -23.19 -34.09 -1.43
CA ALA G 78 -24.48 -33.41 -1.72
C ALA G 78 -24.33 -32.20 -2.66
N ASP G 79 -23.30 -31.36 -2.47
CA ASP G 79 -23.13 -30.12 -3.27
C ASP G 79 -22.17 -30.31 -4.45
N ILE G 80 -21.87 -31.54 -4.85
CA ILE G 80 -20.90 -31.69 -5.98
C ILE G 80 -21.46 -30.97 -7.20
N PRO G 81 -20.65 -30.14 -7.91
CA PRO G 81 -21.09 -29.49 -9.14
C PRO G 81 -21.43 -30.53 -10.22
N VAL G 82 -22.61 -30.36 -10.82
CA VAL G 82 -23.09 -31.24 -11.92
C VAL G 82 -22.99 -30.39 -13.20
N ILE G 83 -22.08 -30.74 -14.09
CA ILE G 83 -21.85 -29.96 -15.33
C ILE G 83 -22.75 -30.47 -16.45
N LEU G 84 -23.64 -29.60 -16.90
CA LEU G 84 -24.53 -29.82 -18.07
C LEU G 84 -24.09 -28.88 -19.19
N THR G 85 -23.80 -29.43 -20.37
CA THR G 85 -23.54 -28.58 -21.56
C THR G 85 -24.86 -28.54 -22.34
N ASP G 86 -25.54 -27.40 -22.32
CA ASP G 86 -26.83 -27.27 -23.05
C ASP G 86 -26.54 -26.85 -24.49
N THR G 87 -26.73 -27.75 -25.45
CA THR G 87 -26.53 -27.43 -26.88
C THR G 87 -27.59 -26.44 -27.35
N GLY G 88 -28.70 -26.33 -26.61
CA GLY G 88 -29.84 -25.50 -27.00
C GLY G 88 -30.86 -26.28 -27.84
N TYR G 89 -30.60 -27.58 -28.05
CA TYR G 89 -31.49 -28.42 -28.90
C TYR G 89 -31.78 -29.78 -28.24
N LEU G 90 -31.70 -29.87 -26.92
CA LEU G 90 -32.01 -31.17 -26.27
C LEU G 90 -33.51 -31.44 -26.42
N PHE G 91 -33.89 -32.71 -26.30
CA PHE G 91 -35.33 -33.04 -26.36
C PHE G 91 -36.07 -32.33 -25.23
N PRO G 92 -37.33 -31.91 -25.46
CA PRO G 92 -38.14 -31.33 -24.39
C PRO G 92 -38.14 -32.27 -23.17
N GLU G 93 -38.23 -33.59 -23.42
CA GLU G 93 -38.23 -34.60 -22.33
C GLU G 93 -36.88 -34.56 -21.58
N THR G 94 -35.79 -34.19 -22.25
CA THR G 94 -34.49 -34.09 -21.55
C THR G 94 -34.55 -32.88 -20.61
N TYR G 95 -35.01 -31.73 -21.10
CA TYR G 95 -35.14 -30.53 -20.24
C TYR G 95 -36.03 -30.86 -19.03
N GLN G 96 -37.13 -31.57 -19.26
CA GLN G 96 -38.06 -32.00 -18.18
C GLN G 96 -37.32 -32.93 -17.21
N PHE G 97 -36.47 -33.83 -17.74
CA PHE G 97 -35.71 -34.80 -16.90
C PHE G 97 -34.65 -34.05 -16.07
N ILE G 98 -34.00 -33.07 -16.68
CA ILE G 98 -32.99 -32.22 -15.97
C ILE G 98 -33.67 -31.56 -14.77
N ASP G 99 -34.83 -30.95 -15.01
CA ASP G 99 -35.57 -30.22 -13.95
C ASP G 99 -35.99 -31.22 -12.88
N GLU G 100 -36.53 -32.37 -13.30
CA GLU G 100 -37.02 -33.43 -12.36
C GLU G 100 -35.87 -33.91 -11.47
N LEU G 101 -34.73 -34.28 -12.05
CA LEU G 101 -33.61 -34.84 -11.23
C LEU G 101 -32.95 -33.74 -10.38
N THR G 102 -32.85 -32.52 -10.91
CA THR G 102 -32.23 -31.41 -10.14
C THR G 102 -33.00 -31.22 -8.83
N LYS G 103 -34.32 -31.38 -8.88
CA LYS G 103 -35.18 -31.18 -7.69
C LYS G 103 -35.17 -32.44 -6.80
N SER G 104 -35.35 -33.63 -7.39
CA SER G 104 -35.43 -34.88 -6.57
C SER G 104 -34.06 -35.23 -5.95
N LEU G 105 -32.94 -34.91 -6.63
CA LEU G 105 -31.61 -35.27 -6.08
C LEU G 105 -30.90 -34.02 -5.51
N ASN G 106 -31.58 -32.87 -5.50
CA ASN G 106 -31.00 -31.61 -4.97
C ASN G 106 -29.63 -31.40 -5.60
N LEU G 107 -29.58 -31.38 -6.93
CA LEU G 107 -28.28 -31.26 -7.65
C LEU G 107 -27.80 -29.80 -7.68
N ASN G 108 -26.49 -29.63 -7.57
CA ASN G 108 -25.81 -28.32 -7.70
C ASN G 108 -25.52 -28.17 -9.21
N LEU G 109 -26.56 -27.89 -10.00
CA LEU G 109 -26.44 -27.87 -11.48
C LEU G 109 -25.67 -26.64 -11.97
N LYS G 110 -24.65 -26.86 -12.81
CA LYS G 110 -23.82 -25.78 -13.42
C LYS G 110 -24.01 -25.89 -14.94
N VAL G 111 -24.75 -24.94 -15.53
CA VAL G 111 -25.06 -24.99 -16.99
C VAL G 111 -24.01 -24.21 -17.78
N TYR G 112 -23.45 -24.86 -18.79
CA TYR G 112 -22.48 -24.24 -19.72
C TYR G 112 -23.03 -24.41 -21.14
N ARG G 113 -22.70 -23.43 -21.99
CA ARG G 113 -23.16 -23.39 -23.39
C ARG G 113 -22.28 -22.41 -24.17
N ALA G 114 -22.45 -22.39 -25.49
CA ALA G 114 -21.72 -21.43 -26.36
C ALA G 114 -22.07 -20.00 -25.95
N ASN G 115 -21.20 -19.05 -26.30
CA ASN G 115 -21.46 -17.62 -26.02
C ASN G 115 -22.66 -17.16 -26.86
N GLU G 116 -22.92 -17.86 -27.97
CA GLU G 116 -24.04 -17.54 -28.90
C GLU G 116 -25.18 -18.55 -28.71
N SER G 117 -26.41 -18.03 -28.59
CA SER G 117 -27.64 -18.86 -28.43
C SER G 117 -27.89 -19.66 -29.71
N ALA G 118 -28.81 -20.62 -29.66
CA ALA G 118 -29.16 -21.41 -30.86
C ALA G 118 -29.59 -20.48 -32.01
N ASN G 119 -30.43 -19.48 -31.74
CA ASN G 119 -30.91 -18.61 -32.85
C ASN G 119 -29.76 -17.75 -33.40
N TRP G 120 -28.83 -17.36 -32.54
CA TRP G 120 -27.66 -16.55 -32.96
C TRP G 120 -26.80 -17.41 -33.88
N GLN G 121 -26.56 -18.66 -33.48
CA GLN G 121 -25.78 -19.60 -34.32
C GLN G 121 -26.45 -19.81 -35.68
N GLU G 122 -27.77 -19.99 -35.70
CA GLU G 122 -28.44 -20.21 -37.01
C GLU G 122 -28.35 -18.93 -37.86
N ALA G 123 -28.41 -17.75 -37.24
CA ALA G 123 -28.30 -16.48 -37.98
C ALA G 123 -26.90 -16.35 -38.60
N ARG G 124 -25.88 -16.84 -37.89
CA ARG G 124 -24.48 -16.68 -38.35
C ARG G 124 -24.08 -17.78 -39.35
N TYR G 125 -24.50 -19.02 -39.13
CA TYR G 125 -23.99 -20.15 -39.94
C TYR G 125 -25.08 -20.92 -40.70
N GLY G 126 -26.35 -20.68 -40.42
CA GLY G 126 -27.40 -21.56 -40.95
C GLY G 126 -27.48 -22.77 -40.02
N LYS G 127 -27.94 -23.93 -40.51
CA LYS G 127 -28.03 -25.12 -39.62
C LYS G 127 -26.77 -25.97 -39.81
N LEU G 128 -25.80 -25.86 -38.89
CA LEU G 128 -24.53 -26.61 -39.02
C LEU G 128 -24.75 -28.13 -39.14
N TRP G 129 -25.76 -28.68 -38.48
CA TRP G 129 -25.98 -30.15 -38.50
C TRP G 129 -26.40 -30.64 -39.90
N GLU G 130 -26.74 -29.72 -40.81
CA GLU G 130 -27.14 -30.11 -42.18
C GLU G 130 -25.99 -29.86 -43.16
N GLN G 131 -24.79 -29.55 -42.66
CA GLN G 131 -23.65 -29.17 -43.54
C GLN G 131 -22.53 -30.23 -43.50
N GLY G 132 -22.89 -31.49 -43.29
CA GLY G 132 -21.94 -32.62 -43.34
C GLY G 132 -20.89 -32.57 -42.26
N ILE G 133 -19.81 -33.32 -42.48
CA ILE G 133 -18.69 -33.46 -41.51
C ILE G 133 -18.18 -32.10 -41.02
N GLU G 134 -17.96 -31.16 -41.95
CA GLU G 134 -17.39 -29.83 -41.59
C GLU G 134 -18.34 -29.09 -40.64
N GLY G 135 -19.65 -29.14 -40.93
CA GLY G 135 -20.66 -28.47 -40.09
C GLY G 135 -20.79 -29.13 -38.72
N ILE G 136 -20.89 -30.46 -38.71
CA ILE G 136 -21.03 -31.25 -37.44
C ILE G 136 -19.80 -31.02 -36.56
N GLU G 137 -18.59 -30.97 -37.14
CA GLU G 137 -17.37 -30.77 -36.31
C GLU G 137 -17.41 -29.35 -35.71
N LYS G 138 -17.86 -28.37 -36.49
CA LYS G 138 -17.94 -26.97 -36.00
C LYS G 138 -18.99 -26.90 -34.88
N TYR G 139 -20.14 -27.54 -35.11
CA TYR G 139 -21.24 -27.53 -34.11
C TYR G 139 -20.79 -28.21 -32.81
N ASN G 140 -20.07 -29.33 -32.89
CA ASN G 140 -19.64 -30.07 -31.68
C ASN G 140 -18.63 -29.23 -30.88
N LYS G 141 -17.70 -28.57 -31.56
CA LYS G 141 -16.68 -27.75 -30.87
C LYS G 141 -17.36 -26.58 -30.14
N LEU G 142 -18.31 -25.92 -30.80
CA LEU G 142 -19.02 -24.73 -30.29
C LEU G 142 -19.98 -25.09 -29.13
N ASN G 143 -20.65 -26.24 -29.25
CA ASN G 143 -21.76 -26.55 -28.31
C ASN G 143 -21.46 -27.71 -27.36
N LYS G 144 -20.35 -28.42 -27.52
CA LYS G 144 -20.08 -29.57 -26.61
C LYS G 144 -18.66 -29.49 -26.06
N VAL G 145 -17.66 -29.34 -26.94
CA VAL G 145 -16.23 -29.38 -26.52
C VAL G 145 -15.84 -28.12 -25.73
N GLU G 146 -15.90 -26.96 -26.36
CA GLU G 146 -15.44 -25.71 -25.71
C GLU G 146 -16.21 -25.47 -24.41
N PRO G 147 -17.55 -25.61 -24.33
CA PRO G 147 -18.25 -25.38 -23.06
C PRO G 147 -17.80 -26.32 -21.93
N MET G 148 -17.52 -27.58 -22.25
CA MET G 148 -17.03 -28.54 -21.21
C MET G 148 -15.62 -28.12 -20.77
N ARG G 149 -14.73 -27.77 -21.72
N ARG G 149 -14.75 -27.76 -21.73
CA ARG G 149 -13.36 -27.35 -21.31
CA ARG G 149 -13.37 -27.30 -21.41
C ARG G 149 -13.43 -26.10 -20.44
C ARG G 149 -13.43 -26.10 -20.46
N ARG G 150 -14.31 -25.15 -20.77
CA ARG G 150 -14.45 -23.90 -19.96
C ARG G 150 -15.05 -24.25 -18.59
N ALA G 151 -16.03 -25.16 -18.53
CA ALA G 151 -16.61 -25.56 -17.22
C ALA G 151 -15.53 -26.15 -16.30
N LEU G 152 -14.71 -27.06 -16.82
CA LEU G 152 -13.66 -27.68 -15.98
C LEU G 152 -12.68 -26.60 -15.49
N ASN G 153 -12.35 -25.64 -16.34
CA ASN G 153 -11.40 -24.54 -16.02
C ASN G 153 -12.02 -23.60 -14.98
N GLU G 154 -13.22 -23.08 -15.26
CA GLU G 154 -13.86 -22.11 -14.34
C GLU G 154 -14.20 -22.73 -12.98
N LEU G 155 -14.53 -24.02 -12.92
CA LEU G 155 -14.88 -24.67 -11.61
C LEU G 155 -13.63 -25.22 -10.91
N ASN G 156 -12.45 -24.99 -11.47
N ASN G 156 -12.46 -25.01 -11.48
CA ASN G 156 -11.14 -25.45 -10.92
CA ASN G 156 -11.17 -25.46 -10.86
C ASN G 156 -11.21 -26.96 -10.64
C ASN G 156 -11.24 -26.97 -10.61
N VAL G 157 -11.86 -27.71 -11.53
CA VAL G 157 -12.01 -29.19 -11.38
C VAL G 157 -10.64 -29.86 -11.60
N LYS G 158 -10.30 -30.78 -10.69
CA LYS G 158 -9.06 -31.60 -10.79
C LYS G 158 -9.47 -33.08 -10.89
N THR G 159 -10.70 -33.41 -10.44
CA THR G 159 -11.25 -34.80 -10.53
C THR G 159 -12.63 -34.73 -11.16
N TRP G 160 -12.74 -35.31 -12.35
CA TRP G 160 -13.96 -35.32 -13.18
C TRP G 160 -14.58 -36.72 -13.23
N PHE G 161 -15.77 -36.87 -12.63
CA PHE G 161 -16.52 -38.14 -12.65
C PHE G 161 -17.36 -38.21 -13.93
N SER G 162 -17.29 -39.34 -14.62
CA SER G 162 -18.07 -39.59 -15.87
C SER G 162 -18.72 -40.98 -15.81
N GLY G 163 -19.93 -41.10 -16.38
CA GLY G 163 -20.69 -42.38 -16.39
C GLY G 163 -20.37 -43.26 -17.58
N LEU G 164 -19.25 -43.00 -18.27
CA LEU G 164 -18.81 -43.77 -19.45
C LEU G 164 -18.65 -45.26 -19.08
N ARG G 165 -19.12 -46.16 -19.95
CA ARG G 165 -19.03 -47.63 -19.71
C ARG G 165 -18.35 -48.33 -20.89
N ARG G 166 -17.44 -49.27 -20.60
CA ARG G 166 -16.72 -50.08 -21.63
C ARG G 166 -17.74 -50.72 -22.59
N GLU G 167 -18.89 -51.13 -22.07
CA GLU G 167 -19.97 -51.77 -22.87
C GLU G 167 -20.41 -50.83 -23.99
N GLN G 168 -20.10 -49.53 -23.87
CA GLN G 168 -20.42 -48.48 -24.87
C GLN G 168 -19.22 -48.27 -25.82
N SER G 169 -18.24 -49.18 -25.79
CA SER G 169 -17.01 -49.13 -26.63
C SER G 169 -16.37 -47.74 -26.51
N GLY G 174 -11.10 -51.33 -22.58
CA GLY G 174 -9.86 -50.54 -22.68
C GLY G 174 -9.87 -49.33 -21.76
N LEU G 175 -11.06 -48.74 -21.55
CA LEU G 175 -11.26 -47.55 -20.68
C LEU G 175 -10.83 -47.85 -19.25
N PRO G 176 -9.77 -47.21 -18.73
CA PRO G 176 -9.37 -47.40 -17.35
C PRO G 176 -10.29 -46.61 -16.41
N ILE G 177 -10.40 -47.07 -15.15
CA ILE G 177 -11.22 -46.36 -14.13
C ILE G 177 -10.60 -44.98 -13.88
N LEU G 178 -9.26 -44.92 -13.84
CA LEU G 178 -8.55 -43.63 -13.55
C LEU G 178 -7.49 -43.35 -14.62
N SER G 179 -7.54 -42.14 -15.18
CA SER G 179 -6.57 -41.69 -16.22
C SER G 179 -6.50 -40.16 -16.22
N ILE G 180 -5.58 -39.59 -17.00
CA ILE G 180 -5.42 -38.12 -17.14
C ILE G 180 -6.03 -37.69 -18.47
N GLN G 181 -6.98 -36.76 -18.45
CA GLN G 181 -7.63 -36.27 -19.69
C GLN G 181 -8.03 -34.81 -19.51
N ASN G 182 -7.72 -33.96 -20.51
CA ASN G 182 -8.05 -32.51 -20.43
C ASN G 182 -7.37 -31.90 -19.19
N GLY G 183 -6.14 -32.34 -18.90
CA GLY G 183 -5.35 -31.85 -17.76
C GLY G 183 -5.95 -32.19 -16.41
N VAL G 184 -6.89 -33.15 -16.35
CA VAL G 184 -7.51 -33.48 -15.02
C VAL G 184 -7.62 -35.00 -14.87
N PHE G 185 -7.85 -35.46 -13.64
CA PHE G 185 -8.14 -36.89 -13.40
C PHE G 185 -9.53 -37.18 -13.94
N LYS G 186 -9.64 -38.15 -14.85
CA LYS G 186 -10.98 -38.58 -15.34
C LYS G 186 -11.28 -39.93 -14.64
N PHE G 187 -12.37 -39.98 -13.87
CA PHE G 187 -12.69 -41.15 -13.03
C PHE G 187 -14.03 -41.75 -13.48
N LEU G 188 -14.02 -43.04 -13.83
CA LEU G 188 -15.22 -43.76 -14.36
C LEU G 188 -15.65 -44.86 -13.40
N PRO G 189 -16.49 -44.55 -12.38
CA PRO G 189 -16.85 -45.54 -11.36
C PRO G 189 -17.81 -46.67 -11.79
N VAL G 190 -18.51 -46.52 -12.91
CA VAL G 190 -19.42 -47.60 -13.41
C VAL G 190 -18.89 -48.11 -14.75
N VAL G 191 -17.59 -47.97 -14.98
CA VAL G 191 -16.94 -48.31 -16.28
C VAL G 191 -17.20 -49.77 -16.66
N ASP G 192 -17.30 -50.68 -15.68
CA ASP G 192 -17.49 -52.13 -15.95
C ASP G 192 -18.95 -52.55 -15.77
N TRP G 193 -19.89 -51.60 -15.71
CA TRP G 193 -21.33 -51.94 -15.51
C TRP G 193 -22.01 -52.32 -16.83
N SER G 194 -23.00 -53.20 -16.73
CA SER G 194 -23.83 -53.63 -17.88
C SER G 194 -25.18 -52.90 -17.81
N ASN G 195 -26.03 -53.06 -18.82
CA ASN G 195 -27.39 -52.48 -18.81
C ASN G 195 -28.16 -53.08 -17.62
N LYS G 196 -27.92 -54.36 -17.31
CA LYS G 196 -28.60 -55.05 -16.19
C LYS G 196 -28.19 -54.39 -14.87
N ASP G 197 -26.88 -54.19 -14.66
CA ASP G 197 -26.36 -53.49 -13.45
C ASP G 197 -27.06 -52.13 -13.30
N VAL G 198 -27.17 -51.38 -14.41
CA VAL G 198 -27.86 -50.06 -14.39
C VAL G 198 -29.32 -50.28 -13.92
N HIS G 199 -30.01 -51.26 -14.51
CA HIS G 199 -31.44 -51.52 -14.17
C HIS G 199 -31.61 -51.80 -12.68
N TYR G 200 -30.80 -52.68 -12.08
CA TYR G 200 -31.01 -53.03 -10.64
C TYR G 200 -30.59 -51.88 -9.72
N TYR G 201 -29.65 -51.02 -10.15
CA TYR G 201 -29.29 -49.86 -9.30
C TYR G 201 -30.49 -48.90 -9.26
N LEU G 202 -31.08 -48.64 -10.43
CA LEU G 202 -32.24 -47.72 -10.54
C LEU G 202 -33.42 -48.28 -9.73
N LYS G 203 -33.64 -49.60 -9.84
CA LYS G 203 -34.78 -50.26 -9.14
C LYS G 203 -34.55 -50.20 -7.63
N GLU G 204 -33.32 -50.51 -7.21
CA GLU G 204 -32.94 -50.53 -5.77
C GLU G 204 -33.18 -49.17 -5.13
N HIS G 205 -32.84 -48.08 -5.82
CA HIS G 205 -32.96 -46.71 -5.21
C HIS G 205 -34.21 -45.97 -5.70
N GLY G 206 -35.11 -46.66 -6.42
CA GLY G 206 -36.36 -46.03 -6.91
C GLY G 206 -36.10 -44.87 -7.86
N LEU G 207 -35.04 -44.96 -8.66
CA LEU G 207 -34.68 -43.90 -9.64
C LEU G 207 -35.38 -44.19 -10.98
N SER G 208 -35.54 -43.15 -11.80
CA SER G 208 -36.24 -43.30 -13.10
C SER G 208 -35.26 -43.29 -14.28
N TYR G 209 -35.67 -43.94 -15.36
CA TYR G 209 -34.97 -43.82 -16.66
C TYR G 209 -35.47 -42.50 -17.27
N HIS G 210 -34.75 -41.98 -18.27
CA HIS G 210 -35.21 -40.78 -19.03
C HIS G 210 -36.61 -41.09 -19.54
N PRO G 211 -37.54 -40.10 -19.62
CA PRO G 211 -38.91 -40.37 -20.07
C PRO G 211 -39.04 -41.01 -21.46
N LEU G 212 -38.03 -40.86 -22.34
CA LEU G 212 -38.14 -41.43 -23.71
C LEU G 212 -37.78 -42.92 -23.71
N TRP G 213 -37.22 -43.44 -22.61
CA TRP G 213 -36.89 -44.88 -22.52
C TRP G 213 -38.19 -45.70 -22.72
N GLU G 214 -39.29 -45.26 -22.10
CA GLU G 214 -40.60 -45.94 -22.22
C GLU G 214 -41.17 -45.82 -23.64
N GLN G 215 -40.59 -44.94 -24.47
CA GLN G 215 -41.11 -44.74 -25.85
C GLN G 215 -40.19 -45.44 -26.84
N GLY G 216 -39.31 -46.33 -26.35
CA GLY G 216 -38.43 -47.13 -27.22
C GLY G 216 -37.14 -46.43 -27.62
N TYR G 217 -36.80 -45.27 -27.05
CA TYR G 217 -35.51 -44.61 -27.41
C TYR G 217 -34.34 -45.37 -26.79
N LEU G 218 -33.32 -45.66 -27.59
CA LEU G 218 -32.10 -46.35 -27.10
C LEU G 218 -31.01 -45.31 -26.84
N SER G 219 -31.21 -44.10 -27.37
CA SER G 219 -30.24 -42.98 -27.14
C SER G 219 -30.98 -41.65 -27.27
N VAL G 220 -30.52 -40.64 -26.54
CA VAL G 220 -31.13 -39.29 -26.65
C VAL G 220 -30.01 -38.27 -26.76
N GLY G 221 -30.16 -37.30 -27.65
CA GLY G 221 -29.19 -36.21 -27.82
C GLY G 221 -29.93 -34.97 -28.27
N ASP G 222 -29.52 -34.41 -29.40
CA ASP G 222 -30.20 -33.21 -29.98
C ASP G 222 -31.38 -33.68 -30.81
N THR G 223 -32.44 -32.88 -30.85
CA THR G 223 -33.66 -33.21 -31.63
C THR G 223 -33.32 -33.40 -33.11
N HIS G 224 -32.37 -32.63 -33.63
CA HIS G 224 -32.06 -32.65 -35.08
C HIS G 224 -31.11 -33.78 -35.50
N THR G 225 -30.49 -34.50 -34.56
CA THR G 225 -29.43 -35.47 -34.97
C THR G 225 -29.66 -36.86 -34.36
N THR G 226 -30.48 -36.97 -33.32
CA THR G 226 -30.67 -38.27 -32.64
C THR G 226 -31.31 -39.33 -33.55
N GLN G 227 -30.74 -40.54 -33.52
CA GLN G 227 -31.29 -41.73 -34.22
C GLN G 227 -31.86 -42.60 -33.08
N LYS G 228 -33.18 -42.57 -32.91
CA LYS G 228 -33.76 -43.23 -31.70
C LYS G 228 -33.41 -44.72 -31.61
N TRP G 229 -33.07 -45.38 -32.72
CA TRP G 229 -32.78 -46.85 -32.67
C TRP G 229 -31.27 -47.13 -32.73
N GLU G 230 -30.40 -46.15 -32.45
CA GLU G 230 -28.93 -46.40 -32.55
C GLU G 230 -28.24 -45.90 -31.28
N PRO G 231 -27.80 -46.81 -30.37
CA PRO G 231 -27.20 -46.40 -29.10
C PRO G 231 -25.69 -46.11 -29.02
N GLY G 232 -24.89 -46.60 -29.99
CA GLY G 232 -23.42 -46.42 -29.98
C GLY G 232 -22.99 -44.95 -29.89
N MET G 233 -21.76 -44.71 -29.41
CA MET G 233 -21.20 -43.35 -29.27
C MET G 233 -19.86 -43.26 -30.04
N SER G 234 -19.57 -42.09 -30.63
CA SER G 234 -18.29 -41.85 -31.33
C SER G 234 -17.19 -41.61 -30.28
N GLU G 235 -15.91 -41.57 -30.70
CA GLU G 235 -14.79 -41.31 -29.74
C GLU G 235 -14.91 -39.89 -29.17
N GLU G 236 -15.31 -38.93 -30.01
CA GLU G 236 -15.43 -37.51 -29.56
C GLU G 236 -16.53 -37.41 -28.48
N GLU G 237 -17.62 -38.14 -28.67
CA GLU G 237 -18.74 -38.15 -27.68
C GLU G 237 -18.26 -38.72 -26.34
N THR G 238 -17.50 -39.82 -26.38
CA THR G 238 -17.00 -40.49 -25.14
C THR G 238 -15.95 -39.64 -24.41
N ARG G 239 -15.14 -38.85 -25.14
CA ARG G 239 -14.06 -38.03 -24.50
C ARG G 239 -14.61 -36.85 -23.69
N PHE G 240 -15.88 -36.48 -23.85
CA PHE G 240 -16.43 -35.32 -23.09
C PHE G 240 -17.74 -35.75 -22.39
N PHE G 241 -17.99 -37.05 -22.35
CA PHE G 241 -19.19 -37.63 -21.70
C PHE G 241 -18.84 -37.96 -20.24
N THR H 11 -18.70 -20.85 23.39
CA THR H 11 -18.80 -22.04 24.31
C THR H 11 -17.91 -23.18 23.76
N LEU H 12 -16.70 -23.34 24.33
CA LEU H 12 -15.73 -24.38 23.89
C LEU H 12 -16.01 -25.68 24.65
N GLN H 13 -16.47 -26.71 23.94
CA GLN H 13 -16.82 -28.02 24.55
C GLN H 13 -15.76 -29.05 24.17
N LEU H 14 -14.98 -29.47 25.17
CA LEU H 14 -13.91 -30.48 24.95
C LEU H 14 -14.57 -31.75 24.38
N SER H 15 -15.83 -32.00 24.73
CA SER H 15 -16.61 -33.18 24.27
C SER H 15 -16.76 -33.17 22.75
N GLU H 16 -16.82 -31.96 22.15
CA GLU H 16 -16.98 -31.81 20.67
C GLU H 16 -15.60 -31.66 20.03
N LEU H 17 -14.79 -30.72 20.53
CA LEU H 17 -13.41 -30.46 20.02
C LEU H 17 -12.60 -31.75 19.93
N LEU H 18 -12.80 -32.69 20.86
CA LEU H 18 -12.02 -33.96 20.85
C LEU H 18 -12.50 -34.89 19.72
N SER H 19 -13.64 -34.60 19.11
CA SER H 19 -14.13 -35.43 17.97
C SER H 19 -13.68 -34.79 16.65
N LEU H 20 -12.88 -33.72 16.72
CA LEU H 20 -12.38 -33.04 15.49
C LEU H 20 -10.91 -33.38 15.27
N THR H 21 -10.48 -33.36 14.01
CA THR H 21 -9.04 -33.57 13.67
C THR H 21 -8.27 -32.36 14.20
N LYS H 22 -6.94 -32.46 14.31
CA LYS H 22 -6.13 -31.31 14.77
C LYS H 22 -6.37 -30.11 13.82
N ALA H 23 -6.50 -30.37 12.51
CA ALA H 23 -6.76 -29.30 11.52
C ALA H 23 -8.09 -28.61 11.82
N GLU H 24 -9.14 -29.39 12.12
CA GLU H 24 -10.48 -28.82 12.43
C GLU H 24 -10.45 -28.06 13.76
N GLN H 25 -9.61 -28.49 14.71
CA GLN H 25 -9.51 -27.78 16.02
C GLN H 25 -8.90 -26.39 15.78
N SER H 26 -7.86 -26.32 14.95
CA SER H 26 -7.18 -25.04 14.62
C SER H 26 -8.19 -24.02 14.06
N ILE H 27 -9.04 -24.46 13.14
CA ILE H 27 -10.06 -23.56 12.52
C ILE H 27 -11.04 -23.11 13.61
N ARG H 28 -11.48 -24.05 14.45
CA ARG H 28 -12.47 -23.75 15.52
C ARG H 28 -11.90 -22.74 16.53
N LEU H 29 -10.60 -22.84 16.85
CA LEU H 29 -9.94 -21.95 17.86
C LEU H 29 -9.18 -20.78 17.20
N ALA H 30 -9.34 -20.58 15.89
CA ALA H 30 -8.58 -19.52 15.18
C ALA H 30 -8.96 -18.12 15.68
N GLU H 31 -10.25 -17.81 15.70
CA GLU H 31 -10.71 -16.46 16.11
C GLU H 31 -10.34 -16.18 17.57
N ILE H 32 -10.59 -17.13 18.46
N ILE H 32 -10.58 -17.13 18.47
CA ILE H 32 -10.26 -16.95 19.90
CA ILE H 32 -10.25 -16.89 19.90
C ILE H 32 -8.75 -16.69 20.06
C ILE H 32 -8.74 -16.68 20.05
N ASN H 33 -7.90 -17.43 19.33
CA ASN H 33 -6.42 -17.25 19.42
C ASN H 33 -6.00 -15.85 18.97
N VAL H 34 -6.60 -15.30 17.91
CA VAL H 34 -6.25 -13.92 17.47
C VAL H 34 -6.64 -12.93 18.58
N GLU H 35 -7.80 -13.15 19.22
CA GLU H 35 -8.29 -12.25 20.31
C GLU H 35 -7.34 -12.32 21.50
N LEU H 36 -6.93 -13.53 21.88
CA LEU H 36 -6.05 -13.74 23.06
C LEU H 36 -4.69 -13.07 22.84
N GLU H 37 -4.18 -13.06 21.60
CA GLU H 37 -2.86 -12.43 21.28
C GLU H 37 -2.86 -10.97 21.69
N MET H 38 -4.01 -10.29 21.56
CA MET H 38 -4.16 -8.84 21.85
C MET H 38 -4.24 -8.59 23.37
N LEU H 39 -4.56 -9.61 24.17
CA LEU H 39 -4.65 -9.43 25.65
C LEU H 39 -3.27 -9.58 26.29
N SER H 40 -3.15 -9.09 27.52
CA SER H 40 -1.92 -9.27 28.34
C SER H 40 -1.94 -10.69 28.94
N ALA H 41 -0.82 -11.15 29.49
CA ALA H 41 -0.76 -12.47 30.17
C ALA H 41 -1.81 -12.53 31.28
N GLN H 42 -1.95 -11.45 32.06
CA GLN H 42 -2.94 -11.41 33.17
C GLN H 42 -4.36 -11.59 32.62
N GLU H 43 -4.69 -10.87 31.54
CA GLU H 43 -6.05 -10.92 30.92
C GLU H 43 -6.28 -12.31 30.33
N ARG H 44 -5.22 -12.93 29.78
CA ARG H 44 -5.32 -14.28 29.18
C ARG H 44 -5.69 -15.29 30.27
N VAL H 45 -4.97 -15.26 31.40
CA VAL H 45 -5.25 -16.18 32.54
C VAL H 45 -6.69 -15.94 33.00
N ALA H 46 -7.11 -14.67 33.09
CA ALA H 46 -8.48 -14.34 33.54
C ALA H 46 -9.50 -15.00 32.60
N TRP H 47 -9.27 -14.86 31.29
CA TRP H 47 -10.18 -15.43 30.27
C TRP H 47 -10.25 -16.94 30.42
N ALA H 48 -9.08 -17.60 30.57
CA ALA H 48 -9.03 -19.07 30.69
C ALA H 48 -9.81 -19.54 31.93
N LEU H 49 -9.64 -18.88 33.07
CA LEU H 49 -10.36 -19.29 34.30
C LEU H 49 -11.87 -19.13 34.12
N GLN H 50 -12.28 -18.12 33.35
CA GLN H 50 -13.72 -17.81 33.15
C GLN H 50 -14.35 -18.61 31.99
N ASN H 51 -13.57 -19.05 31.00
CA ASN H 51 -14.22 -19.59 29.76
C ASN H 51 -13.84 -21.04 29.46
N LEU H 52 -12.82 -21.60 30.10
CA LEU H 52 -12.43 -22.99 29.81
C LEU H 52 -12.86 -23.91 30.96
N GLU H 53 -13.33 -25.10 30.61
CA GLU H 53 -13.79 -26.13 31.58
C GLU H 53 -12.68 -26.46 32.58
N GLY H 54 -13.05 -26.58 33.86
CA GLY H 54 -12.10 -26.98 34.92
C GLY H 54 -12.02 -28.50 35.01
N ALA H 55 -11.17 -29.02 35.92
CA ALA H 55 -10.40 -28.20 36.84
C ALA H 55 -9.21 -27.57 36.12
N HIS H 56 -8.73 -26.46 36.68
CA HIS H 56 -7.57 -25.73 36.15
C HIS H 56 -6.34 -26.11 36.99
N ALA H 57 -5.20 -26.30 36.34
CA ALA H 57 -3.96 -26.61 37.08
C ALA H 57 -2.77 -25.99 36.35
N VAL H 58 -1.71 -25.74 37.09
CA VAL H 58 -0.45 -25.24 36.48
C VAL H 58 0.64 -26.28 36.79
N SER H 59 1.45 -26.61 35.79
CA SER H 59 2.57 -27.55 36.06
C SER H 59 3.84 -26.72 36.15
N SER H 60 4.84 -27.19 36.92
CA SER H 60 6.10 -26.42 36.99
C SER H 60 7.25 -27.35 37.35
N SER H 61 8.40 -27.13 36.72
CA SER H 61 9.62 -27.91 37.06
C SER H 61 10.46 -27.06 38.03
N PHE H 62 9.92 -25.90 38.43
CA PHE H 62 10.61 -24.98 39.38
C PHE H 62 12.01 -24.66 38.87
N GLY H 63 12.10 -24.40 37.56
CA GLY H 63 13.35 -24.01 36.86
C GLY H 63 13.71 -22.55 37.06
N ILE H 64 14.66 -22.05 36.26
CA ILE H 64 15.19 -20.66 36.39
C ILE H 64 14.08 -19.61 36.49
N GLN H 65 13.11 -19.62 35.57
CA GLN H 65 12.07 -18.56 35.46
C GLN H 65 10.69 -19.02 35.96
N ALA H 66 10.66 -20.03 36.84
CA ALA H 66 9.39 -20.64 37.34
C ALA H 66 8.52 -19.65 38.11
N ALA H 67 9.10 -18.65 38.78
CA ALA H 67 8.30 -17.73 39.62
C ALA H 67 7.24 -16.99 38.80
N VAL H 68 7.51 -16.73 37.51
CA VAL H 68 6.54 -15.97 36.65
C VAL H 68 5.18 -16.68 36.63
N MET H 69 5.11 -17.90 36.08
CA MET H 69 3.81 -18.62 35.94
C MET H 69 3.17 -18.86 37.31
N LEU H 70 3.97 -19.21 38.30
CA LEU H 70 3.43 -19.56 39.64
C LEU H 70 2.76 -18.34 40.28
N HIS H 71 3.41 -17.17 40.16
CA HIS H 71 2.84 -15.91 40.69
C HIS H 71 1.63 -15.48 39.85
N LEU H 72 1.78 -15.44 38.52
CA LEU H 72 0.72 -15.02 37.58
C LEU H 72 -0.60 -15.76 37.84
N VAL H 73 -0.55 -17.09 37.91
CA VAL H 73 -1.80 -17.88 38.06
C VAL H 73 -2.28 -17.90 39.52
N SER H 74 -1.38 -18.04 40.52
CA SER H 74 -1.84 -18.13 41.94
C SER H 74 -2.47 -16.81 42.40
N LYS H 75 -2.05 -15.66 41.84
CA LYS H 75 -2.67 -14.39 42.26
C LYS H 75 -4.12 -14.31 41.73
N GLN H 76 -4.50 -15.16 40.77
CA GLN H 76 -5.90 -15.12 40.25
C GLN H 76 -6.72 -16.30 40.81
N GLN H 77 -6.03 -17.37 41.23
CA GLN H 77 -6.69 -18.52 41.89
C GLN H 77 -5.68 -19.03 42.92
N ALA H 78 -5.82 -18.54 44.16
CA ALA H 78 -4.88 -18.84 45.26
C ALA H 78 -4.69 -20.35 45.47
N ASP H 79 -5.74 -21.16 45.34
CA ASP H 79 -5.64 -22.62 45.61
C ASP H 79 -5.43 -23.42 44.31
N ILE H 80 -4.99 -22.78 43.23
CA ILE H 80 -4.83 -23.59 41.98
C ILE H 80 -3.82 -24.70 42.23
N PRO H 81 -4.12 -25.96 41.83
CA PRO H 81 -3.16 -27.05 42.01
C PRO H 81 -1.88 -26.81 41.21
N VAL H 82 -0.74 -26.91 41.88
CA VAL H 82 0.61 -26.77 41.24
C VAL H 82 1.18 -28.18 41.16
N ILE H 83 1.24 -28.73 39.94
CA ILE H 83 1.70 -30.13 39.73
C ILE H 83 3.22 -30.16 39.59
N LEU H 84 3.88 -30.86 40.51
CA LEU H 84 5.35 -31.10 40.49
C LEU H 84 5.62 -32.59 40.31
N THR H 85 6.34 -32.96 39.26
CA THR H 85 6.78 -34.38 39.11
C THR H 85 8.19 -34.44 39.69
N ASP H 86 8.33 -35.02 40.89
CA ASP H 86 9.67 -35.14 41.52
C ASP H 86 10.36 -36.37 40.94
N THR H 87 11.37 -36.17 40.10
CA THR H 87 12.14 -37.29 39.50
C THR H 87 12.96 -38.02 40.57
N GLY H 88 13.17 -37.38 41.73
CA GLY H 88 14.06 -37.92 42.78
C GLY H 88 15.50 -37.45 42.60
N TYR H 89 15.78 -36.64 41.56
CA TYR H 89 17.17 -36.20 41.26
C TYR H 89 17.26 -34.71 40.93
N LEU H 90 16.32 -33.91 41.44
CA LEU H 90 16.41 -32.44 41.14
C LEU H 90 17.60 -31.85 41.91
N PHE H 91 18.08 -30.68 41.49
CA PHE H 91 19.22 -30.07 42.23
C PHE H 91 18.80 -29.75 43.66
N PRO H 92 19.73 -29.84 44.62
CA PRO H 92 19.44 -29.47 46.00
C PRO H 92 18.81 -28.06 46.00
N GLU H 93 19.40 -27.15 45.20
CA GLU H 93 18.89 -25.75 45.10
C GLU H 93 17.45 -25.74 44.55
N THR H 94 17.08 -26.71 43.70
CA THR H 94 15.69 -26.76 43.15
C THR H 94 14.74 -27.14 44.29
N TYR H 95 15.09 -28.14 45.10
CA TYR H 95 14.25 -28.51 46.27
C TYR H 95 14.12 -27.30 47.21
N GLN H 96 15.23 -26.59 47.47
CA GLN H 96 15.17 -25.38 48.34
C GLN H 96 14.25 -24.32 47.71
N PHE H 97 14.25 -24.20 46.38
CA PHE H 97 13.43 -23.19 45.63
C PHE H 97 11.95 -23.59 45.70
N ILE H 98 11.67 -24.88 45.53
CA ILE H 98 10.29 -25.42 45.64
C ILE H 98 9.73 -25.04 47.01
N ASP H 99 10.49 -25.32 48.07
CA ASP H 99 10.09 -25.03 49.47
C ASP H 99 9.91 -23.50 49.64
N GLU H 100 10.85 -22.74 49.09
CA GLU H 100 10.83 -21.24 49.18
C GLU H 100 9.54 -20.68 48.53
N LEU H 101 9.24 -21.07 47.28
CA LEU H 101 8.04 -20.52 46.57
C LEU H 101 6.75 -21.09 47.17
N THR H 102 6.75 -22.35 47.57
CA THR H 102 5.54 -22.93 48.19
C THR H 102 5.13 -22.05 49.39
N LYS H 103 6.09 -21.65 50.22
CA LYS H 103 5.80 -20.79 51.40
C LYS H 103 5.47 -19.35 50.97
N SER H 104 6.35 -18.71 50.19
CA SER H 104 6.18 -17.27 49.86
C SER H 104 4.92 -17.03 49.01
N LEU H 105 4.54 -17.97 48.13
CA LEU H 105 3.33 -17.75 47.28
C LEU H 105 2.14 -18.56 47.82
N ASN H 106 2.33 -19.31 48.91
CA ASN H 106 1.25 -20.14 49.52
C ASN H 106 0.70 -21.07 48.43
N LEU H 107 1.58 -21.85 47.79
CA LEU H 107 1.15 -22.72 46.66
C LEU H 107 0.50 -24.00 47.18
N ASN H 108 -0.51 -24.46 46.41
CA ASN H 108 -1.22 -25.73 46.66
C ASN H 108 -0.42 -26.77 45.87
N LEU H 109 0.75 -27.14 46.40
CA LEU H 109 1.70 -28.07 45.72
C LEU H 109 1.18 -29.51 45.71
N LYS H 110 1.11 -30.11 44.53
CA LYS H 110 0.67 -31.52 44.37
C LYS H 110 1.88 -32.29 43.84
N VAL H 111 2.49 -33.09 44.71
CA VAL H 111 3.76 -33.80 44.37
C VAL H 111 3.43 -35.19 43.81
N TYR H 112 3.91 -35.47 42.59
CA TYR H 112 3.72 -36.80 41.94
C TYR H 112 5.08 -37.40 41.63
N ARG H 113 5.16 -38.74 41.69
CA ARG H 113 6.43 -39.43 41.42
C ARG H 113 6.18 -40.90 41.10
N ALA H 114 7.23 -41.59 40.67
CA ALA H 114 7.16 -43.04 40.36
C ALA H 114 6.80 -43.81 41.64
N ASN H 115 6.23 -45.00 41.46
CA ASN H 115 5.90 -45.91 42.58
C ASN H 115 7.21 -46.38 43.25
N GLU H 116 8.30 -46.38 42.48
CA GLU H 116 9.64 -46.85 42.93
C GLU H 116 10.54 -45.63 43.17
N SER H 117 11.19 -45.58 44.34
CA SER H 117 12.13 -44.49 44.69
C SER H 117 13.37 -44.53 43.78
N ALA H 118 14.17 -43.47 43.82
CA ALA H 118 15.42 -43.41 43.02
C ALA H 118 16.30 -44.63 43.31
N ASN H 119 16.46 -44.99 44.60
CA ASN H 119 17.37 -46.12 44.96
C ASN H 119 16.75 -47.44 44.51
N TRP H 120 15.43 -47.53 44.50
CA TRP H 120 14.73 -48.74 44.01
C TRP H 120 14.98 -48.87 42.51
N GLN H 121 14.77 -47.77 41.76
CA GLN H 121 15.02 -47.78 40.30
C GLN H 121 16.48 -48.16 40.01
N GLU H 122 17.44 -47.64 40.79
CA GLU H 122 18.88 -47.93 40.54
C GLU H 122 19.16 -49.41 40.85
N ALA H 123 18.47 -49.97 41.85
CA ALA H 123 18.70 -51.39 42.20
C ALA H 123 18.12 -52.28 41.10
N ARG H 124 17.02 -51.87 40.49
CA ARG H 124 16.34 -52.71 39.48
C ARG H 124 16.98 -52.54 38.08
N TYR H 125 17.40 -51.33 37.71
CA TYR H 125 17.84 -51.10 36.31
C TYR H 125 19.29 -50.61 36.15
N GLY H 126 19.93 -50.19 37.23
CA GLY H 126 21.23 -49.50 37.19
C GLY H 126 20.93 -48.03 36.95
N LYS H 127 21.84 -47.29 36.32
CA LYS H 127 21.59 -45.84 36.08
C LYS H 127 21.05 -45.65 34.65
N LEU H 128 19.71 -45.56 34.55
CA LEU H 128 19.01 -45.45 33.24
C LEU H 128 19.55 -44.29 32.40
N TRP H 129 19.97 -43.18 33.02
CA TRP H 129 20.48 -42.02 32.25
C TRP H 129 21.82 -42.35 31.59
N GLU H 130 22.49 -43.43 32.01
CA GLU H 130 23.78 -43.82 31.39
C GLU H 130 23.54 -44.89 30.31
N GLN H 131 22.29 -45.19 29.98
CA GLN H 131 21.99 -46.32 29.04
C GLN H 131 21.37 -45.82 27.73
N GLY H 132 21.80 -44.63 27.27
CA GLY H 132 21.39 -44.08 25.97
C GLY H 132 19.91 -43.76 25.88
N ILE H 133 19.46 -43.50 24.65
CA ILE H 133 18.03 -43.13 24.36
C ILE H 133 17.07 -44.15 24.99
N GLU H 134 17.37 -45.44 24.90
CA GLU H 134 16.44 -46.48 25.45
C GLU H 134 16.26 -46.26 26.96
N GLY H 135 17.38 -46.15 27.69
CA GLY H 135 17.32 -45.95 29.15
C GLY H 135 16.67 -44.63 29.50
N ILE H 136 17.03 -43.55 28.80
CA ILE H 136 16.45 -42.20 29.07
C ILE H 136 14.93 -42.25 28.83
N GLU H 137 14.49 -42.97 27.80
CA GLU H 137 13.04 -43.09 27.49
C GLU H 137 12.33 -43.78 28.67
N LYS H 138 12.89 -44.88 29.16
CA LYS H 138 12.29 -45.63 30.30
C LYS H 138 12.31 -44.71 31.54
N TYR H 139 13.40 -43.97 31.76
CA TYR H 139 13.49 -43.04 32.91
C TYR H 139 12.42 -41.93 32.83
N ASN H 140 12.25 -41.32 31.65
CA ASN H 140 11.25 -40.23 31.46
C ASN H 140 9.84 -40.79 31.66
N LYS H 141 9.58 -42.01 31.19
CA LYS H 141 8.25 -42.67 31.35
C LYS H 141 7.93 -42.81 32.86
N LEU H 142 8.87 -43.37 33.62
CA LEU H 142 8.69 -43.63 35.07
C LEU H 142 8.57 -42.35 35.89
N ASN H 143 9.45 -41.39 35.62
CA ASN H 143 9.64 -40.21 36.51
C ASN H 143 8.97 -38.92 36.01
N LYS H 144 8.46 -38.89 34.77
CA LYS H 144 7.86 -37.62 34.26
C LYS H 144 6.50 -37.85 33.60
N VAL H 145 6.43 -38.77 32.63
CA VAL H 145 5.18 -38.98 31.83
C VAL H 145 4.07 -39.63 32.67
N GLU H 146 4.33 -40.82 33.22
CA GLU H 146 3.26 -41.55 33.98
C GLU H 146 2.78 -40.70 35.15
N PRO H 147 3.67 -40.13 36.01
CA PRO H 147 3.22 -39.30 37.14
C PRO H 147 2.35 -38.10 36.71
N MET H 148 2.71 -37.44 35.59
CA MET H 148 1.91 -36.29 35.09
C MET H 148 0.52 -36.76 34.66
N ARG H 149 0.43 -37.91 33.99
CA ARG H 149 -0.89 -38.45 33.54
C ARG H 149 -1.75 -38.76 34.76
N ARG H 150 -1.14 -39.33 35.80
CA ARG H 150 -1.89 -39.71 37.03
C ARG H 150 -2.35 -38.41 37.73
N ALA H 151 -1.51 -37.38 37.72
CA ALA H 151 -1.87 -36.07 38.32
C ALA H 151 -3.09 -35.48 37.59
N LEU H 152 -3.08 -35.51 36.27
CA LEU H 152 -4.20 -34.93 35.49
C LEU H 152 -5.50 -35.70 35.81
N ASN H 153 -5.40 -37.03 35.99
CA ASN H 153 -6.59 -37.88 36.31
C ASN H 153 -7.11 -37.56 37.72
N GLU H 154 -6.23 -37.58 38.73
CA GLU H 154 -6.66 -37.40 40.15
C GLU H 154 -7.13 -35.98 40.45
N LEU H 155 -6.59 -34.98 39.74
CA LEU H 155 -6.93 -33.55 39.97
C LEU H 155 -8.05 -33.08 39.02
N ASN H 156 -8.55 -33.99 38.16
CA ASN H 156 -9.70 -33.69 37.26
C ASN H 156 -9.37 -32.51 36.33
N VAL H 157 -8.14 -32.46 35.82
CA VAL H 157 -7.67 -31.30 35.01
C VAL H 157 -8.21 -31.33 33.57
N LYS H 158 -8.83 -30.22 33.14
CA LYS H 158 -9.34 -30.06 31.75
C LYS H 158 -8.66 -28.82 31.13
N THR H 159 -8.08 -27.96 31.99
CA THR H 159 -7.32 -26.78 31.51
C THR H 159 -5.94 -26.80 32.18
N TRP H 160 -4.92 -26.95 31.35
N TRP H 160 -4.93 -26.97 31.34
CA TRP H 160 -3.51 -27.08 31.81
CA TRP H 160 -3.51 -27.08 31.78
C TRP H 160 -2.71 -25.82 31.42
C TRP H 160 -2.73 -25.81 31.42
N PHE H 161 -2.34 -25.03 32.43
CA PHE H 161 -1.54 -23.80 32.24
C PHE H 161 -0.06 -24.19 32.23
N SER H 162 0.67 -23.69 31.24
CA SER H 162 2.11 -23.98 31.07
C SER H 162 2.87 -22.69 30.73
N GLY H 163 4.14 -22.62 31.12
CA GLY H 163 5.00 -21.43 30.89
C GLY H 163 5.82 -21.50 29.61
N LEU H 164 5.46 -22.39 28.68
CA LEU H 164 6.19 -22.49 27.37
C LEU H 164 6.17 -21.14 26.66
N ARG H 165 7.32 -20.76 26.06
CA ARG H 165 7.46 -19.49 25.31
C ARG H 165 8.02 -19.82 23.92
N ARG H 166 7.50 -19.14 22.88
CA ARG H 166 7.95 -19.34 21.48
C ARG H 166 9.46 -19.12 21.37
N GLU H 167 9.99 -18.15 22.12
CA GLU H 167 11.43 -17.77 22.08
C GLU H 167 12.36 -18.87 22.63
N GLN H 168 11.86 -19.72 23.54
CA GLN H 168 12.69 -20.78 24.17
C GLN H 168 13.15 -21.83 23.15
N SER H 169 12.41 -22.01 22.05
CA SER H 169 12.80 -23.02 21.02
C SER H 169 12.24 -22.63 19.65
N GLN H 170 13.10 -22.65 18.62
CA GLN H 170 12.67 -22.31 17.22
C GLN H 170 11.68 -23.37 16.74
N SER H 171 11.66 -24.54 17.39
CA SER H 171 10.69 -25.62 17.06
C SER H 171 9.36 -25.34 17.76
N ARG H 172 9.32 -24.24 18.54
CA ARG H 172 8.11 -23.78 19.28
C ARG H 172 7.71 -22.39 18.80
N ALA H 173 8.27 -21.93 17.69
CA ALA H 173 8.01 -20.57 17.15
C ALA H 173 6.55 -20.40 16.70
N GLY H 174 5.77 -21.48 16.63
CA GLY H 174 4.37 -21.39 16.19
C GLY H 174 3.38 -21.92 17.22
N LEU H 175 3.76 -21.89 18.51
CA LEU H 175 2.87 -22.39 19.61
C LEU H 175 1.71 -21.42 19.82
N PRO H 176 0.46 -21.88 19.66
CA PRO H 176 -0.71 -21.03 19.90
C PRO H 176 -0.99 -20.90 21.41
N ILE H 177 -1.61 -19.79 21.82
CA ILE H 177 -1.95 -19.59 23.26
C ILE H 177 -2.91 -20.72 23.69
N LEU H 178 -3.87 -21.06 22.84
CA LEU H 178 -4.90 -22.10 23.16
C LEU H 178 -4.91 -23.20 22.09
N SER H 179 -4.75 -24.46 22.55
CA SER H 179 -4.81 -25.65 21.67
C SER H 179 -5.26 -26.84 22.53
N ILE H 180 -5.41 -28.00 21.89
CA ILE H 180 -5.81 -29.27 22.59
C ILE H 180 -4.60 -30.20 22.59
N GLN H 181 -4.32 -30.81 23.75
CA GLN H 181 -3.21 -31.80 23.89
C GLN H 181 -3.52 -32.73 25.07
N ASN H 182 -3.24 -34.04 24.91
CA ASN H 182 -3.45 -35.04 25.99
C ASN H 182 -4.92 -35.02 26.43
N GLY H 183 -5.83 -34.67 25.50
CA GLY H 183 -7.27 -34.62 25.78
C GLY H 183 -7.70 -33.44 26.64
N VAL H 184 -6.84 -32.43 26.80
CA VAL H 184 -7.23 -31.26 27.65
C VAL H 184 -6.82 -29.96 26.94
N PHE H 185 -7.34 -28.83 27.43
CA PHE H 185 -6.92 -27.52 26.87
C PHE H 185 -5.52 -27.20 27.40
N LYS H 186 -4.61 -26.86 26.49
CA LYS H 186 -3.23 -26.41 26.85
C LYS H 186 -3.22 -24.88 26.67
N PHE H 187 -2.98 -24.14 27.75
CA PHE H 187 -3.06 -22.66 27.73
C PHE H 187 -1.71 -22.06 28.11
N LEU H 188 -1.13 -21.28 27.18
CA LEU H 188 0.21 -20.66 27.31
C LEU H 188 0.05 -19.14 27.41
N PRO H 189 -0.21 -18.59 28.60
CA PRO H 189 -0.47 -17.16 28.75
C PRO H 189 0.74 -16.24 28.51
N VAL H 190 1.97 -16.76 28.58
CA VAL H 190 3.17 -15.90 28.34
C VAL H 190 3.91 -16.40 27.09
N VAL H 191 3.18 -17.05 26.18
CA VAL H 191 3.79 -17.69 24.97
C VAL H 191 4.57 -16.66 24.11
N ASP H 192 4.18 -15.38 24.15
CA ASP H 192 4.84 -14.36 23.27
C ASP H 192 5.85 -13.53 24.08
N TRP H 193 6.13 -13.93 25.32
CA TRP H 193 7.08 -13.17 26.20
C TRP H 193 8.54 -13.46 25.83
N SER H 194 9.40 -12.46 26.06
CA SER H 194 10.86 -12.59 25.83
C SER H 194 11.54 -12.74 27.19
N ASN H 195 12.84 -13.08 27.20
CA ASN H 195 13.60 -13.15 28.47
C ASN H 195 13.49 -11.78 29.16
N LYS H 196 13.39 -10.73 28.35
CA LYS H 196 13.26 -9.35 28.88
C LYS H 196 11.93 -9.24 29.65
N ASP H 197 10.84 -9.66 29.01
CA ASP H 197 9.50 -9.61 29.64
C ASP H 197 9.56 -10.35 31.00
N VAL H 198 10.23 -11.50 31.03
CA VAL H 198 10.34 -12.30 32.28
C VAL H 198 11.08 -11.44 33.32
N HIS H 199 12.21 -10.86 32.91
CA HIS H 199 13.06 -10.01 33.80
C HIS H 199 12.22 -8.89 34.40
N TYR H 200 11.48 -8.17 33.56
CA TYR H 200 10.63 -7.05 34.04
C TYR H 200 9.56 -7.56 35.01
N TYR H 201 8.93 -8.72 34.73
CA TYR H 201 7.84 -9.21 35.61
C TYR H 201 8.41 -9.62 36.99
N LEU H 202 9.54 -10.32 37.00
CA LEU H 202 10.16 -10.77 38.28
C LEU H 202 10.54 -9.55 39.12
N LYS H 203 11.17 -8.55 38.50
CA LYS H 203 11.61 -7.34 39.23
C LYS H 203 10.38 -6.59 39.73
N GLU H 204 9.36 -6.49 38.89
CA GLU H 204 8.12 -5.74 39.26
C GLU H 204 7.45 -6.32 40.50
N HIS H 205 7.42 -7.65 40.62
CA HIS H 205 6.68 -8.28 41.75
C HIS H 205 7.63 -8.78 42.85
N GLY H 206 8.90 -8.36 42.82
CA GLY H 206 9.88 -8.76 43.85
C GLY H 206 10.08 -10.27 43.91
N LEU H 207 9.97 -10.94 42.76
CA LEU H 207 10.13 -12.41 42.68
C LEU H 207 11.60 -12.75 42.42
N SER H 208 12.01 -13.96 42.80
CA SER H 208 13.43 -14.37 42.61
C SER H 208 13.57 -15.34 41.45
N TYR H 209 14.76 -15.34 40.87
CA TYR H 209 15.15 -16.37 39.88
C TYR H 209 15.57 -17.59 40.71
N HIS H 210 15.63 -18.77 40.10
CA HIS H 210 16.14 -19.98 40.80
C HIS H 210 17.48 -19.62 41.44
N PRO H 211 17.83 -20.15 42.64
CA PRO H 211 19.11 -19.83 43.27
C PRO H 211 20.36 -20.03 42.40
N LEU H 212 20.30 -21.00 41.48
CA LEU H 212 21.50 -21.28 40.64
C LEU H 212 21.67 -20.20 39.56
N TRP H 213 20.66 -19.35 39.33
CA TRP H 213 20.79 -18.25 38.34
C TRP H 213 22.00 -17.38 38.70
N GLU H 214 22.16 -17.06 39.99
CA GLU H 214 23.30 -16.22 40.46
C GLU H 214 24.62 -16.99 40.33
N GLN H 215 24.57 -18.30 40.04
CA GLN H 215 25.81 -19.11 39.90
C GLN H 215 26.08 -19.43 38.42
N GLY H 216 25.42 -18.73 37.49
CA GLY H 216 25.70 -18.92 36.06
C GLY H 216 24.91 -20.01 35.37
N TYR H 217 23.98 -20.70 36.05
CA TYR H 217 23.15 -21.73 35.37
C TYR H 217 22.09 -21.05 34.50
N LEU H 218 21.91 -21.52 33.26
CA LEU H 218 20.90 -20.98 32.33
C LEU H 218 19.70 -21.94 32.29
N SER H 219 19.91 -23.16 32.77
CA SER H 219 18.82 -24.16 32.84
C SER H 219 19.09 -25.10 34.01
N VAL H 220 18.04 -25.71 34.56
CA VAL H 220 18.19 -26.67 35.68
C VAL H 220 17.21 -27.82 35.44
N GLY H 221 17.68 -29.04 35.70
CA GLY H 221 16.85 -30.26 35.60
C GLY H 221 17.36 -31.27 36.61
N ASP H 222 17.65 -32.49 36.15
CA ASP H 222 18.20 -33.55 37.05
C ASP H 222 19.72 -33.34 37.17
N THR H 223 20.25 -33.56 38.37
CA THR H 223 21.71 -33.41 38.63
C THR H 223 22.55 -34.26 37.67
N HIS H 224 22.03 -35.43 37.27
CA HIS H 224 22.82 -36.37 36.42
C HIS H 224 22.76 -36.03 34.94
N THR H 225 21.93 -35.05 34.52
CA THR H 225 21.78 -34.81 33.05
C THR H 225 21.92 -33.34 32.66
N THR H 226 21.72 -32.40 33.60
CA THR H 226 21.77 -30.94 33.29
C THR H 226 23.15 -30.48 32.77
N GLN H 227 23.13 -29.59 31.78
CA GLN H 227 24.34 -28.95 31.18
C GLN H 227 24.25 -27.46 31.57
N LYS H 228 24.94 -27.11 32.66
CA LYS H 228 25.00 -25.76 33.26
C LYS H 228 24.97 -24.64 32.21
N TRP H 229 25.92 -24.69 31.25
CA TRP H 229 26.09 -23.62 30.24
C TRP H 229 25.08 -23.70 29.07
N GLU H 230 24.14 -24.65 29.10
CA GLU H 230 23.16 -24.79 27.98
C GLU H 230 21.74 -24.63 28.53
N GLU H 236 24.59 -20.71 11.76
CA GLU H 236 24.41 -19.56 10.83
C GLU H 236 23.36 -19.92 9.76
N GLU H 237 22.25 -20.53 10.19
CA GLU H 237 21.16 -20.94 9.27
C GLU H 237 20.49 -19.69 8.66
N THR H 238 20.62 -19.52 7.34
CA THR H 238 19.98 -18.38 6.62
C THR H 238 18.48 -18.67 6.53
N ARG H 239 17.65 -17.85 7.20
CA ARG H 239 16.18 -18.12 7.23
C ARG H 239 15.45 -17.06 6.38
N PHE H 240 16.15 -16.00 5.96
CA PHE H 240 15.50 -14.92 5.17
C PHE H 240 16.36 -14.53 3.96
N PHE H 241 15.68 -14.17 2.86
CA PHE H 241 16.34 -13.73 1.60
C PHE H 241 15.29 -13.08 0.69
#